data_1CBS
# 
_entry.id   1CBS 
# 
_audit_conform.dict_name       mmcif_pdbx.dic 
_audit_conform.dict_version    5.385 
_audit_conform.dict_location   http://mmcif.pdb.org/dictionaries/ascii/mmcif_pdbx.dic 
# 
loop_
_database_2.database_id 
_database_2.database_code 
_database_2.pdbx_database_accession 
_database_2.pdbx_DOI 
PDB   1CBS         pdb_00001cbs 10.2210/pdb1cbs/pdb 
WWPDB D_1000172215 ?            ?                   
# 
loop_
_pdbx_audit_revision_history.ordinal 
_pdbx_audit_revision_history.data_content_type 
_pdbx_audit_revision_history.major_revision 
_pdbx_audit_revision_history.minor_revision 
_pdbx_audit_revision_history.revision_date 
1 'Structure model' 1 0 1995-01-26 
2 'Structure model' 1 1 2008-03-24 
3 'Structure model' 1 2 2011-07-13 
4 'Structure model' 1 3 2024-02-07 
# 
_pdbx_audit_revision_details.ordinal             1 
_pdbx_audit_revision_details.revision_ordinal    1 
_pdbx_audit_revision_details.data_content_type   'Structure model' 
_pdbx_audit_revision_details.provider            repository 
_pdbx_audit_revision_details.type                'Initial release' 
_pdbx_audit_revision_details.description         ? 
_pdbx_audit_revision_details.details             ? 
# 
loop_
_pdbx_audit_revision_group.ordinal 
_pdbx_audit_revision_group.revision_ordinal 
_pdbx_audit_revision_group.data_content_type 
_pdbx_audit_revision_group.group 
1 2 'Structure model' 'Version format compliance' 
2 3 'Structure model' 'Version format compliance' 
3 4 'Structure model' 'Data collection'           
4 4 'Structure model' 'Database references'       
5 4 'Structure model' 'Derived calculations'      
6 4 'Structure model' Other                       
# 
loop_
_pdbx_audit_revision_category.ordinal 
_pdbx_audit_revision_category.revision_ordinal 
_pdbx_audit_revision_category.data_content_type 
_pdbx_audit_revision_category.category 
1 4 'Structure model' chem_comp_atom       
2 4 'Structure model' chem_comp_bond       
3 4 'Structure model' database_2           
4 4 'Structure model' pdbx_database_status 
5 4 'Structure model' struct_site          
# 
loop_
_pdbx_audit_revision_item.ordinal 
_pdbx_audit_revision_item.revision_ordinal 
_pdbx_audit_revision_item.data_content_type 
_pdbx_audit_revision_item.item 
1 4 'Structure model' '_database_2.pdbx_DOI'                
2 4 'Structure model' '_database_2.pdbx_database_accession' 
3 4 'Structure model' '_pdbx_database_status.process_site'  
4 4 'Structure model' '_struct_site.pdbx_auth_asym_id'      
5 4 'Structure model' '_struct_site.pdbx_auth_comp_id'      
6 4 'Structure model' '_struct_site.pdbx_auth_seq_id'       
# 
_pdbx_database_status.status_code                     REL 
_pdbx_database_status.entry_id                        1CBS 
_pdbx_database_status.recvd_initial_deposition_date   1994-09-28 
_pdbx_database_status.deposit_site                    ? 
_pdbx_database_status.process_site                    BNL 
_pdbx_database_status.status_code_sf                  REL 
_pdbx_database_status.status_code_mr                  ? 
_pdbx_database_status.SG_entry                        ? 
_pdbx_database_status.pdb_format_compatible           Y 
_pdbx_database_status.status_code_cs                  ? 
_pdbx_database_status.status_code_nmr_data            ? 
_pdbx_database_status.methods_development_category    ? 
# 
loop_
_audit_author.name 
_audit_author.pdbx_ordinal 
'Kleywegt, G.J.' 1 
'Bergfors, T.'   2 
'Jones, T.A.'    3 
# 
loop_
_citation.id 
_citation.title 
_citation.journal_abbrev 
_citation.journal_volume 
_citation.page_first 
_citation.page_last 
_citation.year 
_citation.journal_id_ASTM 
_citation.country 
_citation.journal_id_ISSN 
_citation.journal_id_CSD 
_citation.book_publisher 
_citation.pdbx_database_id_PubMed 
_citation.pdbx_database_id_DOI 
primary 
;Crystal structures of cellular retinoic acid binding proteins I and II in complex with all-trans-retinoic acid and a synthetic retinoid.
;
Structure                  2   1241 1258 1994 STRUE6 UK 0969-2126 2005 ? 7704533 '10.1016/S0969-2126(94)00125-1' 
1       'Lipid-Binding Proteins: A Family of Fatty Acid and Retinoid Transport Proteins' 'Adv.Protein Chem.'        45  89   ?    
1994 APCHA2 US 0065-3233 0433 ? ?       ?                               
2       'Crystallisation and Preliminary X-Ray Analysis of Recombinant Bovine Cellular Retinoic Acid-Binding Protein' 
'Acta Crystallogr.,Sect.D' 50  370  ?    1994 ABCRE6 DK 0907-4449 0766 ? ?       ?                               
3       
;Crystallographic Studies on a Family of Lipophilic Transport Proteins. Refinement of P2 Myelin Protein and the Structure Determination and Refinement of Cellular Retinol-Binding Protein in Complex with All-Trans-Retinol
;
J.Mol.Biol.                230 1225 ?    1993 JMOBAK UK 0022-2836 0070 ? ?       ?                               
4       'The Three-Dimensional Structure of P2 Myelin Protein' 'Embo J.'                  7   1597 ?    1988 EMJODG UK 0261-4189 
0897 ? ?       ?                               
# 
loop_
_citation_author.citation_id 
_citation_author.name 
_citation_author.ordinal 
_citation_author.identifier_ORCID 
primary 'Kleywegt, G.J.' 1  ? 
primary 'Bergfors, T.'   2  ? 
primary 'Senn, H.'       3  ? 
primary 'Le Motte, P.'   4  ? 
primary 'Gsell, B.'      5  ? 
primary 'Shudo, K.'      6  ? 
primary 'Jones, T.A.'    7  ? 
1       'Banaszak, L.'   8  ? 
1       'Winter, N.'     9  ? 
1       'Xu, Z.'         10 ? 
1       'Bernlohr, D.A.' 11 ? 
1       'Cowan, S.W.'    12 ? 
1       'Jones, T.A.'    13 ? 
2       'Bergfors, T.'   14 ? 
2       'Kleywegt, G.J.' 15 ? 
2       'Jones, T.A.'    16 ? 
3       'Cowan, S.W.'    17 ? 
3       'Newcomer, M.E.' 18 ? 
3       'Jones, T.A.'    19 ? 
4       'Jones, T.A.'    20 ? 
4       'Bergfors, T.'   21 ? 
4       'Sedzik, J.'     22 ? 
4       'Unge, T.'       23 ? 
# 
loop_
_entity.id 
_entity.type 
_entity.src_method 
_entity.pdbx_description 
_entity.formula_weight 
_entity.pdbx_number_of_molecules 
_entity.pdbx_ec 
_entity.pdbx_mutation 
_entity.pdbx_fragment 
_entity.details 
1 polymer     man 'CELLULAR RETINOIC ACID BINDING PROTEIN TYPE II' 15581.802 1   ? ? ? ? 
2 non-polymer syn 'RETINOIC ACID'                                  300.435   1   ? ? ? ? 
3 water       nat water                                            18.015    100 ? ? ? ? 
# 
_entity_poly.entity_id                      1 
_entity_poly.type                           'polypeptide(L)' 
_entity_poly.nstd_linkage                   no 
_entity_poly.nstd_monomer                   no 
_entity_poly.pdbx_seq_one_letter_code       
;PNFSGNWKIIRSENFEELLKVLGVNVMLRKIAVAAASKPAVEIKQEGDTFYIKTSTTVRTTEINFKVGEEFEEQTVDGRP
CKSLVKWESENKMVCEQKLLKGEGPKTSWTRELTNDGELILTMTADDVVCTRVYVRE
;
_entity_poly.pdbx_seq_one_letter_code_can   
;PNFSGNWKIIRSENFEELLKVLGVNVMLRKIAVAAASKPAVEIKQEGDTFYIKTSTTVRTTEINFKVGEEFEEQTVDGRP
CKSLVKWESENKMVCEQKLLKGEGPKTSWTRELTNDGELILTMTADDVVCTRVYVRE
;
_entity_poly.pdbx_strand_id                 A 
_entity_poly.pdbx_target_identifier         ? 
# 
loop_
_pdbx_entity_nonpoly.entity_id 
_pdbx_entity_nonpoly.name 
_pdbx_entity_nonpoly.comp_id 
2 'RETINOIC ACID' REA 
3 water           HOH 
# 
loop_
_entity_poly_seq.entity_id 
_entity_poly_seq.num 
_entity_poly_seq.mon_id 
_entity_poly_seq.hetero 
1 1   PRO n 
1 2   ASN n 
1 3   PHE n 
1 4   SER n 
1 5   GLY n 
1 6   ASN n 
1 7   TRP n 
1 8   LYS n 
1 9   ILE n 
1 10  ILE n 
1 11  ARG n 
1 12  SER n 
1 13  GLU n 
1 14  ASN n 
1 15  PHE n 
1 16  GLU n 
1 17  GLU n 
1 18  LEU n 
1 19  LEU n 
1 20  LYS n 
1 21  VAL n 
1 22  LEU n 
1 23  GLY n 
1 24  VAL n 
1 25  ASN n 
1 26  VAL n 
1 27  MET n 
1 28  LEU n 
1 29  ARG n 
1 30  LYS n 
1 31  ILE n 
1 32  ALA n 
1 33  VAL n 
1 34  ALA n 
1 35  ALA n 
1 36  ALA n 
1 37  SER n 
1 38  LYS n 
1 39  PRO n 
1 40  ALA n 
1 41  VAL n 
1 42  GLU n 
1 43  ILE n 
1 44  LYS n 
1 45  GLN n 
1 46  GLU n 
1 47  GLY n 
1 48  ASP n 
1 49  THR n 
1 50  PHE n 
1 51  TYR n 
1 52  ILE n 
1 53  LYS n 
1 54  THR n 
1 55  SER n 
1 56  THR n 
1 57  THR n 
1 58  VAL n 
1 59  ARG n 
1 60  THR n 
1 61  THR n 
1 62  GLU n 
1 63  ILE n 
1 64  ASN n 
1 65  PHE n 
1 66  LYS n 
1 67  VAL n 
1 68  GLY n 
1 69  GLU n 
1 70  GLU n 
1 71  PHE n 
1 72  GLU n 
1 73  GLU n 
1 74  GLN n 
1 75  THR n 
1 76  VAL n 
1 77  ASP n 
1 78  GLY n 
1 79  ARG n 
1 80  PRO n 
1 81  CYS n 
1 82  LYS n 
1 83  SER n 
1 84  LEU n 
1 85  VAL n 
1 86  LYS n 
1 87  TRP n 
1 88  GLU n 
1 89  SER n 
1 90  GLU n 
1 91  ASN n 
1 92  LYS n 
1 93  MET n 
1 94  VAL n 
1 95  CYS n 
1 96  GLU n 
1 97  GLN n 
1 98  LYS n 
1 99  LEU n 
1 100 LEU n 
1 101 LYS n 
1 102 GLY n 
1 103 GLU n 
1 104 GLY n 
1 105 PRO n 
1 106 LYS n 
1 107 THR n 
1 108 SER n 
1 109 TRP n 
1 110 THR n 
1 111 ARG n 
1 112 GLU n 
1 113 LEU n 
1 114 THR n 
1 115 ASN n 
1 116 ASP n 
1 117 GLY n 
1 118 GLU n 
1 119 LEU n 
1 120 ILE n 
1 121 LEU n 
1 122 THR n 
1 123 MET n 
1 124 THR n 
1 125 ALA n 
1 126 ASP n 
1 127 ASP n 
1 128 VAL n 
1 129 VAL n 
1 130 CYS n 
1 131 THR n 
1 132 ARG n 
1 133 VAL n 
1 134 TYR n 
1 135 VAL n 
1 136 ARG n 
1 137 GLU n 
# 
_entity_src_gen.entity_id                          1 
_entity_src_gen.pdbx_src_id                        1 
_entity_src_gen.pdbx_alt_source_flag               sample 
_entity_src_gen.pdbx_seq_type                      ? 
_entity_src_gen.pdbx_beg_seq_num                   ? 
_entity_src_gen.pdbx_end_seq_num                   ? 
_entity_src_gen.gene_src_common_name               human 
_entity_src_gen.gene_src_genus                     Homo 
_entity_src_gen.pdbx_gene_src_gene                 'HUMAN CRABP-II' 
_entity_src_gen.gene_src_species                   ? 
_entity_src_gen.gene_src_strain                    ? 
_entity_src_gen.gene_src_tissue                    ? 
_entity_src_gen.gene_src_tissue_fraction           ? 
_entity_src_gen.gene_src_details                   ? 
_entity_src_gen.pdbx_gene_src_fragment             ? 
_entity_src_gen.pdbx_gene_src_scientific_name      'Homo sapiens' 
_entity_src_gen.pdbx_gene_src_ncbi_taxonomy_id     9606 
_entity_src_gen.pdbx_gene_src_variant              ? 
_entity_src_gen.pdbx_gene_src_cell_line            BL21 
_entity_src_gen.pdbx_gene_src_atcc                 ? 
_entity_src_gen.pdbx_gene_src_organ                ? 
_entity_src_gen.pdbx_gene_src_organelle            ? 
_entity_src_gen.pdbx_gene_src_cell                 ? 
_entity_src_gen.pdbx_gene_src_cellular_location    ? 
_entity_src_gen.host_org_common_name               ? 
_entity_src_gen.pdbx_host_org_scientific_name      'Escherichia coli BL21(DE3)' 
_entity_src_gen.pdbx_host_org_ncbi_taxonomy_id     469008 
_entity_src_gen.host_org_genus                     Escherichia 
_entity_src_gen.pdbx_host_org_gene                 ? 
_entity_src_gen.pdbx_host_org_organ                ? 
_entity_src_gen.host_org_species                   'Escherichia coli' 
_entity_src_gen.pdbx_host_org_tissue               ? 
_entity_src_gen.pdbx_host_org_tissue_fraction      ? 
_entity_src_gen.pdbx_host_org_strain               'BL21 (DE3)' 
_entity_src_gen.pdbx_host_org_variant              ? 
_entity_src_gen.pdbx_host_org_cell_line            ? 
_entity_src_gen.pdbx_host_org_atcc                 ? 
_entity_src_gen.pdbx_host_org_culture_collection   ? 
_entity_src_gen.pdbx_host_org_cell                 ? 
_entity_src_gen.pdbx_host_org_organelle            ? 
_entity_src_gen.pdbx_host_org_cellular_location    ? 
_entity_src_gen.pdbx_host_org_vector_type          ? 
_entity_src_gen.pdbx_host_org_vector               ? 
_entity_src_gen.host_org_details                   ? 
_entity_src_gen.expression_system_id               ? 
_entity_src_gen.plasmid_name                       PET-3A 
_entity_src_gen.plasmid_details                    ? 
_entity_src_gen.pdbx_description                   ? 
# 
loop_
_chem_comp.id 
_chem_comp.type 
_chem_comp.mon_nstd_flag 
_chem_comp.name 
_chem_comp.pdbx_synonyms 
_chem_comp.formula 
_chem_comp.formula_weight 
ALA 'L-peptide linking' y ALANINE         ? 'C3 H7 N O2'     89.093  
ARG 'L-peptide linking' y ARGININE        ? 'C6 H15 N4 O2 1' 175.209 
ASN 'L-peptide linking' y ASPARAGINE      ? 'C4 H8 N2 O3'    132.118 
ASP 'L-peptide linking' y 'ASPARTIC ACID' ? 'C4 H7 N O4'     133.103 
CYS 'L-peptide linking' y CYSTEINE        ? 'C3 H7 N O2 S'   121.158 
GLN 'L-peptide linking' y GLUTAMINE       ? 'C5 H10 N2 O3'   146.144 
GLU 'L-peptide linking' y 'GLUTAMIC ACID' ? 'C5 H9 N O4'     147.129 
GLY 'peptide linking'   y GLYCINE         ? 'C2 H5 N O2'     75.067  
HOH non-polymer         . WATER           ? 'H2 O'           18.015  
ILE 'L-peptide linking' y ISOLEUCINE      ? 'C6 H13 N O2'    131.173 
LEU 'L-peptide linking' y LEUCINE         ? 'C6 H13 N O2'    131.173 
LYS 'L-peptide linking' y LYSINE          ? 'C6 H15 N2 O2 1' 147.195 
MET 'L-peptide linking' y METHIONINE      ? 'C5 H11 N O2 S'  149.211 
PHE 'L-peptide linking' y PHENYLALANINE   ? 'C9 H11 N O2'    165.189 
PRO 'L-peptide linking' y PROLINE         ? 'C5 H9 N O2'     115.130 
REA non-polymer         . 'RETINOIC ACID' ? 'C20 H28 O2'     300.435 
SER 'L-peptide linking' y SERINE          ? 'C3 H7 N O3'     105.093 
THR 'L-peptide linking' y THREONINE       ? 'C4 H9 N O3'     119.119 
TRP 'L-peptide linking' y TRYPTOPHAN      ? 'C11 H12 N2 O2'  204.225 
TYR 'L-peptide linking' y TYROSINE        ? 'C9 H11 N O3'    181.189 
VAL 'L-peptide linking' y VALINE          ? 'C5 H11 N O2'    117.146 
# 
loop_
_pdbx_poly_seq_scheme.asym_id 
_pdbx_poly_seq_scheme.entity_id 
_pdbx_poly_seq_scheme.seq_id 
_pdbx_poly_seq_scheme.mon_id 
_pdbx_poly_seq_scheme.ndb_seq_num 
_pdbx_poly_seq_scheme.pdb_seq_num 
_pdbx_poly_seq_scheme.auth_seq_num 
_pdbx_poly_seq_scheme.pdb_mon_id 
_pdbx_poly_seq_scheme.auth_mon_id 
_pdbx_poly_seq_scheme.pdb_strand_id 
_pdbx_poly_seq_scheme.pdb_ins_code 
_pdbx_poly_seq_scheme.hetero 
A 1 1   PRO 1   1   1   PRO PRO A . n 
A 1 2   ASN 2   2   2   ASN ASN A . n 
A 1 3   PHE 3   3   3   PHE PHE A . n 
A 1 4   SER 4   4   4   SER SER A . n 
A 1 5   GLY 5   5   5   GLY GLY A . n 
A 1 6   ASN 6   6   6   ASN ASN A . n 
A 1 7   TRP 7   7   7   TRP TRP A . n 
A 1 8   LYS 8   8   8   LYS LYS A . n 
A 1 9   ILE 9   9   9   ILE ILE A . n 
A 1 10  ILE 10  10  10  ILE ILE A . n 
A 1 11  ARG 11  11  11  ARG ARG A . n 
A 1 12  SER 12  12  12  SER SER A . n 
A 1 13  GLU 13  13  13  GLU GLU A . n 
A 1 14  ASN 14  14  14  ASN ASN A . n 
A 1 15  PHE 15  15  15  PHE PHE A . n 
A 1 16  GLU 16  16  16  GLU GLU A . n 
A 1 17  GLU 17  17  17  GLU GLU A . n 
A 1 18  LEU 18  18  18  LEU LEU A . n 
A 1 19  LEU 19  19  19  LEU LEU A . n 
A 1 20  LYS 20  20  20  LYS LYS A . n 
A 1 21  VAL 21  21  21  VAL VAL A . n 
A 1 22  LEU 22  22  22  LEU LEU A . n 
A 1 23  GLY 23  23  23  GLY GLY A . n 
A 1 24  VAL 24  24  24  VAL VAL A . n 
A 1 25  ASN 25  25  25  ASN ASN A . n 
A 1 26  VAL 26  26  26  VAL VAL A . n 
A 1 27  MET 27  27  27  MET MET A . n 
A 1 28  LEU 28  28  28  LEU LEU A . n 
A 1 29  ARG 29  29  29  ARG ARG A . n 
A 1 30  LYS 30  30  30  LYS LYS A . n 
A 1 31  ILE 31  31  31  ILE ILE A . n 
A 1 32  ALA 32  32  32  ALA ALA A . n 
A 1 33  VAL 33  33  33  VAL VAL A . n 
A 1 34  ALA 34  34  34  ALA ALA A . n 
A 1 35  ALA 35  35  35  ALA ALA A . n 
A 1 36  ALA 36  36  36  ALA ALA A . n 
A 1 37  SER 37  37  37  SER SER A . n 
A 1 38  LYS 38  38  38  LYS LYS A . n 
A 1 39  PRO 39  39  39  PRO PRO A . n 
A 1 40  ALA 40  40  40  ALA ALA A . n 
A 1 41  VAL 41  41  41  VAL VAL A . n 
A 1 42  GLU 42  42  42  GLU GLU A . n 
A 1 43  ILE 43  43  43  ILE ILE A . n 
A 1 44  LYS 44  44  44  LYS LYS A . n 
A 1 45  GLN 45  45  45  GLN GLN A . n 
A 1 46  GLU 46  46  46  GLU GLU A . n 
A 1 47  GLY 47  47  47  GLY GLY A . n 
A 1 48  ASP 48  48  48  ASP ASP A . n 
A 1 49  THR 49  49  49  THR THR A . n 
A 1 50  PHE 50  50  50  PHE PHE A . n 
A 1 51  TYR 51  51  51  TYR TYR A . n 
A 1 52  ILE 52  52  52  ILE ILE A . n 
A 1 53  LYS 53  53  53  LYS LYS A . n 
A 1 54  THR 54  54  54  THR THR A . n 
A 1 55  SER 55  55  55  SER SER A . n 
A 1 56  THR 56  56  56  THR THR A . n 
A 1 57  THR 57  57  57  THR THR A . n 
A 1 58  VAL 58  58  58  VAL VAL A . n 
A 1 59  ARG 59  59  59  ARG ARG A . n 
A 1 60  THR 60  60  60  THR THR A . n 
A 1 61  THR 61  61  61  THR THR A . n 
A 1 62  GLU 62  62  62  GLU GLU A . n 
A 1 63  ILE 63  63  63  ILE ILE A . n 
A 1 64  ASN 64  64  64  ASN ASN A . n 
A 1 65  PHE 65  65  65  PHE PHE A . n 
A 1 66  LYS 66  66  66  LYS LYS A . n 
A 1 67  VAL 67  67  67  VAL VAL A . n 
A 1 68  GLY 68  68  68  GLY GLY A . n 
A 1 69  GLU 69  69  69  GLU GLU A . n 
A 1 70  GLU 70  70  70  GLU GLU A . n 
A 1 71  PHE 71  71  71  PHE PHE A . n 
A 1 72  GLU 72  72  72  GLU GLU A . n 
A 1 73  GLU 73  73  73  GLU GLU A . n 
A 1 74  GLN 74  74  74  GLN GLN A . n 
A 1 75  THR 75  75  75  THR THR A . n 
A 1 76  VAL 76  76  76  VAL VAL A . n 
A 1 77  ASP 77  77  77  ASP ASP A . n 
A 1 78  GLY 78  78  78  GLY GLY A . n 
A 1 79  ARG 79  79  79  ARG ARG A . n 
A 1 80  PRO 80  80  80  PRO PRO A . n 
A 1 81  CYS 81  81  81  CYS CYS A . n 
A 1 82  LYS 82  82  82  LYS LYS A . n 
A 1 83  SER 83  83  83  SER SER A . n 
A 1 84  LEU 84  84  84  LEU LEU A . n 
A 1 85  VAL 85  85  85  VAL VAL A . n 
A 1 86  LYS 86  86  86  LYS LYS A . n 
A 1 87  TRP 87  87  87  TRP TRP A . n 
A 1 88  GLU 88  88  88  GLU GLU A . n 
A 1 89  SER 89  89  89  SER SER A . n 
A 1 90  GLU 90  90  90  GLU GLU A . n 
A 1 91  ASN 91  91  91  ASN ASN A . n 
A 1 92  LYS 92  92  92  LYS LYS A . n 
A 1 93  MET 93  93  93  MET MET A . n 
A 1 94  VAL 94  94  94  VAL VAL A . n 
A 1 95  CYS 95  95  95  CYS CYS A . n 
A 1 96  GLU 96  96  96  GLU GLU A . n 
A 1 97  GLN 97  97  97  GLN GLN A . n 
A 1 98  LYS 98  98  98  LYS LYS A . n 
A 1 99  LEU 99  99  99  LEU LEU A . n 
A 1 100 LEU 100 100 100 LEU LEU A . n 
A 1 101 LYS 101 101 101 LYS LYS A . n 
A 1 102 GLY 102 102 102 GLY GLY A . n 
A 1 103 GLU 103 103 103 GLU GLU A . n 
A 1 104 GLY 104 104 104 GLY GLY A . n 
A 1 105 PRO 105 105 105 PRO PRO A . n 
A 1 106 LYS 106 106 106 LYS LYS A . n 
A 1 107 THR 107 107 107 THR THR A . n 
A 1 108 SER 108 108 108 SER SER A . n 
A 1 109 TRP 109 109 109 TRP TRP A . n 
A 1 110 THR 110 110 110 THR THR A . n 
A 1 111 ARG 111 111 111 ARG ARG A . n 
A 1 112 GLU 112 112 112 GLU GLU A . n 
A 1 113 LEU 113 113 113 LEU LEU A . n 
A 1 114 THR 114 114 114 THR THR A . n 
A 1 115 ASN 115 115 115 ASN ASN A . n 
A 1 116 ASP 116 116 116 ASP ASP A . n 
A 1 117 GLY 117 117 117 GLY GLY A . n 
A 1 118 GLU 118 118 118 GLU GLU A . n 
A 1 119 LEU 119 119 119 LEU LEU A . n 
A 1 120 ILE 120 120 120 ILE ILE A . n 
A 1 121 LEU 121 121 121 LEU LEU A . n 
A 1 122 THR 122 122 122 THR THR A . n 
A 1 123 MET 123 123 123 MET MET A . n 
A 1 124 THR 124 124 124 THR THR A . n 
A 1 125 ALA 125 125 125 ALA ALA A . n 
A 1 126 ASP 126 126 126 ASP ASP A . n 
A 1 127 ASP 127 127 127 ASP ASP A . n 
A 1 128 VAL 128 128 128 VAL VAL A . n 
A 1 129 VAL 129 129 129 VAL VAL A . n 
A 1 130 CYS 130 130 130 CYS CYS A . n 
A 1 131 THR 131 131 131 THR THR A . n 
A 1 132 ARG 132 132 132 ARG ARG A . n 
A 1 133 VAL 133 133 133 VAL VAL A . n 
A 1 134 TYR 134 134 134 TYR TYR A . n 
A 1 135 VAL 135 135 135 VAL VAL A . n 
A 1 136 ARG 136 136 136 ARG ARG A . n 
A 1 137 GLU 137 137 137 GLU GLU A . n 
# 
loop_
_pdbx_nonpoly_scheme.asym_id 
_pdbx_nonpoly_scheme.entity_id 
_pdbx_nonpoly_scheme.mon_id 
_pdbx_nonpoly_scheme.ndb_seq_num 
_pdbx_nonpoly_scheme.pdb_seq_num 
_pdbx_nonpoly_scheme.auth_seq_num 
_pdbx_nonpoly_scheme.pdb_mon_id 
_pdbx_nonpoly_scheme.auth_mon_id 
_pdbx_nonpoly_scheme.pdb_strand_id 
_pdbx_nonpoly_scheme.pdb_ins_code 
B 2 REA 1   200 200 REA REA A . 
C 3 HOH 1   300 300 HOH HOH A . 
C 3 HOH 2   301 301 HOH HOH A . 
C 3 HOH 3   302 302 HOH HOH A . 
C 3 HOH 4   303 303 HOH HOH A . 
C 3 HOH 5   304 304 HOH HOH A . 
C 3 HOH 6   305 305 HOH HOH A . 
C 3 HOH 7   306 306 HOH HOH A . 
C 3 HOH 8   307 307 HOH HOH A . 
C 3 HOH 9   308 308 HOH HOH A . 
C 3 HOH 10  309 309 HOH HOH A . 
C 3 HOH 11  310 310 HOH HOH A . 
C 3 HOH 12  311 311 HOH HOH A . 
C 3 HOH 13  312 312 HOH HOH A . 
C 3 HOH 14  313 313 HOH HOH A . 
C 3 HOH 15  314 314 HOH HOH A . 
C 3 HOH 16  315 315 HOH HOH A . 
C 3 HOH 17  316 316 HOH HOH A . 
C 3 HOH 18  317 317 HOH HOH A . 
C 3 HOH 19  318 318 HOH HOH A . 
C 3 HOH 20  319 319 HOH HOH A . 
C 3 HOH 21  320 320 HOH HOH A . 
C 3 HOH 22  321 321 HOH HOH A . 
C 3 HOH 23  322 322 HOH HOH A . 
C 3 HOH 24  323 323 HOH HOH A . 
C 3 HOH 25  324 324 HOH HOH A . 
C 3 HOH 26  325 325 HOH HOH A . 
C 3 HOH 27  326 326 HOH HOH A . 
C 3 HOH 28  327 327 HOH HOH A . 
C 3 HOH 29  328 328 HOH HOH A . 
C 3 HOH 30  329 329 HOH HOH A . 
C 3 HOH 31  330 330 HOH HOH A . 
C 3 HOH 32  331 331 HOH HOH A . 
C 3 HOH 33  332 332 HOH HOH A . 
C 3 HOH 34  333 333 HOH HOH A . 
C 3 HOH 35  334 334 HOH HOH A . 
C 3 HOH 36  335 335 HOH HOH A . 
C 3 HOH 37  336 336 HOH HOH A . 
C 3 HOH 38  337 337 HOH HOH A . 
C 3 HOH 39  338 338 HOH HOH A . 
C 3 HOH 40  339 339 HOH HOH A . 
C 3 HOH 41  340 340 HOH HOH A . 
C 3 HOH 42  341 341 HOH HOH A . 
C 3 HOH 43  342 342 HOH HOH A . 
C 3 HOH 44  343 343 HOH HOH A . 
C 3 HOH 45  344 344 HOH HOH A . 
C 3 HOH 46  345 345 HOH HOH A . 
C 3 HOH 47  346 346 HOH HOH A . 
C 3 HOH 48  347 347 HOH HOH A . 
C 3 HOH 49  348 348 HOH HOH A . 
C 3 HOH 50  349 349 HOH HOH A . 
C 3 HOH 51  350 350 HOH HOH A . 
C 3 HOH 52  351 351 HOH HOH A . 
C 3 HOH 53  352 352 HOH HOH A . 
C 3 HOH 54  353 353 HOH HOH A . 
C 3 HOH 55  354 354 HOH HOH A . 
C 3 HOH 56  355 355 HOH HOH A . 
C 3 HOH 57  356 356 HOH HOH A . 
C 3 HOH 58  357 357 HOH HOH A . 
C 3 HOH 59  358 358 HOH HOH A . 
C 3 HOH 60  359 359 HOH HOH A . 
C 3 HOH 61  360 360 HOH HOH A . 
C 3 HOH 62  361 361 HOH HOH A . 
C 3 HOH 63  362 362 HOH HOH A . 
C 3 HOH 64  363 363 HOH HOH A . 
C 3 HOH 65  364 364 HOH HOH A . 
C 3 HOH 66  365 365 HOH HOH A . 
C 3 HOH 67  366 366 HOH HOH A . 
C 3 HOH 68  367 367 HOH HOH A . 
C 3 HOH 69  368 368 HOH HOH A . 
C 3 HOH 70  369 369 HOH HOH A . 
C 3 HOH 71  370 370 HOH HOH A . 
C 3 HOH 72  371 371 HOH HOH A . 
C 3 HOH 73  372 372 HOH HOH A . 
C 3 HOH 74  373 373 HOH HOH A . 
C 3 HOH 75  374 374 HOH HOH A . 
C 3 HOH 76  375 375 HOH HOH A . 
C 3 HOH 77  376 376 HOH HOH A . 
C 3 HOH 78  377 377 HOH HOH A . 
C 3 HOH 79  378 378 HOH HOH A . 
C 3 HOH 80  379 379 HOH HOH A . 
C 3 HOH 81  380 380 HOH HOH A . 
C 3 HOH 82  381 381 HOH HOH A . 
C 3 HOH 83  382 382 HOH HOH A . 
C 3 HOH 84  383 383 HOH HOH A . 
C 3 HOH 85  384 384 HOH HOH A . 
C 3 HOH 86  385 385 HOH HOH A . 
C 3 HOH 87  386 386 HOH HOH A . 
C 3 HOH 88  387 387 HOH HOH A . 
C 3 HOH 89  388 388 HOH HOH A . 
C 3 HOH 90  389 389 HOH HOH A . 
C 3 HOH 91  390 390 HOH HOH A . 
C 3 HOH 92  391 391 HOH HOH A . 
C 3 HOH 93  392 392 HOH HOH A . 
C 3 HOH 94  393 393 HOH HOH A . 
C 3 HOH 95  394 394 HOH HOH A . 
C 3 HOH 96  395 395 HOH HOH A . 
C 3 HOH 97  396 396 HOH HOH A . 
C 3 HOH 98  397 397 HOH HOH A . 
C 3 HOH 99  398 398 HOH HOH A . 
C 3 HOH 100 399 399 HOH HOH A . 
# 
loop_
_software.name 
_software.classification 
_software.version 
_software.citation_id 
_software.pdbx_ordinal 
X-PLOR 'model building' . ? 1 
X-PLOR refinement       . ? 2 
X-PLOR phasing          . ? 3 
# 
_cell.entry_id           1CBS 
_cell.length_a           45.650 
_cell.length_b           47.560 
_cell.length_c           77.610 
_cell.angle_alpha        90.00 
_cell.angle_beta         90.00 
_cell.angle_gamma        90.00 
_cell.Z_PDB              4 
_cell.pdbx_unique_axis   ? 
# 
_symmetry.entry_id                         1CBS 
_symmetry.space_group_name_H-M             'P 21 21 21' 
_symmetry.pdbx_full_space_group_name_H-M   ? 
_symmetry.cell_setting                     ? 
_symmetry.Int_Tables_number                19 
# 
_exptl.entry_id          1CBS 
_exptl.method            'X-RAY DIFFRACTION' 
_exptl.crystals_number   ? 
# 
_exptl_crystal.id                    1 
_exptl_crystal.density_meas          ? 
_exptl_crystal.density_Matthews      2.70 
_exptl_crystal.density_percent_sol   54.49 
_exptl_crystal.description           ? 
# 
_diffrn.id                     1 
_diffrn.ambient_temp           ? 
_diffrn.ambient_temp_details   ? 
_diffrn.crystal_id             1 
# 
_diffrn_radiation.diffrn_id                        1 
_diffrn_radiation.wavelength_id                    1 
_diffrn_radiation.pdbx_monochromatic_or_laue_m_l   ? 
_diffrn_radiation.monochromator                    ? 
_diffrn_radiation.pdbx_diffrn_protocol             ? 
_diffrn_radiation.pdbx_scattering_type             x-ray 
# 
_diffrn_radiation_wavelength.id           1 
_diffrn_radiation_wavelength.wavelength   . 
_diffrn_radiation_wavelength.wt           1.0 
# 
_reflns.entry_id                     1CBS 
_reflns.observed_criterion_sigma_I   3. 
_reflns.observed_criterion_sigma_F   ? 
_reflns.d_resolution_low             ? 
_reflns.d_resolution_high            ? 
_reflns.number_obs                   14678 
_reflns.number_all                   ? 
_reflns.percent_possible_obs         90.3 
_reflns.pdbx_Rmerge_I_obs            ? 
_reflns.pdbx_Rsym_value              ? 
_reflns.pdbx_netI_over_sigmaI        ? 
_reflns.B_iso_Wilson_estimate        ? 
_reflns.pdbx_redundancy              ? 
_reflns.pdbx_diffrn_id               1 
_reflns.pdbx_ordinal                 1 
# 
_refine.entry_id                                 1CBS 
_refine.ls_number_reflns_obs                     14312 
_refine.ls_number_reflns_all                     ? 
_refine.pdbx_ls_sigma_I                          ? 
_refine.pdbx_ls_sigma_F                          2. 
_refine.pdbx_data_cutoff_high_absF               ? 
_refine.pdbx_data_cutoff_low_absF                ? 
_refine.pdbx_data_cutoff_high_rms_absF           ? 
_refine.ls_d_res_low                             8.0 
_refine.ls_d_res_high                            1.8 
_refine.ls_percent_reflns_obs                    90.3 
_refine.ls_R_factor_obs                          0.2000000 
_refine.ls_R_factor_all                          ? 
_refine.ls_R_factor_R_work                       0.2000000 
_refine.ls_R_factor_R_free                       0.2370000 
_refine.ls_R_factor_R_free_error                 ? 
_refine.ls_R_factor_R_free_error_details         ? 
_refine.ls_percent_reflns_R_free                 ? 
_refine.ls_number_reflns_R_free                  ? 
_refine.ls_number_parameters                     ? 
_refine.ls_number_restraints                     ? 
_refine.occupancy_min                            ? 
_refine.occupancy_max                            ? 
_refine.B_iso_mean                               16.6 
_refine.aniso_B[1][1]                            ? 
_refine.aniso_B[2][2]                            ? 
_refine.aniso_B[3][3]                            ? 
_refine.aniso_B[1][2]                            ? 
_refine.aniso_B[1][3]                            ? 
_refine.aniso_B[2][3]                            ? 
_refine.solvent_model_details                    ? 
_refine.solvent_model_param_ksol                 ? 
_refine.solvent_model_param_bsol                 ? 
_refine.pdbx_ls_cross_valid_method               ? 
_refine.details                                  ? 
_refine.pdbx_starting_model                      ? 
_refine.pdbx_method_to_determine_struct          ? 
_refine.pdbx_isotropic_thermal_model             ? 
_refine.pdbx_stereochemistry_target_values       ? 
_refine.pdbx_stereochem_target_val_spec_case     ? 
_refine.pdbx_R_Free_selection_details            ? 
_refine.pdbx_overall_ESU_R                       ? 
_refine.pdbx_overall_ESU_R_Free                  ? 
_refine.overall_SU_ML                            ? 
_refine.overall_SU_B                             ? 
_refine.pdbx_refine_id                           'X-RAY DIFFRACTION' 
_refine.pdbx_diffrn_id                           1 
_refine.pdbx_TLS_residual_ADP_flag               ? 
_refine.correlation_coeff_Fo_to_Fc               ? 
_refine.correlation_coeff_Fo_to_Fc_free          ? 
_refine.pdbx_solvent_vdw_probe_radii             ? 
_refine.pdbx_solvent_ion_probe_radii             ? 
_refine.pdbx_solvent_shrinkage_radii             ? 
_refine.pdbx_overall_phase_error                 ? 
_refine.overall_SU_R_Cruickshank_DPI             ? 
_refine.pdbx_overall_SU_R_free_Cruickshank_DPI   ? 
_refine.pdbx_overall_SU_R_Blow_DPI               ? 
_refine.pdbx_overall_SU_R_free_Blow_DPI          ? 
# 
_refine_analyze.entry_id                        1CBS 
_refine_analyze.Luzzati_coordinate_error_obs    0.2 
_refine_analyze.Luzzati_sigma_a_obs             ? 
_refine_analyze.Luzzati_d_res_low_obs           ? 
_refine_analyze.Luzzati_coordinate_error_free   ? 
_refine_analyze.Luzzati_sigma_a_free            ? 
_refine_analyze.Luzzati_d_res_low_free          ? 
_refine_analyze.number_disordered_residues      ? 
_refine_analyze.occupancy_sum_hydrogen          ? 
_refine_analyze.occupancy_sum_non_hydrogen      ? 
_refine_analyze.pdbx_refine_id                  'X-RAY DIFFRACTION' 
# 
_refine_hist.pdbx_refine_id                   'X-RAY DIFFRACTION' 
_refine_hist.cycle_id                         LAST 
_refine_hist.pdbx_number_atoms_protein        1091 
_refine_hist.pdbx_number_atoms_nucleic_acid   0 
_refine_hist.pdbx_number_atoms_ligand         22 
_refine_hist.number_atoms_solvent             100 
_refine_hist.number_atoms_total               1213 
_refine_hist.d_res_high                       1.8 
_refine_hist.d_res_low                        8.0 
# 
loop_
_refine_ls_restr.type 
_refine_ls_restr.dev_ideal 
_refine_ls_restr.dev_ideal_target 
_refine_ls_restr.weight 
_refine_ls_restr.number 
_refine_ls_restr.pdbx_refine_id 
_refine_ls_restr.pdbx_restraint_function 
x_bond_d                0.010 ? ? ? 'X-RAY DIFFRACTION' ? 
x_bond_d_na             ?     ? ? ? 'X-RAY DIFFRACTION' ? 
x_bond_d_prot           ?     ? ? ? 'X-RAY DIFFRACTION' ? 
x_angle_d               ?     ? ? ? 'X-RAY DIFFRACTION' ? 
x_angle_d_na            ?     ? ? ? 'X-RAY DIFFRACTION' ? 
x_angle_d_prot          ?     ? ? ? 'X-RAY DIFFRACTION' ? 
x_angle_deg             1.51  ? ? ? 'X-RAY DIFFRACTION' ? 
x_angle_deg_na          ?     ? ? ? 'X-RAY DIFFRACTION' ? 
x_angle_deg_prot        ?     ? ? ? 'X-RAY DIFFRACTION' ? 
x_dihedral_angle_d      27.4  ? ? ? 'X-RAY DIFFRACTION' ? 
x_dihedral_angle_d_na   ?     ? ? ? 'X-RAY DIFFRACTION' ? 
x_dihedral_angle_d_prot ?     ? ? ? 'X-RAY DIFFRACTION' ? 
x_improper_angle_d      1.32  ? ? ? 'X-RAY DIFFRACTION' ? 
x_improper_angle_d_na   ?     ? ? ? 'X-RAY DIFFRACTION' ? 
x_improper_angle_d_prot ?     ? ? ? 'X-RAY DIFFRACTION' ? 
x_mcbond_it             ?     ? ? ? 'X-RAY DIFFRACTION' ? 
x_mcangle_it            ?     ? ? ? 'X-RAY DIFFRACTION' ? 
x_scbond_it             ?     ? ? ? 'X-RAY DIFFRACTION' ? 
x_scangle_it            ?     ? ? ? 'X-RAY DIFFRACTION' ? 
# 
_struct.entry_id                  1CBS 
_struct.title                     
;CRYSTAL STRUCTURE OF CELLULAR RETINOIC-ACID-BINDING PROTEINS I AND II IN COMPLEX WITH ALL-TRANS-RETINOIC ACID AND A SYNTHETIC RETINOID
;
_struct.pdbx_model_details        ? 
_struct.pdbx_CASP_flag            ? 
_struct.pdbx_model_type_details   ? 
# 
_struct_keywords.entry_id        1CBS 
_struct_keywords.pdbx_keywords   'RETINOIC-ACID TRANSPORT' 
_struct_keywords.text            'RETINOIC-ACID TRANSPORT' 
# 
loop_
_struct_asym.id 
_struct_asym.pdbx_blank_PDB_chainid_flag 
_struct_asym.pdbx_modified 
_struct_asym.entity_id 
_struct_asym.details 
A N N 1 ? 
B N N 2 ? 
C N N 3 ? 
# 
_struct_ref.id                         1 
_struct_ref.db_name                    UNP 
_struct_ref.db_code                    RABP2_HUMAN 
_struct_ref.entity_id                  1 
_struct_ref.pdbx_db_accession          P29373 
_struct_ref.pdbx_align_begin           1 
_struct_ref.pdbx_seq_one_letter_code   
;PNFSGNWKIIRSENFEELLKVLGVNVMLRKIAVAAASKPAVEIKQEGDTFYIKTSTTVRTTEINFKVGEEFEEQTVDGRP
CKSLVKWESENKMVCEQKLLKGEGPKTSWTRELTNDGELILTMTADDVVCTRVYVRE
;
_struct_ref.pdbx_db_isoform            ? 
# 
_struct_ref_seq.align_id                      1 
_struct_ref_seq.ref_id                        1 
_struct_ref_seq.pdbx_PDB_id_code              1CBS 
_struct_ref_seq.pdbx_strand_id                A 
_struct_ref_seq.seq_align_beg                 1 
_struct_ref_seq.pdbx_seq_align_beg_ins_code   ? 
_struct_ref_seq.seq_align_end                 137 
_struct_ref_seq.pdbx_seq_align_end_ins_code   ? 
_struct_ref_seq.pdbx_db_accession             P29373 
_struct_ref_seq.db_align_beg                  1 
_struct_ref_seq.pdbx_db_align_beg_ins_code    ? 
_struct_ref_seq.db_align_end                  137 
_struct_ref_seq.pdbx_db_align_end_ins_code    ? 
_struct_ref_seq.pdbx_auth_seq_align_beg       1 
_struct_ref_seq.pdbx_auth_seq_align_end       137 
# 
_pdbx_struct_assembly.id                   1 
_pdbx_struct_assembly.details              author_defined_assembly 
_pdbx_struct_assembly.method_details       ? 
_pdbx_struct_assembly.oligomeric_details   monomeric 
_pdbx_struct_assembly.oligomeric_count     1 
# 
_pdbx_struct_assembly_gen.assembly_id       1 
_pdbx_struct_assembly_gen.oper_expression   1 
_pdbx_struct_assembly_gen.asym_id_list      A,B,C 
# 
_pdbx_struct_oper_list.id                   1 
_pdbx_struct_oper_list.type                 'identity operation' 
_pdbx_struct_oper_list.name                 1_555 
_pdbx_struct_oper_list.symmetry_operation   x,y,z 
_pdbx_struct_oper_list.matrix[1][1]         1.0000000000 
_pdbx_struct_oper_list.matrix[1][2]         0.0000000000 
_pdbx_struct_oper_list.matrix[1][3]         0.0000000000 
_pdbx_struct_oper_list.vector[1]            0.0000000000 
_pdbx_struct_oper_list.matrix[2][1]         0.0000000000 
_pdbx_struct_oper_list.matrix[2][2]         1.0000000000 
_pdbx_struct_oper_list.matrix[2][3]         0.0000000000 
_pdbx_struct_oper_list.vector[2]            0.0000000000 
_pdbx_struct_oper_list.matrix[3][1]         0.0000000000 
_pdbx_struct_oper_list.matrix[3][2]         0.0000000000 
_pdbx_struct_oper_list.matrix[3][3]         1.0000000000 
_pdbx_struct_oper_list.vector[3]            0.0000000000 
# 
_struct_biol.id   1 
# 
loop_
_struct_conf.conf_type_id 
_struct_conf.id 
_struct_conf.pdbx_PDB_helix_id 
_struct_conf.beg_label_comp_id 
_struct_conf.beg_label_asym_id 
_struct_conf.beg_label_seq_id 
_struct_conf.pdbx_beg_PDB_ins_code 
_struct_conf.end_label_comp_id 
_struct_conf.end_label_asym_id 
_struct_conf.end_label_seq_id 
_struct_conf.pdbx_end_PDB_ins_code 
_struct_conf.beg_auth_comp_id 
_struct_conf.beg_auth_asym_id 
_struct_conf.beg_auth_seq_id 
_struct_conf.end_auth_comp_id 
_struct_conf.end_auth_asym_id 
_struct_conf.end_auth_seq_id 
_struct_conf.pdbx_PDB_helix_class 
_struct_conf.details 
_struct_conf.pdbx_PDB_helix_length 
HELX_P HELX_P1 1 ASN A 14 ? LEU A 22 ? ASN A 14 LEU A 22 1 ? 9  
HELX_P HELX_P2 2 ASN A 25 ? SER A 37 ? ASN A 25 SER A 37 1 ? 13 
# 
_struct_conf_type.id          HELX_P 
_struct_conf_type.criteria    ? 
_struct_conf_type.reference   ? 
# 
_struct_sheet.id               A 
_struct_sheet.type             ? 
_struct_sheet.number_strands   10 
_struct_sheet.details          ? 
# 
loop_
_struct_sheet_order.sheet_id 
_struct_sheet_order.range_id_1 
_struct_sheet_order.range_id_2 
_struct_sheet_order.offset 
_struct_sheet_order.sense 
A 1 2  ? anti-parallel 
A 2 3  ? anti-parallel 
A 3 4  ? anti-parallel 
A 4 5  ? anti-parallel 
A 5 6  ? anti-parallel 
A 6 7  ? anti-parallel 
A 7 8  ? anti-parallel 
A 8 9  ? anti-parallel 
A 9 10 ? anti-parallel 
# 
loop_
_struct_sheet_range.sheet_id 
_struct_sheet_range.id 
_struct_sheet_range.beg_label_comp_id 
_struct_sheet_range.beg_label_asym_id 
_struct_sheet_range.beg_label_seq_id 
_struct_sheet_range.pdbx_beg_PDB_ins_code 
_struct_sheet_range.end_label_comp_id 
_struct_sheet_range.end_label_asym_id 
_struct_sheet_range.end_label_seq_id 
_struct_sheet_range.pdbx_end_PDB_ins_code 
_struct_sheet_range.beg_auth_comp_id 
_struct_sheet_range.beg_auth_asym_id 
_struct_sheet_range.beg_auth_seq_id 
_struct_sheet_range.end_auth_comp_id 
_struct_sheet_range.end_auth_asym_id 
_struct_sheet_range.end_auth_seq_id 
A 1  THR A 60  ? LYS A 66  ? THR A 60  LYS A 66  
A 2  THR A 49  ? SER A 55  ? THR A 49  SER A 55  
A 3  ALA A 40  ? GLU A 46  ? ALA A 40  GLU A 46  
A 4  GLY A 5   ? GLU A 13  ? GLY A 5   GLU A 13  
A 5  VAL A 128 ? ARG A 136 ? VAL A 128 ARG A 136 
A 6  LEU A 119 ? ALA A 125 ? LEU A 119 ALA A 125 
A 7  THR A 107 ? LEU A 113 ? THR A 107 LEU A 113 
A 8  LYS A 92  ? LEU A 99  ? LYS A 92  LEU A 99  
A 9  PRO A 80  ? SER A 89  ? PRO A 80  SER A 89  
A 10 PHE A 71  ? GLN A 74  ? PHE A 71  GLN A 74  
# 
loop_
_pdbx_struct_sheet_hbond.sheet_id 
_pdbx_struct_sheet_hbond.range_id_1 
_pdbx_struct_sheet_hbond.range_id_2 
_pdbx_struct_sheet_hbond.range_1_label_atom_id 
_pdbx_struct_sheet_hbond.range_1_label_comp_id 
_pdbx_struct_sheet_hbond.range_1_label_asym_id 
_pdbx_struct_sheet_hbond.range_1_label_seq_id 
_pdbx_struct_sheet_hbond.range_1_PDB_ins_code 
_pdbx_struct_sheet_hbond.range_1_auth_atom_id 
_pdbx_struct_sheet_hbond.range_1_auth_comp_id 
_pdbx_struct_sheet_hbond.range_1_auth_asym_id 
_pdbx_struct_sheet_hbond.range_1_auth_seq_id 
_pdbx_struct_sheet_hbond.range_2_label_atom_id 
_pdbx_struct_sheet_hbond.range_2_label_comp_id 
_pdbx_struct_sheet_hbond.range_2_label_asym_id 
_pdbx_struct_sheet_hbond.range_2_label_seq_id 
_pdbx_struct_sheet_hbond.range_2_PDB_ins_code 
_pdbx_struct_sheet_hbond.range_2_auth_atom_id 
_pdbx_struct_sheet_hbond.range_2_auth_comp_id 
_pdbx_struct_sheet_hbond.range_2_auth_asym_id 
_pdbx_struct_sheet_hbond.range_2_auth_seq_id 
A 1 2  O PHE A 65  ? O PHE A 65  N PHE A 50  ? N PHE A 50  
A 2 3  N SER A 55  ? N SER A 55  O ALA A 40  ? O ALA A 40  
A 3 4  N ILE A 43  ? N ILE A 43  O GLY A 5   ? O GLY A 5   
A 4 5  N GLU A 13  ? N GLU A 13  O THR A 131 ? O THR A 131 
A 5 6  N TYR A 134 ? N TYR A 134 O LEU A 119 ? O LEU A 119 
A 6 7  N THR A 124 ? N THR A 124 O SER A 108 ? O SER A 108 
A 7 8  O ARG A 111 ? O ARG A 111 N MET A 93  ? N MET A 93  
A 8 9  O LYS A 98  ? O LYS A 98  N LYS A 82  ? N LYS A 82  
A 9 10 N SER A 83  ? N SER A 83  O PHE A 71  ? O PHE A 71  
# 
_struct_site.id                   AC1 
_struct_site.pdbx_evidence_code   Software 
_struct_site.pdbx_auth_asym_id    A 
_struct_site.pdbx_auth_comp_id    REA 
_struct_site.pdbx_auth_seq_id     200 
_struct_site.pdbx_auth_ins_code   ? 
_struct_site.pdbx_num_residues    10 
_struct_site.details              'BINDING SITE FOR RESIDUE REA A 200' 
# 
loop_
_struct_site_gen.id 
_struct_site_gen.site_id 
_struct_site_gen.pdbx_num_res 
_struct_site_gen.label_comp_id 
_struct_site_gen.label_asym_id 
_struct_site_gen.label_seq_id 
_struct_site_gen.pdbx_auth_ins_code 
_struct_site_gen.auth_comp_id 
_struct_site_gen.auth_asym_id 
_struct_site_gen.auth_seq_id 
_struct_site_gen.label_atom_id 
_struct_site_gen.label_alt_id 
_struct_site_gen.symmetry 
_struct_site_gen.details 
1  AC1 10 GLU A 13  ? GLU A 13  . ? 3_655 ? 
2  AC1 10 ALA A 32  ? ALA A 32  . ? 1_555 ? 
3  AC1 10 THR A 54  ? THR A 54  . ? 1_555 ? 
4  AC1 10 VAL A 58  ? VAL A 58  . ? 1_555 ? 
5  AC1 10 VAL A 76  ? VAL A 76  . ? 1_555 ? 
6  AC1 10 LEU A 121 ? LEU A 121 . ? 1_555 ? 
7  AC1 10 ARG A 132 ? ARG A 132 . ? 1_555 ? 
8  AC1 10 TYR A 134 ? TYR A 134 . ? 1_555 ? 
9  AC1 10 HOH C .   ? HOH A 309 . ? 1_555 ? 
10 AC1 10 HOH C .   ? HOH A 343 . ? 1_555 ? 
# 
loop_
_pdbx_validate_torsion.id 
_pdbx_validate_torsion.PDB_model_num 
_pdbx_validate_torsion.auth_comp_id 
_pdbx_validate_torsion.auth_asym_id 
_pdbx_validate_torsion.auth_seq_id 
_pdbx_validate_torsion.PDB_ins_code 
_pdbx_validate_torsion.label_alt_id 
_pdbx_validate_torsion.phi 
_pdbx_validate_torsion.psi 
1 1 GLU A 73  ? ? -144.94 -154.28 
2 1 ASP A 126 ? ? 55.69   -115.96 
# 
loop_
_chem_comp_atom.comp_id 
_chem_comp_atom.atom_id 
_chem_comp_atom.type_symbol 
_chem_comp_atom.pdbx_aromatic_flag 
_chem_comp_atom.pdbx_stereo_config 
_chem_comp_atom.pdbx_ordinal 
ALA N    N N N 1   
ALA CA   C N S 2   
ALA C    C N N 3   
ALA O    O N N 4   
ALA CB   C N N 5   
ALA OXT  O N N 6   
ALA H    H N N 7   
ALA H2   H N N 8   
ALA HA   H N N 9   
ALA HB1  H N N 10  
ALA HB2  H N N 11  
ALA HB3  H N N 12  
ALA HXT  H N N 13  
ARG N    N N N 14  
ARG CA   C N S 15  
ARG C    C N N 16  
ARG O    O N N 17  
ARG CB   C N N 18  
ARG CG   C N N 19  
ARG CD   C N N 20  
ARG NE   N N N 21  
ARG CZ   C N N 22  
ARG NH1  N N N 23  
ARG NH2  N N N 24  
ARG OXT  O N N 25  
ARG H    H N N 26  
ARG H2   H N N 27  
ARG HA   H N N 28  
ARG HB2  H N N 29  
ARG HB3  H N N 30  
ARG HG2  H N N 31  
ARG HG3  H N N 32  
ARG HD2  H N N 33  
ARG HD3  H N N 34  
ARG HE   H N N 35  
ARG HH11 H N N 36  
ARG HH12 H N N 37  
ARG HH21 H N N 38  
ARG HH22 H N N 39  
ARG HXT  H N N 40  
ASN N    N N N 41  
ASN CA   C N S 42  
ASN C    C N N 43  
ASN O    O N N 44  
ASN CB   C N N 45  
ASN CG   C N N 46  
ASN OD1  O N N 47  
ASN ND2  N N N 48  
ASN OXT  O N N 49  
ASN H    H N N 50  
ASN H2   H N N 51  
ASN HA   H N N 52  
ASN HB2  H N N 53  
ASN HB3  H N N 54  
ASN HD21 H N N 55  
ASN HD22 H N N 56  
ASN HXT  H N N 57  
ASP N    N N N 58  
ASP CA   C N S 59  
ASP C    C N N 60  
ASP O    O N N 61  
ASP CB   C N N 62  
ASP CG   C N N 63  
ASP OD1  O N N 64  
ASP OD2  O N N 65  
ASP OXT  O N N 66  
ASP H    H N N 67  
ASP H2   H N N 68  
ASP HA   H N N 69  
ASP HB2  H N N 70  
ASP HB3  H N N 71  
ASP HD2  H N N 72  
ASP HXT  H N N 73  
CYS N    N N N 74  
CYS CA   C N R 75  
CYS C    C N N 76  
CYS O    O N N 77  
CYS CB   C N N 78  
CYS SG   S N N 79  
CYS OXT  O N N 80  
CYS H    H N N 81  
CYS H2   H N N 82  
CYS HA   H N N 83  
CYS HB2  H N N 84  
CYS HB3  H N N 85  
CYS HG   H N N 86  
CYS HXT  H N N 87  
GLN N    N N N 88  
GLN CA   C N S 89  
GLN C    C N N 90  
GLN O    O N N 91  
GLN CB   C N N 92  
GLN CG   C N N 93  
GLN CD   C N N 94  
GLN OE1  O N N 95  
GLN NE2  N N N 96  
GLN OXT  O N N 97  
GLN H    H N N 98  
GLN H2   H N N 99  
GLN HA   H N N 100 
GLN HB2  H N N 101 
GLN HB3  H N N 102 
GLN HG2  H N N 103 
GLN HG3  H N N 104 
GLN HE21 H N N 105 
GLN HE22 H N N 106 
GLN HXT  H N N 107 
GLU N    N N N 108 
GLU CA   C N S 109 
GLU C    C N N 110 
GLU O    O N N 111 
GLU CB   C N N 112 
GLU CG   C N N 113 
GLU CD   C N N 114 
GLU OE1  O N N 115 
GLU OE2  O N N 116 
GLU OXT  O N N 117 
GLU H    H N N 118 
GLU H2   H N N 119 
GLU HA   H N N 120 
GLU HB2  H N N 121 
GLU HB3  H N N 122 
GLU HG2  H N N 123 
GLU HG3  H N N 124 
GLU HE2  H N N 125 
GLU HXT  H N N 126 
GLY N    N N N 127 
GLY CA   C N N 128 
GLY C    C N N 129 
GLY O    O N N 130 
GLY OXT  O N N 131 
GLY H    H N N 132 
GLY H2   H N N 133 
GLY HA2  H N N 134 
GLY HA3  H N N 135 
GLY HXT  H N N 136 
HOH O    O N N 137 
HOH H1   H N N 138 
HOH H2   H N N 139 
ILE N    N N N 140 
ILE CA   C N S 141 
ILE C    C N N 142 
ILE O    O N N 143 
ILE CB   C N S 144 
ILE CG1  C N N 145 
ILE CG2  C N N 146 
ILE CD1  C N N 147 
ILE OXT  O N N 148 
ILE H    H N N 149 
ILE H2   H N N 150 
ILE HA   H N N 151 
ILE HB   H N N 152 
ILE HG12 H N N 153 
ILE HG13 H N N 154 
ILE HG21 H N N 155 
ILE HG22 H N N 156 
ILE HG23 H N N 157 
ILE HD11 H N N 158 
ILE HD12 H N N 159 
ILE HD13 H N N 160 
ILE HXT  H N N 161 
LEU N    N N N 162 
LEU CA   C N S 163 
LEU C    C N N 164 
LEU O    O N N 165 
LEU CB   C N N 166 
LEU CG   C N N 167 
LEU CD1  C N N 168 
LEU CD2  C N N 169 
LEU OXT  O N N 170 
LEU H    H N N 171 
LEU H2   H N N 172 
LEU HA   H N N 173 
LEU HB2  H N N 174 
LEU HB3  H N N 175 
LEU HG   H N N 176 
LEU HD11 H N N 177 
LEU HD12 H N N 178 
LEU HD13 H N N 179 
LEU HD21 H N N 180 
LEU HD22 H N N 181 
LEU HD23 H N N 182 
LEU HXT  H N N 183 
LYS N    N N N 184 
LYS CA   C N S 185 
LYS C    C N N 186 
LYS O    O N N 187 
LYS CB   C N N 188 
LYS CG   C N N 189 
LYS CD   C N N 190 
LYS CE   C N N 191 
LYS NZ   N N N 192 
LYS OXT  O N N 193 
LYS H    H N N 194 
LYS H2   H N N 195 
LYS HA   H N N 196 
LYS HB2  H N N 197 
LYS HB3  H N N 198 
LYS HG2  H N N 199 
LYS HG3  H N N 200 
LYS HD2  H N N 201 
LYS HD3  H N N 202 
LYS HE2  H N N 203 
LYS HE3  H N N 204 
LYS HZ1  H N N 205 
LYS HZ2  H N N 206 
LYS HZ3  H N N 207 
LYS HXT  H N N 208 
MET N    N N N 209 
MET CA   C N S 210 
MET C    C N N 211 
MET O    O N N 212 
MET CB   C N N 213 
MET CG   C N N 214 
MET SD   S N N 215 
MET CE   C N N 216 
MET OXT  O N N 217 
MET H    H N N 218 
MET H2   H N N 219 
MET HA   H N N 220 
MET HB2  H N N 221 
MET HB3  H N N 222 
MET HG2  H N N 223 
MET HG3  H N N 224 
MET HE1  H N N 225 
MET HE2  H N N 226 
MET HE3  H N N 227 
MET HXT  H N N 228 
PHE N    N N N 229 
PHE CA   C N S 230 
PHE C    C N N 231 
PHE O    O N N 232 
PHE CB   C N N 233 
PHE CG   C Y N 234 
PHE CD1  C Y N 235 
PHE CD2  C Y N 236 
PHE CE1  C Y N 237 
PHE CE2  C Y N 238 
PHE CZ   C Y N 239 
PHE OXT  O N N 240 
PHE H    H N N 241 
PHE H2   H N N 242 
PHE HA   H N N 243 
PHE HB2  H N N 244 
PHE HB3  H N N 245 
PHE HD1  H N N 246 
PHE HD2  H N N 247 
PHE HE1  H N N 248 
PHE HE2  H N N 249 
PHE HZ   H N N 250 
PHE HXT  H N N 251 
PRO N    N N N 252 
PRO CA   C N S 253 
PRO C    C N N 254 
PRO O    O N N 255 
PRO CB   C N N 256 
PRO CG   C N N 257 
PRO CD   C N N 258 
PRO OXT  O N N 259 
PRO H    H N N 260 
PRO HA   H N N 261 
PRO HB2  H N N 262 
PRO HB3  H N N 263 
PRO HG2  H N N 264 
PRO HG3  H N N 265 
PRO HD2  H N N 266 
PRO HD3  H N N 267 
PRO HXT  H N N 268 
REA C1   C N N 269 
REA C2   C N N 270 
REA C3   C N N 271 
REA C4   C N N 272 
REA C5   C N N 273 
REA C6   C N N 274 
REA C7   C N N 275 
REA C8   C N N 276 
REA C9   C N N 277 
REA C10  C N N 278 
REA C11  C N N 279 
REA C12  C N N 280 
REA C13  C N N 281 
REA C14  C N N 282 
REA C15  C N N 283 
REA C16  C N N 284 
REA C17  C N N 285 
REA C18  C N N 286 
REA C19  C N N 287 
REA C20  C N N 288 
REA O1   O N N 289 
REA O2   O N N 290 
REA H21  H N N 291 
REA H22  H N N 292 
REA H31  H N N 293 
REA H32  H N N 294 
REA H41  H N N 295 
REA H42  H N N 296 
REA H7   H N N 297 
REA H8   H N N 298 
REA H10  H N N 299 
REA H11  H N N 300 
REA H12  H N N 301 
REA H14  H N N 302 
REA H161 H N N 303 
REA H162 H N N 304 
REA H163 H N N 305 
REA H171 H N N 306 
REA H172 H N N 307 
REA H173 H N N 308 
REA H181 H N N 309 
REA H182 H N N 310 
REA H183 H N N 311 
REA H191 H N N 312 
REA H192 H N N 313 
REA H193 H N N 314 
REA H201 H N N 315 
REA H202 H N N 316 
REA H203 H N N 317 
REA HO2  H N N 318 
SER N    N N N 319 
SER CA   C N S 320 
SER C    C N N 321 
SER O    O N N 322 
SER CB   C N N 323 
SER OG   O N N 324 
SER OXT  O N N 325 
SER H    H N N 326 
SER H2   H N N 327 
SER HA   H N N 328 
SER HB2  H N N 329 
SER HB3  H N N 330 
SER HG   H N N 331 
SER HXT  H N N 332 
THR N    N N N 333 
THR CA   C N S 334 
THR C    C N N 335 
THR O    O N N 336 
THR CB   C N R 337 
THR OG1  O N N 338 
THR CG2  C N N 339 
THR OXT  O N N 340 
THR H    H N N 341 
THR H2   H N N 342 
THR HA   H N N 343 
THR HB   H N N 344 
THR HG1  H N N 345 
THR HG21 H N N 346 
THR HG22 H N N 347 
THR HG23 H N N 348 
THR HXT  H N N 349 
TRP N    N N N 350 
TRP CA   C N S 351 
TRP C    C N N 352 
TRP O    O N N 353 
TRP CB   C N N 354 
TRP CG   C Y N 355 
TRP CD1  C Y N 356 
TRP CD2  C Y N 357 
TRP NE1  N Y N 358 
TRP CE2  C Y N 359 
TRP CE3  C Y N 360 
TRP CZ2  C Y N 361 
TRP CZ3  C Y N 362 
TRP CH2  C Y N 363 
TRP OXT  O N N 364 
TRP H    H N N 365 
TRP H2   H N N 366 
TRP HA   H N N 367 
TRP HB2  H N N 368 
TRP HB3  H N N 369 
TRP HD1  H N N 370 
TRP HE1  H N N 371 
TRP HE3  H N N 372 
TRP HZ2  H N N 373 
TRP HZ3  H N N 374 
TRP HH2  H N N 375 
TRP HXT  H N N 376 
TYR N    N N N 377 
TYR CA   C N S 378 
TYR C    C N N 379 
TYR O    O N N 380 
TYR CB   C N N 381 
TYR CG   C Y N 382 
TYR CD1  C Y N 383 
TYR CD2  C Y N 384 
TYR CE1  C Y N 385 
TYR CE2  C Y N 386 
TYR CZ   C Y N 387 
TYR OH   O N N 388 
TYR OXT  O N N 389 
TYR H    H N N 390 
TYR H2   H N N 391 
TYR HA   H N N 392 
TYR HB2  H N N 393 
TYR HB3  H N N 394 
TYR HD1  H N N 395 
TYR HD2  H N N 396 
TYR HE1  H N N 397 
TYR HE2  H N N 398 
TYR HH   H N N 399 
TYR HXT  H N N 400 
VAL N    N N N 401 
VAL CA   C N S 402 
VAL C    C N N 403 
VAL O    O N N 404 
VAL CB   C N N 405 
VAL CG1  C N N 406 
VAL CG2  C N N 407 
VAL OXT  O N N 408 
VAL H    H N N 409 
VAL H2   H N N 410 
VAL HA   H N N 411 
VAL HB   H N N 412 
VAL HG11 H N N 413 
VAL HG12 H N N 414 
VAL HG13 H N N 415 
VAL HG21 H N N 416 
VAL HG22 H N N 417 
VAL HG23 H N N 418 
VAL HXT  H N N 419 
# 
loop_
_chem_comp_bond.comp_id 
_chem_comp_bond.atom_id_1 
_chem_comp_bond.atom_id_2 
_chem_comp_bond.value_order 
_chem_comp_bond.pdbx_aromatic_flag 
_chem_comp_bond.pdbx_stereo_config 
_chem_comp_bond.pdbx_ordinal 
ALA N   CA   sing N N 1   
ALA N   H    sing N N 2   
ALA N   H2   sing N N 3   
ALA CA  C    sing N N 4   
ALA CA  CB   sing N N 5   
ALA CA  HA   sing N N 6   
ALA C   O    doub N N 7   
ALA C   OXT  sing N N 8   
ALA CB  HB1  sing N N 9   
ALA CB  HB2  sing N N 10  
ALA CB  HB3  sing N N 11  
ALA OXT HXT  sing N N 12  
ARG N   CA   sing N N 13  
ARG N   H    sing N N 14  
ARG N   H2   sing N N 15  
ARG CA  C    sing N N 16  
ARG CA  CB   sing N N 17  
ARG CA  HA   sing N N 18  
ARG C   O    doub N N 19  
ARG C   OXT  sing N N 20  
ARG CB  CG   sing N N 21  
ARG CB  HB2  sing N N 22  
ARG CB  HB3  sing N N 23  
ARG CG  CD   sing N N 24  
ARG CG  HG2  sing N N 25  
ARG CG  HG3  sing N N 26  
ARG CD  NE   sing N N 27  
ARG CD  HD2  sing N N 28  
ARG CD  HD3  sing N N 29  
ARG NE  CZ   sing N N 30  
ARG NE  HE   sing N N 31  
ARG CZ  NH1  sing N N 32  
ARG CZ  NH2  doub N N 33  
ARG NH1 HH11 sing N N 34  
ARG NH1 HH12 sing N N 35  
ARG NH2 HH21 sing N N 36  
ARG NH2 HH22 sing N N 37  
ARG OXT HXT  sing N N 38  
ASN N   CA   sing N N 39  
ASN N   H    sing N N 40  
ASN N   H2   sing N N 41  
ASN CA  C    sing N N 42  
ASN CA  CB   sing N N 43  
ASN CA  HA   sing N N 44  
ASN C   O    doub N N 45  
ASN C   OXT  sing N N 46  
ASN CB  CG   sing N N 47  
ASN CB  HB2  sing N N 48  
ASN CB  HB3  sing N N 49  
ASN CG  OD1  doub N N 50  
ASN CG  ND2  sing N N 51  
ASN ND2 HD21 sing N N 52  
ASN ND2 HD22 sing N N 53  
ASN OXT HXT  sing N N 54  
ASP N   CA   sing N N 55  
ASP N   H    sing N N 56  
ASP N   H2   sing N N 57  
ASP CA  C    sing N N 58  
ASP CA  CB   sing N N 59  
ASP CA  HA   sing N N 60  
ASP C   O    doub N N 61  
ASP C   OXT  sing N N 62  
ASP CB  CG   sing N N 63  
ASP CB  HB2  sing N N 64  
ASP CB  HB3  sing N N 65  
ASP CG  OD1  doub N N 66  
ASP CG  OD2  sing N N 67  
ASP OD2 HD2  sing N N 68  
ASP OXT HXT  sing N N 69  
CYS N   CA   sing N N 70  
CYS N   H    sing N N 71  
CYS N   H2   sing N N 72  
CYS CA  C    sing N N 73  
CYS CA  CB   sing N N 74  
CYS CA  HA   sing N N 75  
CYS C   O    doub N N 76  
CYS C   OXT  sing N N 77  
CYS CB  SG   sing N N 78  
CYS CB  HB2  sing N N 79  
CYS CB  HB3  sing N N 80  
CYS SG  HG   sing N N 81  
CYS OXT HXT  sing N N 82  
GLN N   CA   sing N N 83  
GLN N   H    sing N N 84  
GLN N   H2   sing N N 85  
GLN CA  C    sing N N 86  
GLN CA  CB   sing N N 87  
GLN CA  HA   sing N N 88  
GLN C   O    doub N N 89  
GLN C   OXT  sing N N 90  
GLN CB  CG   sing N N 91  
GLN CB  HB2  sing N N 92  
GLN CB  HB3  sing N N 93  
GLN CG  CD   sing N N 94  
GLN CG  HG2  sing N N 95  
GLN CG  HG3  sing N N 96  
GLN CD  OE1  doub N N 97  
GLN CD  NE2  sing N N 98  
GLN NE2 HE21 sing N N 99  
GLN NE2 HE22 sing N N 100 
GLN OXT HXT  sing N N 101 
GLU N   CA   sing N N 102 
GLU N   H    sing N N 103 
GLU N   H2   sing N N 104 
GLU CA  C    sing N N 105 
GLU CA  CB   sing N N 106 
GLU CA  HA   sing N N 107 
GLU C   O    doub N N 108 
GLU C   OXT  sing N N 109 
GLU CB  CG   sing N N 110 
GLU CB  HB2  sing N N 111 
GLU CB  HB3  sing N N 112 
GLU CG  CD   sing N N 113 
GLU CG  HG2  sing N N 114 
GLU CG  HG3  sing N N 115 
GLU CD  OE1  doub N N 116 
GLU CD  OE2  sing N N 117 
GLU OE2 HE2  sing N N 118 
GLU OXT HXT  sing N N 119 
GLY N   CA   sing N N 120 
GLY N   H    sing N N 121 
GLY N   H2   sing N N 122 
GLY CA  C    sing N N 123 
GLY CA  HA2  sing N N 124 
GLY CA  HA3  sing N N 125 
GLY C   O    doub N N 126 
GLY C   OXT  sing N N 127 
GLY OXT HXT  sing N N 128 
HOH O   H1   sing N N 129 
HOH O   H2   sing N N 130 
ILE N   CA   sing N N 131 
ILE N   H    sing N N 132 
ILE N   H2   sing N N 133 
ILE CA  C    sing N N 134 
ILE CA  CB   sing N N 135 
ILE CA  HA   sing N N 136 
ILE C   O    doub N N 137 
ILE C   OXT  sing N N 138 
ILE CB  CG1  sing N N 139 
ILE CB  CG2  sing N N 140 
ILE CB  HB   sing N N 141 
ILE CG1 CD1  sing N N 142 
ILE CG1 HG12 sing N N 143 
ILE CG1 HG13 sing N N 144 
ILE CG2 HG21 sing N N 145 
ILE CG2 HG22 sing N N 146 
ILE CG2 HG23 sing N N 147 
ILE CD1 HD11 sing N N 148 
ILE CD1 HD12 sing N N 149 
ILE CD1 HD13 sing N N 150 
ILE OXT HXT  sing N N 151 
LEU N   CA   sing N N 152 
LEU N   H    sing N N 153 
LEU N   H2   sing N N 154 
LEU CA  C    sing N N 155 
LEU CA  CB   sing N N 156 
LEU CA  HA   sing N N 157 
LEU C   O    doub N N 158 
LEU C   OXT  sing N N 159 
LEU CB  CG   sing N N 160 
LEU CB  HB2  sing N N 161 
LEU CB  HB3  sing N N 162 
LEU CG  CD1  sing N N 163 
LEU CG  CD2  sing N N 164 
LEU CG  HG   sing N N 165 
LEU CD1 HD11 sing N N 166 
LEU CD1 HD12 sing N N 167 
LEU CD1 HD13 sing N N 168 
LEU CD2 HD21 sing N N 169 
LEU CD2 HD22 sing N N 170 
LEU CD2 HD23 sing N N 171 
LEU OXT HXT  sing N N 172 
LYS N   CA   sing N N 173 
LYS N   H    sing N N 174 
LYS N   H2   sing N N 175 
LYS CA  C    sing N N 176 
LYS CA  CB   sing N N 177 
LYS CA  HA   sing N N 178 
LYS C   O    doub N N 179 
LYS C   OXT  sing N N 180 
LYS CB  CG   sing N N 181 
LYS CB  HB2  sing N N 182 
LYS CB  HB3  sing N N 183 
LYS CG  CD   sing N N 184 
LYS CG  HG2  sing N N 185 
LYS CG  HG3  sing N N 186 
LYS CD  CE   sing N N 187 
LYS CD  HD2  sing N N 188 
LYS CD  HD3  sing N N 189 
LYS CE  NZ   sing N N 190 
LYS CE  HE2  sing N N 191 
LYS CE  HE3  sing N N 192 
LYS NZ  HZ1  sing N N 193 
LYS NZ  HZ2  sing N N 194 
LYS NZ  HZ3  sing N N 195 
LYS OXT HXT  sing N N 196 
MET N   CA   sing N N 197 
MET N   H    sing N N 198 
MET N   H2   sing N N 199 
MET CA  C    sing N N 200 
MET CA  CB   sing N N 201 
MET CA  HA   sing N N 202 
MET C   O    doub N N 203 
MET C   OXT  sing N N 204 
MET CB  CG   sing N N 205 
MET CB  HB2  sing N N 206 
MET CB  HB3  sing N N 207 
MET CG  SD   sing N N 208 
MET CG  HG2  sing N N 209 
MET CG  HG3  sing N N 210 
MET SD  CE   sing N N 211 
MET CE  HE1  sing N N 212 
MET CE  HE2  sing N N 213 
MET CE  HE3  sing N N 214 
MET OXT HXT  sing N N 215 
PHE N   CA   sing N N 216 
PHE N   H    sing N N 217 
PHE N   H2   sing N N 218 
PHE CA  C    sing N N 219 
PHE CA  CB   sing N N 220 
PHE CA  HA   sing N N 221 
PHE C   O    doub N N 222 
PHE C   OXT  sing N N 223 
PHE CB  CG   sing N N 224 
PHE CB  HB2  sing N N 225 
PHE CB  HB3  sing N N 226 
PHE CG  CD1  doub Y N 227 
PHE CG  CD2  sing Y N 228 
PHE CD1 CE1  sing Y N 229 
PHE CD1 HD1  sing N N 230 
PHE CD2 CE2  doub Y N 231 
PHE CD2 HD2  sing N N 232 
PHE CE1 CZ   doub Y N 233 
PHE CE1 HE1  sing N N 234 
PHE CE2 CZ   sing Y N 235 
PHE CE2 HE2  sing N N 236 
PHE CZ  HZ   sing N N 237 
PHE OXT HXT  sing N N 238 
PRO N   CA   sing N N 239 
PRO N   CD   sing N N 240 
PRO N   H    sing N N 241 
PRO CA  C    sing N N 242 
PRO CA  CB   sing N N 243 
PRO CA  HA   sing N N 244 
PRO C   O    doub N N 245 
PRO C   OXT  sing N N 246 
PRO CB  CG   sing N N 247 
PRO CB  HB2  sing N N 248 
PRO CB  HB3  sing N N 249 
PRO CG  CD   sing N N 250 
PRO CG  HG2  sing N N 251 
PRO CG  HG3  sing N N 252 
PRO CD  HD2  sing N N 253 
PRO CD  HD3  sing N N 254 
PRO OXT HXT  sing N N 255 
REA C1  C2   sing N N 256 
REA C1  C6   sing N N 257 
REA C1  C16  sing N N 258 
REA C1  C17  sing N N 259 
REA C2  C3   sing N N 260 
REA C2  H21  sing N N 261 
REA C2  H22  sing N N 262 
REA C3  C4   sing N N 263 
REA C3  H31  sing N N 264 
REA C3  H32  sing N N 265 
REA C4  C5   sing N N 266 
REA C4  H41  sing N N 267 
REA C4  H42  sing N N 268 
REA C5  C6   doub N N 269 
REA C5  C18  sing N N 270 
REA C6  C7   sing N N 271 
REA C7  C8   doub N E 272 
REA C7  H7   sing N N 273 
REA C8  C9   sing N N 274 
REA C8  H8   sing N N 275 
REA C9  C10  doub N E 276 
REA C9  C19  sing N N 277 
REA C10 C11  sing N N 278 
REA C10 H10  sing N N 279 
REA C11 C12  doub N E 280 
REA C11 H11  sing N N 281 
REA C12 C13  sing N N 282 
REA C12 H12  sing N N 283 
REA C13 C14  doub N E 284 
REA C13 C20  sing N N 285 
REA C14 C15  sing N N 286 
REA C14 H14  sing N N 287 
REA C15 O1   doub N N 288 
REA C15 O2   sing N N 289 
REA C16 H161 sing N N 290 
REA C16 H162 sing N N 291 
REA C16 H163 sing N N 292 
REA C17 H171 sing N N 293 
REA C17 H172 sing N N 294 
REA C17 H173 sing N N 295 
REA C18 H181 sing N N 296 
REA C18 H182 sing N N 297 
REA C18 H183 sing N N 298 
REA C19 H191 sing N N 299 
REA C19 H192 sing N N 300 
REA C19 H193 sing N N 301 
REA C20 H201 sing N N 302 
REA C20 H202 sing N N 303 
REA C20 H203 sing N N 304 
REA O2  HO2  sing N N 305 
SER N   CA   sing N N 306 
SER N   H    sing N N 307 
SER N   H2   sing N N 308 
SER CA  C    sing N N 309 
SER CA  CB   sing N N 310 
SER CA  HA   sing N N 311 
SER C   O    doub N N 312 
SER C   OXT  sing N N 313 
SER CB  OG   sing N N 314 
SER CB  HB2  sing N N 315 
SER CB  HB3  sing N N 316 
SER OG  HG   sing N N 317 
SER OXT HXT  sing N N 318 
THR N   CA   sing N N 319 
THR N   H    sing N N 320 
THR N   H2   sing N N 321 
THR CA  C    sing N N 322 
THR CA  CB   sing N N 323 
THR CA  HA   sing N N 324 
THR C   O    doub N N 325 
THR C   OXT  sing N N 326 
THR CB  OG1  sing N N 327 
THR CB  CG2  sing N N 328 
THR CB  HB   sing N N 329 
THR OG1 HG1  sing N N 330 
THR CG2 HG21 sing N N 331 
THR CG2 HG22 sing N N 332 
THR CG2 HG23 sing N N 333 
THR OXT HXT  sing N N 334 
TRP N   CA   sing N N 335 
TRP N   H    sing N N 336 
TRP N   H2   sing N N 337 
TRP CA  C    sing N N 338 
TRP CA  CB   sing N N 339 
TRP CA  HA   sing N N 340 
TRP C   O    doub N N 341 
TRP C   OXT  sing N N 342 
TRP CB  CG   sing N N 343 
TRP CB  HB2  sing N N 344 
TRP CB  HB3  sing N N 345 
TRP CG  CD1  doub Y N 346 
TRP CG  CD2  sing Y N 347 
TRP CD1 NE1  sing Y N 348 
TRP CD1 HD1  sing N N 349 
TRP CD2 CE2  doub Y N 350 
TRP CD2 CE3  sing Y N 351 
TRP NE1 CE2  sing Y N 352 
TRP NE1 HE1  sing N N 353 
TRP CE2 CZ2  sing Y N 354 
TRP CE3 CZ3  doub Y N 355 
TRP CE3 HE3  sing N N 356 
TRP CZ2 CH2  doub Y N 357 
TRP CZ2 HZ2  sing N N 358 
TRP CZ3 CH2  sing Y N 359 
TRP CZ3 HZ3  sing N N 360 
TRP CH2 HH2  sing N N 361 
TRP OXT HXT  sing N N 362 
TYR N   CA   sing N N 363 
TYR N   H    sing N N 364 
TYR N   H2   sing N N 365 
TYR CA  C    sing N N 366 
TYR CA  CB   sing N N 367 
TYR CA  HA   sing N N 368 
TYR C   O    doub N N 369 
TYR C   OXT  sing N N 370 
TYR CB  CG   sing N N 371 
TYR CB  HB2  sing N N 372 
TYR CB  HB3  sing N N 373 
TYR CG  CD1  doub Y N 374 
TYR CG  CD2  sing Y N 375 
TYR CD1 CE1  sing Y N 376 
TYR CD1 HD1  sing N N 377 
TYR CD2 CE2  doub Y N 378 
TYR CD2 HD2  sing N N 379 
TYR CE1 CZ   doub Y N 380 
TYR CE1 HE1  sing N N 381 
TYR CE2 CZ   sing Y N 382 
TYR CE2 HE2  sing N N 383 
TYR CZ  OH   sing N N 384 
TYR OH  HH   sing N N 385 
TYR OXT HXT  sing N N 386 
VAL N   CA   sing N N 387 
VAL N   H    sing N N 388 
VAL N   H2   sing N N 389 
VAL CA  C    sing N N 390 
VAL CA  CB   sing N N 391 
VAL CA  HA   sing N N 392 
VAL C   O    doub N N 393 
VAL C   OXT  sing N N 394 
VAL CB  CG1  sing N N 395 
VAL CB  CG2  sing N N 396 
VAL CB  HB   sing N N 397 
VAL CG1 HG11 sing N N 398 
VAL CG1 HG12 sing N N 399 
VAL CG1 HG13 sing N N 400 
VAL CG2 HG21 sing N N 401 
VAL CG2 HG22 sing N N 402 
VAL CG2 HG23 sing N N 403 
VAL OXT HXT  sing N N 404 
# 
_atom_sites.entry_id                    1CBS 
_atom_sites.fract_transf_matrix[1][1]   0.00309041 
_atom_sites.fract_transf_matrix[1][2]   -0.01249970 
_atom_sites.fract_transf_matrix[1][3]   0.01772230 
_atom_sites.fract_transf_matrix[2][1]   0.02046616 
_atom_sites.fract_transf_matrix[2][2]   -0.00145466 
_atom_sites.fract_transf_matrix[2][3]   -0.00459487 
_atom_sites.fract_transf_matrix[3][1]   0.00232789 
_atom_sites.fract_transf_matrix[3][2]   0.01054385 
_atom_sites.fract_transf_matrix[3][3]   0.00703074 
_atom_sites.fract_transf_vector[1]      0.386934 
_atom_sites.fract_transf_vector[2]      0.438509 
_atom_sites.fract_transf_vector[3]      0.351359 
# 
loop_
_atom_type.symbol 
C 
N 
O 
S 
# 
loop_
_atom_site.group_PDB 
_atom_site.id 
_atom_site.type_symbol 
_atom_site.label_atom_id 
_atom_site.label_alt_id 
_atom_site.label_comp_id 
_atom_site.label_asym_id 
_atom_site.label_entity_id 
_atom_site.label_seq_id 
_atom_site.pdbx_PDB_ins_code 
_atom_site.Cartn_x 
_atom_site.Cartn_y 
_atom_site.Cartn_z 
_atom_site.occupancy 
_atom_site.B_iso_or_equiv 
_atom_site.pdbx_formal_charge 
_atom_site.auth_seq_id 
_atom_site.auth_comp_id 
_atom_site.auth_asym_id 
_atom_site.auth_atom_id 
_atom_site.pdbx_PDB_model_num 
ATOM   1    N N   . PRO A 1 1   ? -4.327  15.058  10.529  1.00 30.05 ? 1   PRO A N   1 
ATOM   2    C CA  . PRO A 1 1   ? -4.102  13.659  10.950  1.00 28.82 ? 1   PRO A CA  1 
ATOM   3    C C   . PRO A 1 1   ? -2.609  13.355  11.102  1.00 26.59 ? 1   PRO A C   1 
ATOM   4    O O   . PRO A 1 1   ? -1.765  13.969  10.441  1.00 26.84 ? 1   PRO A O   1 
ATOM   5    C CB  . PRO A 1 1   ? -4.674  12.780  9.847   1.00 29.24 ? 1   PRO A CB  1 
ATOM   6    C CG  . PRO A 1 1   ? -4.407  13.639  8.639   1.00 29.29 ? 1   PRO A CG  1 
ATOM   7    C CD  . PRO A 1 1   ? -4.731  15.079  9.110   1.00 30.71 ? 1   PRO A CD  1 
ATOM   8    N N   . ASN A 1 2   ? -2.298  12.416  11.993  1.00 24.04 ? 2   ASN A N   1 
ATOM   9    C CA  . ASN A 1 2   ? -0.924  11.988  12.217  1.00 20.79 ? 2   ASN A CA  1 
ATOM   10   C C   . ASN A 1 2   ? -0.809  10.480  12.029  1.00 16.75 ? 2   ASN A C   1 
ATOM   11   O O   . ASN A 1 2   ? -1.182  9.695   12.901  1.00 15.23 ? 2   ASN A O   1 
ATOM   12   C CB  . ASN A 1 2   ? -0.420  12.354  13.602  1.00 22.81 ? 2   ASN A CB  1 
ATOM   13   C CG  . ASN A 1 2   ? 0.981   11.840  13.837  1.00 24.29 ? 2   ASN A CG  1 
ATOM   14   O OD1 . ASN A 1 2   ? 1.823   11.860  12.928  1.00 21.87 ? 2   ASN A OD1 1 
ATOM   15   N ND2 . ASN A 1 2   ? 1.230   11.329  15.036  1.00 27.94 ? 2   ASN A ND2 1 
ATOM   16   N N   . PHE A 1 3   ? -0.316  10.102  10.856  1.00 14.69 ? 3   PHE A N   1 
ATOM   17   C CA  . PHE A 1 3   ? -0.130  8.712   10.470  1.00 12.62 ? 3   PHE A CA  1 
ATOM   18   C C   . PHE A 1 3   ? 1.140   8.101   11.063  1.00 12.43 ? 3   PHE A C   1 
ATOM   19   O O   . PHE A 1 3   ? 1.343   6.891   10.970  1.00 12.12 ? 3   PHE A O   1 
ATOM   20   C CB  . PHE A 1 3   ? -0.046  8.617   8.937   1.00 10.74 ? 3   PHE A CB  1 
ATOM   21   C CG  . PHE A 1 3   ? -1.355  8.849   8.220   1.00 11.85 ? 3   PHE A CG  1 
ATOM   22   C CD1 . PHE A 1 3   ? -1.816  10.137  7.964   1.00 10.90 ? 3   PHE A CD1 1 
ATOM   23   C CD2 . PHE A 1 3   ? -2.095  7.776   7.736   1.00 13.26 ? 3   PHE A CD2 1 
ATOM   24   C CE1 . PHE A 1 3   ? -2.974  10.345  7.243   1.00 9.12  ? 3   PHE A CE1 1 
ATOM   25   C CE2 . PHE A 1 3   ? -3.264  7.990   7.007   1.00 11.76 ? 3   PHE A CE2 1 
ATOM   26   C CZ  . PHE A 1 3   ? -3.697  9.271   6.764   1.00 10.30 ? 3   PHE A CZ  1 
ATOM   27   N N   . SER A 1 4   ? 1.993   8.930   11.660  1.00 11.24 ? 4   SER A N   1 
ATOM   28   C CA  . SER A 1 4   ? 3.268   8.479   12.217  1.00 11.30 ? 4   SER A CA  1 
ATOM   29   C C   . SER A 1 4   ? 3.200   7.357   13.239  1.00 10.39 ? 4   SER A C   1 
ATOM   30   O O   . SER A 1 4   ? 2.325   7.341   14.089  1.00 10.24 ? 4   SER A O   1 
ATOM   31   C CB  . SER A 1 4   ? 4.027   9.656   12.843  1.00 13.53 ? 4   SER A CB  1 
ATOM   32   O OG  . SER A 1 4   ? 4.379   10.632  11.875  1.00 16.76 ? 4   SER A OG  1 
ATOM   33   N N   . GLY A 1 5   ? 4.147   6.431   13.158  1.00 9.87  ? 5   GLY A N   1 
ATOM   34   C CA  . GLY A 1 5   ? 4.197   5.343   14.118  1.00 10.86 ? 5   GLY A CA  1 
ATOM   35   C C   . GLY A 1 5   ? 4.665   4.022   13.545  1.00 11.21 ? 5   GLY A C   1 
ATOM   36   O O   . GLY A 1 5   ? 5.013   3.939   12.361  1.00 9.91  ? 5   GLY A O   1 
ATOM   37   N N   . ASN A 1 6   ? 4.774   3.025   14.420  1.00 10.41 ? 6   ASN A N   1 
ATOM   38   C CA  . ASN A 1 6   ? 5.139   1.657   14.034  1.00 11.06 ? 6   ASN A CA  1 
ATOM   39   C C   . ASN A 1 6   ? 3.826   0.878   14.110  1.00 10.33 ? 6   ASN A C   1 
ATOM   40   O O   . ASN A 1 6   ? 3.201   0.770   15.168  1.00 11.28 ? 6   ASN A O   1 
ATOM   41   C CB  . ASN A 1 6   ? 6.203   1.088   14.963  1.00 12.95 ? 6   ASN A CB  1 
ATOM   42   C CG  . ASN A 1 6   ? 7.524   1.817   14.817  1.00 18.08 ? 6   ASN A CG  1 
ATOM   43   O OD1 . ASN A 1 6   ? 8.204   1.690   13.802  1.00 19.52 ? 6   ASN A OD1 1 
ATOM   44   N ND2 . ASN A 1 6   ? 7.860   2.638   15.797  1.00 21.23 ? 6   ASN A ND2 1 
ATOM   45   N N   . TRP A 1 7   ? 3.382   0.393   12.958  1.00 8.66  ? 7   TRP A N   1 
ATOM   46   C CA  . TRP A 1 7   ? 2.107   -0.288  12.847  1.00 8.74  ? 7   TRP A CA  1 
ATOM   47   C C   . TRP A 1 7   ? 2.196   -1.809  12.658  1.00 9.63  ? 7   TRP A C   1 
ATOM   48   O O   . TRP A 1 7   ? 3.062   -2.311  11.928  1.00 9.45  ? 7   TRP A O   1 
ATOM   49   C CB  . TRP A 1 7   ? 1.319   0.329   11.685  1.00 8.00  ? 7   TRP A CB  1 
ATOM   50   C CG  . TRP A 1 7   ? 1.076   1.819   11.802  1.00 8.01  ? 7   TRP A CG  1 
ATOM   51   C CD1 . TRP A 1 7   ? 1.917   2.828   11.416  1.00 8.29  ? 7   TRP A CD1 1 
ATOM   52   C CD2 . TRP A 1 7   ? -0.123  2.451   12.270  1.00 7.60  ? 7   TRP A CD2 1 
ATOM   53   N NE1 . TRP A 1 7   ? 1.304   4.056   11.605  1.00 9.20  ? 7   TRP A NE1 1 
ATOM   54   C CE2 . TRP A 1 7   ? 0.050   3.850   12.129  1.00 8.73  ? 7   TRP A CE2 1 
ATOM   55   C CE3 . TRP A 1 7   ? -1.335  1.972   12.786  1.00 6.99  ? 7   TRP A CE3 1 
ATOM   56   C CZ2 . TRP A 1 7   ? -0.946  4.771   12.486  1.00 7.67  ? 7   TRP A CZ2 1 
ATOM   57   C CZ3 . TRP A 1 7   ? -2.319  2.885   13.139  1.00 7.58  ? 7   TRP A CZ3 1 
ATOM   58   C CH2 . TRP A 1 7   ? -2.116  4.272   12.986  1.00 5.92  ? 7   TRP A CH2 1 
ATOM   59   N N   . LYS A 1 8   ? 1.281   -2.520  13.312  1.00 9.39  ? 8   LYS A N   1 
ATOM   60   C CA  . LYS A 1 8   ? 1.215   -3.976  13.224  1.00 11.56 ? 8   LYS A CA  1 
ATOM   61   C C   . LYS A 1 8   ? -0.151  -4.319  12.652  1.00 10.56 ? 8   LYS A C   1 
ATOM   62   O O   . LYS A 1 8   ? -1.147  -3.669  12.973  1.00 10.14 ? 8   LYS A O   1 
ATOM   63   C CB  . LYS A 1 8   ? 1.413   -4.619  14.598  1.00 15.20 ? 8   LYS A CB  1 
ATOM   64   C CG  . LYS A 1 8   ? 0.343   -4.309  15.593  1.00 18.52 ? 8   LYS A CG  1 
ATOM   65   C CD  . LYS A 1 8   ? 0.706   -4.910  16.932  1.00 26.26 ? 8   LYS A CD  1 
ATOM   66   C CE  . LYS A 1 8   ? 0.907   -6.419  16.856  1.00 29.22 ? 8   LYS A CE  1 
ATOM   67   N NZ  . LYS A 1 8   ? -0.355  -7.154  16.528  1.00 32.48 ? 8   LYS A NZ  1 
ATOM   68   N N   . ILE A 1 9   ? -0.204  -5.331  11.799  1.00 8.21  ? 9   ILE A N   1 
ATOM   69   C CA  . ILE A 1 9   ? -1.464  -5.691  11.168  1.00 8.08  ? 9   ILE A CA  1 
ATOM   70   C C   . ILE A 1 9   ? -2.404  -6.487  12.079  1.00 7.86  ? 9   ILE A C   1 
ATOM   71   O O   . ILE A 1 9   ? -1.950  -7.262  12.927  1.00 8.38  ? 9   ILE A O   1 
ATOM   72   C CB  . ILE A 1 9   ? -1.185  -6.458  9.848   1.00 10.70 ? 9   ILE A CB  1 
ATOM   73   C CG1 . ILE A 1 9   ? -2.430  -6.503  8.966   1.00 10.95 ? 9   ILE A CG1 1 
ATOM   74   C CG2 . ILE A 1 9   ? -0.701  -7.865  10.147  1.00 10.70 ? 9   ILE A CG2 1 
ATOM   75   C CD1 . ILE A 1 9   ? -2.144  -7.124  7.615   1.00 13.23 ? 9   ILE A CD1 1 
ATOM   76   N N   . ILE A 1 10  ? -3.710  -6.258  11.944  1.00 7.08  ? 10  ILE A N   1 
ATOM   77   C CA  . ILE A 1 10  ? -4.693  -6.982  12.735  1.00 7.45  ? 10  ILE A CA  1 
ATOM   78   C C   . ILE A 1 10  ? -5.745  -7.651  11.859  1.00 8.49  ? 10  ILE A C   1 
ATOM   79   O O   . ILE A 1 10  ? -6.521  -8.472  12.341  1.00 9.49  ? 10  ILE A O   1 
ATOM   80   C CB  . ILE A 1 10  ? -5.375  -6.111  13.836  1.00 10.28 ? 10  ILE A CB  1 
ATOM   81   C CG1 . ILE A 1 10  ? -6.072  -4.898  13.229  1.00 10.51 ? 10  ILE A CG1 1 
ATOM   82   C CG2 . ILE A 1 10  ? -4.352  -5.684  14.902  1.00 10.10 ? 10  ILE A CG2 1 
ATOM   83   C CD1 . ILE A 1 10  ? -6.984  -4.203  14.217  1.00 12.18 ? 10  ILE A CD1 1 
ATOM   84   N N   . ARG A 1 11  ? -5.783  -7.291  10.579  1.00 7.59  ? 11  ARG A N   1 
ATOM   85   C CA  . ARG A 1 11  ? -6.733  -7.895  9.637   1.00 8.70  ? 11  ARG A CA  1 
ATOM   86   C C   . ARG A 1 11  ? -6.265  -7.725  8.200   1.00 9.41  ? 11  ARG A C   1 
ATOM   87   O O   . ARG A 1 11  ? -5.756  -6.669  7.828   1.00 9.84  ? 11  ARG A O   1 
ATOM   88   C CB  . ARG A 1 11  ? -8.125  -7.265  9.765   1.00 8.07  ? 11  ARG A CB  1 
ATOM   89   C CG  . ARG A 1 11  ? -9.112  -7.816  8.744   1.00 12.26 ? 11  ARG A CG  1 
ATOM   90   C CD  . ARG A 1 11  ? -10.378 -7.017  8.691   1.00 13.46 ? 11  ARG A CD  1 
ATOM   91   N NE  . ARG A 1 11  ? -11.175 -7.101  9.911   1.00 15.44 ? 11  ARG A NE  1 
ATOM   92   C CZ  . ARG A 1 11  ? -12.040 -8.082  10.184  1.00 19.59 ? 11  ARG A CZ  1 
ATOM   93   N NH1 . ARG A 1 11  ? -12.212 -9.092  9.331   1.00 19.40 ? 11  ARG A NH1 1 
ATOM   94   N NH2 . ARG A 1 11  ? -12.824 -7.998  11.252  1.00 17.50 ? 11  ARG A NH2 1 
ATOM   95   N N   . SER A 1 12  ? -6.423  -8.774  7.397   1.00 8.84  ? 12  SER A N   1 
ATOM   96   C CA  . SER A 1 12  ? -6.067  -8.712  5.986   1.00 8.61  ? 12  SER A CA  1 
ATOM   97   C C   . SER A 1 12  ? -7.133  -9.480  5.206   1.00 9.48  ? 12  SER A C   1 
ATOM   98   O O   . SER A 1 12  ? -7.432  -10.629 5.537   1.00 9.84  ? 12  SER A O   1 
ATOM   99   C CB  . SER A 1 12  ? -4.695  -9.323  5.742   1.00 9.02  ? 12  SER A CB  1 
ATOM   100  O OG  . SER A 1 12  ? -4.375  -9.269  4.361   1.00 11.97 ? 12  SER A OG  1 
ATOM   101  N N   . GLU A 1 13  ? -7.718  -8.847  4.195   1.00 7.59  ? 13  GLU A N   1 
ATOM   102  C CA  . GLU A 1 13  ? -8.747  -9.493  3.387   1.00 9.67  ? 13  GLU A CA  1 
ATOM   103  C C   . GLU A 1 13  ? -8.424  -9.374  1.909   1.00 9.06  ? 13  GLU A C   1 
ATOM   104  O O   . GLU A 1 13  ? -7.983  -8.315  1.453   1.00 7.34  ? 13  GLU A O   1 
ATOM   105  C CB  . GLU A 1 13  ? -10.116 -8.825  3.600   1.00 9.72  ? 13  GLU A CB  1 
ATOM   106  C CG  . GLU A 1 13  ? -10.629 -8.799  5.034   1.00 15.17 ? 13  GLU A CG  1 
ATOM   107  C CD  . GLU A 1 13  ? -11.317 -10.096 5.482   1.00 18.75 ? 13  GLU A CD  1 
ATOM   108  O OE1 . GLU A 1 13  ? -11.601 -10.967 4.631   1.00 18.53 ? 13  GLU A OE1 1 
ATOM   109  O OE2 . GLU A 1 13  ? -11.586 -10.232 6.698   1.00 19.23 ? 13  GLU A OE2 1 
ATOM   110  N N   . ASN A 1 14  ? -8.634  -10.463 1.171   1.00 8.79  ? 14  ASN A N   1 
ATOM   111  C CA  . ASN A 1 14  ? -8.460  -10.457 -0.290  1.00 8.29  ? 14  ASN A CA  1 
ATOM   112  C C   . ASN A 1 14  ? -7.043  -10.233 -0.860  1.00 7.35  ? 14  ASN A C   1 
ATOM   113  O O   . ASN A 1 14  ? -6.916  -9.851  -2.012  1.00 7.00  ? 14  ASN A O   1 
ATOM   114  C CB  . ASN A 1 14  ? -9.429  -9.411  -0.883  1.00 7.23  ? 14  ASN A CB  1 
ATOM   115  C CG  . ASN A 1 14  ? -10.407 -9.994  -1.903  1.00 9.38  ? 14  ASN A CG  1 
ATOM   116  O OD1 . ASN A 1 14  ? -10.664 -11.201 -1.921  1.00 10.37 ? 14  ASN A OD1 1 
ATOM   117  N ND2 . ASN A 1 14  ? -10.945 -9.139  -2.754  1.00 6.35  ? 14  ASN A ND2 1 
ATOM   118  N N   . PHE A 1 15  ? -5.986  -10.506 -0.099  1.00 7.26  ? 15  PHE A N   1 
ATOM   119  C CA  . PHE A 1 15  ? -4.626  -10.287 -0.612  1.00 9.06  ? 15  PHE A CA  1 
ATOM   120  C C   . PHE A 1 15  ? -4.252  -11.220 -1.761  1.00 9.15  ? 15  PHE A C   1 
ATOM   121  O O   . PHE A 1 15  ? -3.728  -10.774 -2.774  1.00 8.64  ? 15  PHE A O   1 
ATOM   122  C CB  . PHE A 1 15  ? -3.572  -10.405 0.495   1.00 10.05 ? 15  PHE A CB  1 
ATOM   123  C CG  . PHE A 1 15  ? -2.192  -9.977  0.068   1.00 10.57 ? 15  PHE A CG  1 
ATOM   124  C CD1 . PHE A 1 15  ? -1.958  -8.680  -0.380  1.00 13.39 ? 15  PHE A CD1 1 
ATOM   125  C CD2 . PHE A 1 15  ? -1.122  -10.860 0.137   1.00 11.47 ? 15  PHE A CD2 1 
ATOM   126  C CE1 . PHE A 1 15  ? -0.681  -8.270  -0.752  1.00 13.52 ? 15  PHE A CE1 1 
ATOM   127  C CE2 . PHE A 1 15  ? 0.158   -10.462 -0.233  1.00 11.60 ? 15  PHE A CE2 1 
ATOM   128  C CZ  . PHE A 1 15  ? 0.379   -9.164  -0.676  1.00 13.52 ? 15  PHE A CZ  1 
ATOM   129  N N   . GLU A 1 16  ? -4.492  -12.517 -1.599  1.00 11.17 ? 16  GLU A N   1 
ATOM   130  C CA  . GLU A 1 16  ? -4.168  -13.446 -2.676  1.00 12.58 ? 16  GLU A CA  1 
ATOM   131  C C   . GLU A 1 16  ? -4.962  -13.140 -3.943  1.00 11.71 ? 16  GLU A C   1 
ATOM   132  O O   . GLU A 1 16  ? -4.425  -13.230 -5.050  1.00 12.66 ? 16  GLU A O   1 
ATOM   133  C CB  . GLU A 1 16  ? -4.415  -14.886 -2.254  1.00 15.91 ? 16  GLU A CB  1 
ATOM   134  C CG  . GLU A 1 16  ? -4.486  -15.828 -3.446  1.00 21.31 ? 16  GLU A CG  1 
ATOM   135  C CD  . GLU A 1 16  ? -3.961  -17.205 -3.147  1.00 25.39 ? 16  GLU A CD  1 
ATOM   136  O OE1 . GLU A 1 16  ? -3.608  -17.473 -1.976  1.00 27.92 ? 16  GLU A OE1 1 
ATOM   137  O OE2 . GLU A 1 16  ? -3.887  -18.018 -4.094  1.00 28.60 ? 16  GLU A OE2 1 
ATOM   138  N N   . GLU A 1 17  ? -6.235  -12.782 -3.782  1.00 11.67 ? 17  GLU A N   1 
ATOM   139  C CA  . GLU A 1 17  ? -7.103  -12.448 -4.918  1.00 13.65 ? 17  GLU A CA  1 
ATOM   140  C C   . GLU A 1 17  ? -6.567  -11.241 -5.713  1.00 13.48 ? 17  GLU A C   1 
ATOM   141  O O   . GLU A 1 17  ? -6.663  -11.193 -6.947  1.00 11.68 ? 17  GLU A O   1 
ATOM   142  C CB  . GLU A 1 17  ? -8.538  -12.186 -4.452  1.00 17.06 ? 17  GLU A CB  1 
ATOM   143  C CG  . GLU A 1 17  ? -9.298  -13.434 -3.969  1.00 23.45 ? 17  GLU A CG  1 
ATOM   144  C CD  . GLU A 1 17  ? -8.982  -13.884 -2.521  1.00 27.80 ? 17  GLU A CD  1 
ATOM   145  O OE1 . GLU A 1 17  ? -8.061  -13.342 -1.857  1.00 26.52 ? 17  GLU A OE1 1 
ATOM   146  O OE2 . GLU A 1 17  ? -9.686  -14.806 -2.038  1.00 31.80 ? 17  GLU A OE2 1 
ATOM   147  N N   . LEU A 1 18  ? -5.985  -10.279 -4.999  1.00 10.82 ? 18  LEU A N   1 
ATOM   148  C CA  . LEU A 1 18  ? -5.390  -9.103  -5.624  1.00 9.45  ? 18  LEU A CA  1 
ATOM   149  C C   . LEU A 1 18  ? -4.193  -9.568  -6.464  1.00 9.27  ? 18  LEU A C   1 
ATOM   150  O O   . LEU A 1 18  ? -4.010  -9.126  -7.605  1.00 9.04  ? 18  LEU A O   1 
ATOM   151  C CB  . LEU A 1 18  ? -4.898  -8.127  -4.547  1.00 9.77  ? 18  LEU A CB  1 
ATOM   152  C CG  . LEU A 1 18  ? -4.181  -6.855  -5.023  1.00 11.36 ? 18  LEU A CG  1 
ATOM   153  C CD1 . LEU A 1 18  ? -5.197  -5.839  -5.494  1.00 13.85 ? 18  LEU A CD1 1 
ATOM   154  C CD2 . LEU A 1 18  ? -3.354  -6.268  -3.894  1.00 12.69 ? 18  LEU A CD2 1 
ATOM   155  N N   . LEU A 1 19  ? -3.392  -10.475 -5.902  1.00 10.75 ? 19  LEU A N   1 
ATOM   156  C CA  . LEU A 1 19  ? -2.212  -10.985 -6.606  1.00 11.15 ? 19  LEU A CA  1 
ATOM   157  C C   . LEU A 1 19  ? -2.583  -11.785 -7.852  1.00 12.52 ? 19  LEU A C   1 
ATOM   158  O O   . LEU A 1 19  ? -1.877  -11.744 -8.860  1.00 10.05 ? 19  LEU A O   1 
ATOM   159  C CB  . LEU A 1 19  ? -1.332  -11.818 -5.671  1.00 12.01 ? 19  LEU A CB  1 
ATOM   160  C CG  . LEU A 1 19  ? -0.658  -11.108 -4.483  1.00 10.42 ? 19  LEU A CG  1 
ATOM   161  C CD1 . LEU A 1 19  ? 0.256   -12.093 -3.758  1.00 13.01 ? 19  LEU A CD1 1 
ATOM   162  C CD2 . LEU A 1 19  ? 0.126   -9.873  -4.947  1.00 11.45 ? 19  LEU A CD2 1 
ATOM   163  N N   . LYS A 1 20  ? -3.724  -12.459 -7.791  1.00 14.41 ? 20  LYS A N   1 
ATOM   164  C CA  . LYS A 1 20  ? -4.204  -13.257 -8.909  1.00 16.54 ? 20  LYS A CA  1 
ATOM   165  C C   . LYS A 1 20  ? -4.526  -12.352 -10.100 1.00 16.17 ? 20  LYS A C   1 
ATOM   166  O O   . LYS A 1 20  ? -4.131  -12.635 -11.235 1.00 15.90 ? 20  LYS A O   1 
ATOM   167  C CB  . LYS A 1 20  ? -5.437  -14.052 -8.487  1.00 20.07 ? 20  LYS A CB  1 
ATOM   168  C CG  . LYS A 1 20  ? -5.366  -15.519 -8.862  1.00 26.61 ? 20  LYS A CG  1 
ATOM   169  C CD  . LYS A 1 20  ? -6.707  -16.243 -8.684  1.00 30.95 ? 20  LYS A CD  1 
ATOM   170  C CE  . LYS A 1 20  ? -7.070  -16.468 -7.215  1.00 35.68 ? 20  LYS A CE  1 
ATOM   171  N NZ  . LYS A 1 20  ? -6.180  -17.434 -6.495  1.00 39.27 ? 20  LYS A NZ  1 
ATOM   172  N N   . VAL A 1 21  ? -5.220  -11.248 -9.827  1.00 15.31 ? 21  VAL A N   1 
ATOM   173  C CA  . VAL A 1 21  ? -5.580  -10.278 -10.856 1.00 14.41 ? 21  VAL A CA  1 
ATOM   174  C C   . VAL A 1 21  ? -4.318  -9.661  -11.485 1.00 15.02 ? 21  VAL A C   1 
ATOM   175  O O   . VAL A 1 21  ? -4.275  -9.397  -12.698 1.00 13.59 ? 21  VAL A O   1 
ATOM   176  C CB  . VAL A 1 21  ? -6.483  -9.164  -10.264 1.00 14.93 ? 21  VAL A CB  1 
ATOM   177  C CG1 . VAL A 1 21  ? -6.664  -8.017  -11.253 1.00 17.29 ? 21  VAL A CG1 1 
ATOM   178  C CG2 . VAL A 1 21  ? -7.819  -9.745  -9.896  1.00 15.09 ? 21  VAL A CG2 1 
ATOM   179  N N   . LEU A 1 22  ? -3.285  -9.454  -10.666 1.00 14.52 ? 22  LEU A N   1 
ATOM   180  C CA  . LEU A 1 22  ? -2.018  -8.871  -11.135 1.00 14.42 ? 22  LEU A CA  1 
ATOM   181  C C   . LEU A 1 22  ? -1.193  -9.871  -11.928 1.00 15.49 ? 22  LEU A C   1 
ATOM   182  O O   . LEU A 1 22  ? -0.118  -9.536  -12.422 1.00 16.81 ? 22  LEU A O   1 
ATOM   183  C CB  . LEU A 1 22  ? -1.199  -8.311  -9.958  1.00 13.61 ? 22  LEU A CB  1 
ATOM   184  C CG  . LEU A 1 22  ? -1.852  -7.116  -9.241  1.00 13.97 ? 22  LEU A CG  1 
ATOM   185  C CD1 . LEU A 1 22  ? -1.051  -6.697  -8.015  1.00 13.25 ? 22  LEU A CD1 1 
ATOM   186  C CD2 . LEU A 1 22  ? -1.971  -5.957  -10.209 1.00 14.62 ? 22  LEU A CD2 1 
ATOM   187  N N   . GLY A 1 23  ? -1.673  -11.111 -11.997 1.00 16.41 ? 23  GLY A N   1 
ATOM   188  C CA  . GLY A 1 23  ? -0.997  -12.145 -12.769 1.00 17.05 ? 23  GLY A CA  1 
ATOM   189  C C   . GLY A 1 23  ? 0.146   -12.902 -12.119 1.00 18.00 ? 23  GLY A C   1 
ATOM   190  O O   . GLY A 1 23  ? 0.981   -13.470 -12.825 1.00 19.45 ? 23  GLY A O   1 
ATOM   191  N N   . VAL A 1 24  ? 0.215   -12.893 -10.791 1.00 14.78 ? 24  VAL A N   1 
ATOM   192  C CA  . VAL A 1 24  ? 1.273   -13.603 -10.093 1.00 13.71 ? 24  VAL A CA  1 
ATOM   193  C C   . VAL A 1 24  ? 0.915   -15.095 -10.033 1.00 15.09 ? 24  VAL A C   1 
ATOM   194  O O   . VAL A 1 24  ? -0.192  -15.462 -9.617  1.00 14.12 ? 24  VAL A O   1 
ATOM   195  C CB  . VAL A 1 24  ? 1.469   -13.035 -8.666  1.00 12.19 ? 24  VAL A CB  1 
ATOM   196  C CG1 . VAL A 1 24  ? 2.575   -13.793 -7.950  1.00 8.69  ? 24  VAL A CG1 1 
ATOM   197  C CG2 . VAL A 1 24  ? 1.778   -11.525 -8.744  1.00 11.37 ? 24  VAL A CG2 1 
ATOM   198  N N   . ASN A 1 25  ? 1.860   -15.950 -10.422 1.00 15.37 ? 25  ASN A N   1 
ATOM   199  C CA  . ASN A 1 25  ? 1.616   -17.385 -10.446 1.00 17.74 ? 25  ASN A CA  1 
ATOM   200  C C   . ASN A 1 25  ? 1.417   -18.029 -9.076  1.00 18.29 ? 25  ASN A C   1 
ATOM   201  O O   . ASN A 1 25  ? 1.816   -17.476 -8.052  1.00 18.05 ? 25  ASN A O   1 
ATOM   202  C CB  . ASN A 1 25  ? 2.661   -18.128 -11.313 1.00 19.41 ? 25  ASN A CB  1 
ATOM   203  C CG  . ASN A 1 25  ? 4.012   -18.326 -10.625 1.00 22.35 ? 25  ASN A CG  1 
ATOM   204  O OD1 . ASN A 1 25  ? 4.102   -18.544 -9.415  1.00 22.64 ? 25  ASN A OD1 1 
ATOM   205  N ND2 . ASN A 1 25  ? 5.070   -18.349 -11.430 1.00 24.15 ? 25  ASN A ND2 1 
ATOM   206  N N   . VAL A 1 26  ? 0.823   -19.220 -9.083  1.00 18.67 ? 26  VAL A N   1 
ATOM   207  C CA  . VAL A 1 26  ? 0.503   -19.951 -7.866  1.00 19.24 ? 26  VAL A CA  1 
ATOM   208  C C   . VAL A 1 26  ? 1.590   -20.064 -6.812  1.00 18.39 ? 26  VAL A C   1 
ATOM   209  O O   . VAL A 1 26  ? 1.343   -19.759 -5.648  1.00 18.50 ? 26  VAL A O   1 
ATOM   210  C CB  . VAL A 1 26  ? -0.035  -21.357 -8.185  1.00 20.77 ? 26  VAL A CB  1 
ATOM   211  C CG1 . VAL A 1 26  ? -0.377  -22.070 -6.896  1.00 22.39 ? 26  VAL A CG1 1 
ATOM   212  C CG2 . VAL A 1 26  ? -1.258  -21.256 -9.071  1.00 21.28 ? 26  VAL A CG2 1 
ATOM   213  N N   . MET A 1 27  ? 2.780   -20.515 -7.206  1.00 19.00 ? 27  MET A N   1 
ATOM   214  C CA  . MET A 1 27  ? 3.882   -20.684 -6.261  1.00 19.54 ? 27  MET A CA  1 
ATOM   215  C C   . MET A 1 27  ? 4.417   -19.379 -5.699  1.00 19.04 ? 27  MET A C   1 
ATOM   216  O O   . MET A 1 27  ? 4.766   -19.323 -4.524  1.00 18.28 ? 27  MET A O   1 
ATOM   217  C CB  . MET A 1 27  ? 5.028   -21.516 -6.855  1.00 23.31 ? 27  MET A CB  1 
ATOM   218  C CG  . MET A 1 27  ? 4.786   -23.038 -6.835  1.00 29.99 ? 27  MET A CG  1 
ATOM   219  S SD  . MET A 1 27  ? 4.297   -23.736 -8.452  1.00 37.48 ? 27  MET A SD  1 
ATOM   220  C CE  . MET A 1 27  ? 4.853   -25.486 -8.273  1.00 35.24 ? 27  MET A CE  1 
ATOM   221  N N   . LEU A 1 28  ? 4.500   -18.343 -6.532  1.00 16.74 ? 28  LEU A N   1 
ATOM   222  C CA  . LEU A 1 28  ? 4.982   -17.047 -6.061  1.00 16.39 ? 28  LEU A CA  1 
ATOM   223  C C   . LEU A 1 28  ? 3.947   -16.461 -5.113  1.00 16.86 ? 28  LEU A C   1 
ATOM   224  O O   . LEU A 1 28  ? 4.301   -15.815 -4.128  1.00 15.09 ? 28  LEU A O   1 
ATOM   225  C CB  . LEU A 1 28  ? 5.271   -16.089 -7.229  1.00 15.94 ? 28  LEU A CB  1 
ATOM   226  C CG  . LEU A 1 28  ? 6.605   -16.352 -7.955  1.00 16.72 ? 28  LEU A CG  1 
ATOM   227  C CD1 . LEU A 1 28  ? 6.736   -15.498 -9.207  1.00 14.38 ? 28  LEU A CD1 1 
ATOM   228  C CD2 . LEU A 1 28  ? 7.782   -16.122 -6.995  1.00 12.81 ? 28  LEU A CD2 1 
ATOM   229  N N   . ARG A 1 29  ? 2.672   -16.731 -5.388  1.00 16.05 ? 29  ARG A N   1 
ATOM   230  C CA  . ARG A 1 29  ? 1.599   -16.243 -4.523  1.00 18.43 ? 29  ARG A CA  1 
ATOM   231  C C   . ARG A 1 29  ? 1.715   -16.851 -3.140  1.00 19.22 ? 29  ARG A C   1 
ATOM   232  O O   . ARG A 1 29  ? 1.590   -16.158 -2.132  1.00 17.97 ? 29  ARG A O   1 
ATOM   233  C CB  . ARG A 1 29  ? 0.225   -16.572 -5.094  1.00 18.63 ? 29  ARG A CB  1 
ATOM   234  C CG  . ARG A 1 29  ? -0.280  -15.549 -6.057  1.00 21.26 ? 29  ARG A CG  1 
ATOM   235  C CD  . ARG A 1 29  ? -1.770  -15.673 -6.202  1.00 24.71 ? 29  ARG A CD  1 
ATOM   236  N NE  . ARG A 1 29  ? -2.108  -16.238 -7.491  1.00 29.88 ? 29  ARG A NE  1 
ATOM   237  C CZ  . ARG A 1 29  ? -2.663  -17.424 -7.678  1.00 29.19 ? 29  ARG A CZ  1 
ATOM   238  N NH1 . ARG A 1 29  ? -2.966  -18.204 -6.655  1.00 30.52 ? 29  ARG A NH1 1 
ATOM   239  N NH2 . ARG A 1 29  ? -2.879  -17.836 -8.903  1.00 31.61 ? 29  ARG A NH2 1 
ATOM   240  N N   . LYS A 1 30  ? 1.972   -18.153 -3.102  1.00 19.76 ? 30  LYS A N   1 
ATOM   241  C CA  . LYS A 1 30  ? 2.110   -18.873 -1.848  1.00 21.96 ? 30  LYS A CA  1 
ATOM   242  C C   . LYS A 1 30  ? 3.174   -18.199 -0.976  1.00 20.91 ? 30  LYS A C   1 
ATOM   243  O O   . LYS A 1 30  ? 2.942   -17.928 0.200   1.00 22.15 ? 30  LYS A O   1 
ATOM   244  C CB  . LYS A 1 30  ? 2.481   -20.335 -2.129  1.00 25.07 ? 30  LYS A CB  1 
ATOM   245  C CG  . LYS A 1 30  ? 2.584   -21.197 -0.889  1.00 30.48 ? 30  LYS A CG  1 
ATOM   246  C CD  . LYS A 1 30  ? 3.025   -22.622 -1.218  1.00 35.43 ? 30  LYS A CD  1 
ATOM   247  C CE  . LYS A 1 30  ? 3.389   -23.384 0.060   1.00 37.96 ? 30  LYS A CE  1 
ATOM   248  N NZ  . LYS A 1 30  ? 3.877   -24.774 -0.206  1.00 41.61 ? 30  LYS A NZ  1 
ATOM   249  N N   . ILE A 1 31  ? 4.320   -17.896 -1.578  1.00 18.38 ? 31  ILE A N   1 
ATOM   250  C CA  . ILE A 1 31  ? 5.429   -17.250 -0.884  1.00 16.41 ? 31  ILE A CA  1 
ATOM   251  C C   . ILE A 1 31  ? 5.028   -15.857 -0.390  1.00 15.39 ? 31  ILE A C   1 
ATOM   252  O O   . ILE A 1 31  ? 5.234   -15.528 0.774   1.00 14.90 ? 31  ILE A O   1 
ATOM   253  C CB  . ILE A 1 31  ? 6.657   -17.108 -1.834  1.00 16.63 ? 31  ILE A CB  1 
ATOM   254  C CG1 . ILE A 1 31  ? 7.173   -18.496 -2.238  1.00 18.74 ? 31  ILE A CG1 1 
ATOM   255  C CG2 . ILE A 1 31  ? 7.756   -16.261 -1.193  1.00 15.71 ? 31  ILE A CG2 1 
ATOM   256  C CD1 . ILE A 1 31  ? 8.317   -18.485 -3.275  1.00 17.27 ? 31  ILE A CD1 1 
ATOM   257  N N   . ALA A 1 32  ? 4.429   -15.063 -1.273  1.00 13.39 ? 32  ALA A N   1 
ATOM   258  C CA  . ALA A 1 32  ? 4.025   -13.695 -0.957  1.00 12.76 ? 32  ALA A CA  1 
ATOM   259  C C   . ALA A 1 32  ? 3.007   -13.606 0.177   1.00 12.11 ? 32  ALA A C   1 
ATOM   260  O O   . ALA A 1 32  ? 3.180   -12.830 1.103   1.00 10.54 ? 32  ALA A O   1 
ATOM   261  C CB  . ALA A 1 32  ? 3.491   -13.015 -2.216  1.00 12.45 ? 32  ALA A CB  1 
ATOM   262  N N   . VAL A 1 33  ? 1.954   -14.414 0.109   1.00 11.95 ? 33  VAL A N   1 
ATOM   263  C CA  . VAL A 1 33  ? 0.909   -14.414 1.132   1.00 13.80 ? 33  VAL A CA  1 
ATOM   264  C C   . VAL A 1 33  ? 1.419   -14.735 2.542   1.00 14.00 ? 33  VAL A C   1 
ATOM   265  O O   . VAL A 1 33  ? 1.012   -14.098 3.513   1.00 14.07 ? 33  VAL A O   1 
ATOM   266  C CB  . VAL A 1 33  ? -0.258  -15.385 0.754   1.00 13.56 ? 33  VAL A CB  1 
ATOM   267  C CG1 . VAL A 1 33  ? -1.227  -15.542 1.916   1.00 16.07 ? 33  VAL A CG1 1 
ATOM   268  C CG2 . VAL A 1 33  ? -1.005  -14.849 -0.462  1.00 14.96 ? 33  VAL A CG2 1 
ATOM   269  N N   . ALA A 1 34  ? 2.319   -15.709 2.654   1.00 14.73 ? 34  ALA A N   1 
ATOM   270  C CA  . ALA A 1 34  ? 2.869   -16.086 3.951   1.00 14.95 ? 34  ALA A CA  1 
ATOM   271  C C   . ALA A 1 34  ? 3.704   -14.948 4.531   1.00 15.59 ? 34  ALA A C   1 
ATOM   272  O O   . ALA A 1 34  ? 3.560   -14.615 5.704   1.00 16.65 ? 34  ALA A O   1 
ATOM   273  C CB  . ALA A 1 34  ? 3.725   -17.353 3.832   1.00 16.10 ? 34  ALA A CB  1 
ATOM   274  N N   . ALA A 1 35  ? 4.564   -14.349 3.708   1.00 13.20 ? 35  ALA A N   1 
ATOM   275  C CA  . ALA A 1 35  ? 5.417   -13.263 4.172   1.00 13.04 ? 35  ALA A CA  1 
ATOM   276  C C   . ALA A 1 35  ? 4.623   -11.994 4.508   1.00 12.91 ? 35  ALA A C   1 
ATOM   277  O O   . ALA A 1 35  ? 4.930   -11.309 5.480   1.00 12.32 ? 35  ALA A O   1 
ATOM   278  C CB  . ALA A 1 35  ? 6.495   -12.960 3.143   1.00 12.14 ? 35  ALA A CB  1 
ATOM   279  N N   . ALA A 1 36  ? 3.577   -11.721 3.735   1.00 11.40 ? 36  ALA A N   1 
ATOM   280  C CA  . ALA A 1 36  ? 2.769   -10.524 3.948   1.00 12.63 ? 36  ALA A CA  1 
ATOM   281  C C   . ALA A 1 36  ? 1.846   -10.568 5.160   1.00 13.40 ? 36  ALA A C   1 
ATOM   282  O O   . ALA A 1 36  ? 1.230   -9.562  5.501   1.00 13.47 ? 36  ALA A O   1 
ATOM   283  C CB  . ALA A 1 36  ? 1.964   -10.209 2.702   1.00 11.79 ? 36  ALA A CB  1 
ATOM   284  N N   . SER A 1 37  ? 1.726   -11.725 5.795   1.00 13.86 ? 37  SER A N   1 
ATOM   285  C CA  . SER A 1 37  ? 0.850   -11.849 6.953   1.00 15.95 ? 37  SER A CA  1 
ATOM   286  C C   . SER A 1 37  ? 1.448   -11.244 8.226   1.00 16.46 ? 37  SER A C   1 
ATOM   287  O O   . SER A 1 37  ? 0.731   -11.012 9.194   1.00 18.23 ? 37  SER A O   1 
ATOM   288  C CB  . SER A 1 37  ? 0.497   -13.312 7.189   1.00 16.93 ? 37  SER A CB  1 
ATOM   289  O OG  . SER A 1 37  ? 1.627   -14.006 7.682   1.00 21.65 ? 37  SER A OG  1 
ATOM   290  N N   . LYS A 1 38  ? 2.750   -10.970 8.215   1.00 16.91 ? 38  LYS A N   1 
ATOM   291  C CA  . LYS A 1 38  ? 3.434   -10.388 9.371   1.00 18.36 ? 38  LYS A CA  1 
ATOM   292  C C   . LYS A 1 38  ? 4.390   -9.254  8.967   1.00 15.90 ? 38  LYS A C   1 
ATOM   293  O O   . LYS A 1 38  ? 5.613   -9.368  9.115   1.00 16.72 ? 38  LYS A O   1 
ATOM   294  C CB  . LYS A 1 38  ? 4.214   -11.486 10.126  1.00 23.99 ? 38  LYS A CB  1 
ATOM   295  C CG  . LYS A 1 38  ? 5.039   -12.413 9.208   1.00 30.97 ? 38  LYS A CG  1 
ATOM   296  C CD  . LYS A 1 38  ? 5.877   -13.437 10.000  1.00 36.44 ? 38  LYS A CD  1 
ATOM   297  C CE  . LYS A 1 38  ? 6.395   -14.593 9.114   1.00 38.70 ? 38  LYS A CE  1 
ATOM   298  N NZ  . LYS A 1 38  ? 7.225   -14.163 7.947   1.00 39.37 ? 38  LYS A NZ  1 
ATOM   299  N N   . PRO A 1 39  ? 3.847   -8.136  8.430   1.00 13.53 ? 39  PRO A N   1 
ATOM   300  C CA  . PRO A 1 39  ? 4.740   -7.042  8.035   1.00 11.87 ? 39  PRO A CA  1 
ATOM   301  C C   . PRO A 1 39  ? 5.113   -6.099  9.180   1.00 12.05 ? 39  PRO A C   1 
ATOM   302  O O   . PRO A 1 39  ? 4.456   -6.078  10.219  1.00 12.12 ? 39  PRO A O   1 
ATOM   303  C CB  . PRO A 1 39  ? 3.904   -6.289  7.004   1.00 9.34  ? 39  PRO A CB  1 
ATOM   304  C CG  . PRO A 1 39  ? 2.546   -6.413  7.536   1.00 10.32 ? 39  PRO A CG  1 
ATOM   305  C CD  . PRO A 1 39  ? 2.451   -7.836  8.070   1.00 10.86 ? 39  PRO A CD  1 
ATOM   306  N N   . ALA A 1 40  ? 6.224   -5.399  9.022   1.00 11.52 ? 40  ALA A N   1 
ATOM   307  C CA  . ALA A 1 40  ? 6.625   -4.390  9.998   1.00 11.84 ? 40  ALA A CA  1 
ATOM   308  C C   . ALA A 1 40  ? 6.435   -3.112  9.179   1.00 10.23 ? 40  ALA A C   1 
ATOM   309  O O   . ALA A 1 40  ? 6.967   -3.002  8.077   1.00 10.42 ? 40  ALA A O   1 
ATOM   310  C CB  . ALA A 1 40  ? 8.085   -4.566  10.409  1.00 11.40 ? 40  ALA A CB  1 
ATOM   311  N N   . VAL A 1 41  ? 5.596   -2.198  9.655   1.00 10.73 ? 41  VAL A N   1 
ATOM   312  C CA  . VAL A 1 41  ? 5.342   -0.948  8.933   1.00 9.92  ? 41  VAL A CA  1 
ATOM   313  C C   . VAL A 1 41  ? 5.746   0.265   9.769   1.00 11.64 ? 41  VAL A C   1 
ATOM   314  O O   . VAL A 1 41  ? 5.327   0.395   10.922  1.00 11.40 ? 41  VAL A O   1 
ATOM   315  C CB  . VAL A 1 41  ? 3.837   -0.797  8.572   1.00 10.67 ? 41  VAL A CB  1 
ATOM   316  C CG1 . VAL A 1 41  ? 3.582   0.520   7.827   1.00 11.34 ? 41  VAL A CG1 1 
ATOM   317  C CG2 . VAL A 1 41  ? 3.367   -1.972  7.718   1.00 11.31 ? 41  VAL A CG2 1 
ATOM   318  N N   . GLU A 1 42  ? 6.552   1.144   9.183   1.00 10.94 ? 42  GLU A N   1 
ATOM   319  C CA  . GLU A 1 42  ? 6.975   2.368   9.857   1.00 12.40 ? 42  GLU A CA  1 
ATOM   320  C C   . GLU A 1 42  ? 6.632   3.587   9.005   1.00 11.42 ? 42  GLU A C   1 
ATOM   321  O O   . GLU A 1 42  ? 7.019   3.678   7.841   1.00 10.46 ? 42  GLU A O   1 
ATOM   322  C CB  . GLU A 1 42  ? 8.471   2.368   10.140  1.00 16.26 ? 42  GLU A CB  1 
ATOM   323  C CG  . GLU A 1 42  ? 8.931   3.701   10.734  1.00 23.78 ? 42  GLU A CG  1 
ATOM   324  C CD  . GLU A 1 42  ? 10.408  3.739   11.057  1.00 27.94 ? 42  GLU A CD  1 
ATOM   325  O OE1 . GLU A 1 42  ? 11.242  3.728   10.119  1.00 29.92 ? 42  GLU A OE1 1 
ATOM   326  O OE2 . GLU A 1 42  ? 10.724  3.792   12.265  1.00 32.64 ? 42  GLU A OE2 1 
ATOM   327  N N   . ILE A 1 43  ? 5.885   4.518   9.589   1.00 10.55 ? 43  ILE A N   1 
ATOM   328  C CA  . ILE A 1 43  ? 5.493   5.724   8.887   1.00 10.69 ? 43  ILE A CA  1 
ATOM   329  C C   . ILE A 1 43  ? 6.014   6.939   9.651   1.00 11.07 ? 43  ILE A C   1 
ATOM   330  O O   . ILE A 1 43  ? 5.926   6.990   10.873  1.00 10.83 ? 43  ILE A O   1 
ATOM   331  C CB  . ILE A 1 43  ? 3.947   5.837   8.784   1.00 10.47 ? 43  ILE A CB  1 
ATOM   332  C CG1 . ILE A 1 43  ? 3.380   4.647   8.016   1.00 10.46 ? 43  ILE A CG1 1 
ATOM   333  C CG2 . ILE A 1 43  ? 3.536   7.156   8.105   1.00 10.34 ? 43  ILE A CG2 1 
ATOM   334  C CD1 . ILE A 1 43  ? 1.873   4.685   7.852   1.00 9.00  ? 43  ILE A CD1 1 
ATOM   335  N N   . LYS A 1 44  ? 6.599   7.881   8.921   1.00 12.26 ? 44  LYS A N   1 
ATOM   336  C CA  . LYS A 1 44  ? 7.089   9.134   9.487   1.00 13.96 ? 44  LYS A CA  1 
ATOM   337  C C   . LYS A 1 44  ? 6.440   10.226  8.643   1.00 14.16 ? 44  LYS A C   1 
ATOM   338  O O   . LYS A 1 44  ? 6.567   10.232  7.413   1.00 14.12 ? 44  LYS A O   1 
ATOM   339  C CB  . LYS A 1 44  ? 8.611   9.225   9.401   1.00 16.58 ? 44  LYS A CB  1 
ATOM   340  C CG  . LYS A 1 44  ? 9.332   8.134   10.187  1.00 22.90 ? 44  LYS A CG  1 
ATOM   341  C CD  . LYS A 1 44  ? 10.833  8.211   9.969   1.00 29.01 ? 44  LYS A CD  1 
ATOM   342  C CE  . LYS A 1 44  ? 11.569  7.085   10.676  1.00 31.56 ? 44  LYS A CE  1 
ATOM   343  N NZ  . LYS A 1 44  ? 13.030  7.129   10.363  1.00 34.70 ? 44  LYS A NZ  1 
ATOM   344  N N   . GLN A 1 45  ? 5.690   11.109  9.297   1.00 15.66 ? 45  GLN A N   1 
ATOM   345  C CA  . GLN A 1 45  ? 4.997   12.197  8.613   1.00 16.03 ? 45  GLN A CA  1 
ATOM   346  C C   . GLN A 1 45  ? 5.410   13.562  9.159   1.00 17.60 ? 45  GLN A C   1 
ATOM   347  O O   . GLN A 1 45  ? 5.531   13.737  10.363  1.00 17.17 ? 45  GLN A O   1 
ATOM   348  C CB  . GLN A 1 45  ? 3.489   12.037  8.788   1.00 15.51 ? 45  GLN A CB  1 
ATOM   349  C CG  . GLN A 1 45  ? 2.666   13.176  8.216   1.00 13.62 ? 45  GLN A CG  1 
ATOM   350  C CD  . GLN A 1 45  ? 1.206   13.051  8.561   1.00 15.68 ? 45  GLN A CD  1 
ATOM   351  O OE1 . GLN A 1 45  ? 0.799   12.133  9.265   1.00 18.84 ? 45  GLN A OE1 1 
ATOM   352  N NE2 . GLN A 1 45  ? 0.406   13.971  8.068   1.00 16.73 ? 45  GLN A NE2 1 
ATOM   353  N N   . GLU A 1 46  ? 5.655   14.507  8.262   1.00 18.48 ? 46  GLU A N   1 
ATOM   354  C CA  . GLU A 1 46  ? 6.009   15.878  8.640   1.00 21.26 ? 46  GLU A CA  1 
ATOM   355  C C   . GLU A 1 46  ? 5.134   16.723  7.741   1.00 19.06 ? 46  GLU A C   1 
ATOM   356  O O   . GLU A 1 46  ? 5.500   17.007  6.607   1.00 20.08 ? 46  GLU A O   1 
ATOM   357  C CB  . GLU A 1 46  ? 7.480   16.174  8.343   1.00 26.45 ? 46  GLU A CB  1 
ATOM   358  C CG  . GLU A 1 46  ? 8.377   16.317  9.579   1.00 37.46 ? 46  GLU A CG  1 
ATOM   359  C CD  . GLU A 1 46  ? 8.213   17.658  10.317  1.00 42.24 ? 46  GLU A CD  1 
ATOM   360  O OE1 . GLU A 1 46  ? 8.762   18.680  9.829   1.00 44.05 ? 46  GLU A OE1 1 
ATOM   361  O OE2 . GLU A 1 46  ? 7.567   17.676  11.399  1.00 44.14 ? 46  GLU A OE2 1 
ATOM   362  N N   . GLY A 1 47  ? 3.946   17.064  8.217   1.00 18.35 ? 47  GLY A N   1 
ATOM   363  C CA  . GLY A 1 47  ? 3.047   17.850  7.398   1.00 18.96 ? 47  GLY A CA  1 
ATOM   364  C C   . GLY A 1 47  ? 2.511   17.003  6.262   1.00 18.27 ? 47  GLY A C   1 
ATOM   365  O O   . GLY A 1 47  ? 1.878   15.986  6.502   1.00 18.05 ? 47  GLY A O   1 
ATOM   366  N N   . ASP A 1 48  ? 2.783   17.402  5.028   1.00 16.66 ? 48  ASP A N   1 
ATOM   367  C CA  . ASP A 1 48  ? 2.310   16.649  3.866   1.00 16.86 ? 48  ASP A CA  1 
ATOM   368  C C   . ASP A 1 48  ? 3.414   15.775  3.247   1.00 15.92 ? 48  ASP A C   1 
ATOM   369  O O   . ASP A 1 48  ? 3.263   15.257  2.127   1.00 14.50 ? 48  ASP A O   1 
ATOM   370  C CB  . ASP A 1 48  ? 1.716   17.599  2.809   1.00 19.00 ? 48  ASP A CB  1 
ATOM   371  C CG  . ASP A 1 48  ? 0.324   18.125  3.185   1.00 21.49 ? 48  ASP A CG  1 
ATOM   372  O OD1 . ASP A 1 48  ? -0.344  17.588  4.107   1.00 23.51 ? 48  ASP A OD1 1 
ATOM   373  O OD2 . ASP A 1 48  ? -0.118  19.084  2.527   1.00 25.04 ? 48  ASP A OD2 1 
ATOM   374  N N   . THR A 1 49  ? 4.515   15.622  3.984   1.00 13.75 ? 49  THR A N   1 
ATOM   375  C CA  . THR A 1 49  ? 5.645   14.819  3.543   1.00 13.82 ? 49  THR A CA  1 
ATOM   376  C C   . THR A 1 49  ? 5.627   13.500  4.298   1.00 13.22 ? 49  THR A C   1 
ATOM   377  O O   . THR A 1 49  ? 5.586   13.476  5.529   1.00 12.56 ? 49  THR A O   1 
ATOM   378  C CB  . THR A 1 49  ? 6.975   15.542  3.792   1.00 16.10 ? 49  THR A CB  1 
ATOM   379  O OG1 . THR A 1 49  ? 6.978   16.785  3.072   1.00 17.94 ? 49  THR A OG1 1 
ATOM   380  C CG2 . THR A 1 49  ? 8.138   14.698  3.307   1.00 16.15 ? 49  THR A CG2 1 
ATOM   381  N N   . PHE A 1 50  ? 5.725   12.405  3.551   1.00 12.20 ? 50  PHE A N   1 
ATOM   382  C CA  . PHE A 1 50  ? 5.667   11.069  4.126   1.00 10.82 ? 50  PHE A CA  1 
ATOM   383  C C   . PHE A 1 50  ? 6.823   10.166  3.729   1.00 10.40 ? 50  PHE A C   1 
ATOM   384  O O   . PHE A 1 50  ? 7.387   10.287  2.636   1.00 9.90  ? 50  PHE A O   1 
ATOM   385  C CB  . PHE A 1 50  ? 4.372   10.367  3.675   1.00 10.78 ? 50  PHE A CB  1 
ATOM   386  C CG  . PHE A 1 50  ? 3.108   10.934  4.268   1.00 13.13 ? 50  PHE A CG  1 
ATOM   387  C CD1 . PHE A 1 50  ? 2.514   12.070  3.727   1.00 11.97 ? 50  PHE A CD1 1 
ATOM   388  C CD2 . PHE A 1 50  ? 2.495   10.311  5.355   1.00 14.34 ? 50  PHE A CD2 1 
ATOM   389  C CE1 . PHE A 1 50  ? 1.345   12.576  4.247   1.00 12.69 ? 50  PHE A CE1 1 
ATOM   390  C CE2 . PHE A 1 50  ? 1.312   10.816  5.887   1.00 14.64 ? 50  PHE A CE2 1 
ATOM   391  C CZ  . PHE A 1 50  ? 0.738   11.954  5.329   1.00 13.15 ? 50  PHE A CZ  1 
ATOM   392  N N   . TYR A 1 51  ? 7.156   9.263   4.647   1.00 10.37 ? 51  TYR A N   1 
ATOM   393  C CA  . TYR A 1 51  ? 8.161   8.239   4.444   1.00 10.95 ? 51  TYR A CA  1 
ATOM   394  C C   . TYR A 1 51  ? 7.420   7.004   4.945   1.00 9.84  ? 51  TYR A C   1 
ATOM   395  O O   . TYR A 1 51  ? 6.896   7.000   6.055   1.00 9.78  ? 51  TYR A O   1 
ATOM   396  C CB  . TYR A 1 51  ? 9.421   8.473   5.288   1.00 12.57 ? 51  TYR A CB  1 
ATOM   397  C CG  . TYR A 1 51  ? 10.287  7.228   5.446   1.00 12.91 ? 51  TYR A CG  1 
ATOM   398  C CD1 . TYR A 1 51  ? 11.192  6.849   4.456   1.00 15.83 ? 51  TYR A CD1 1 
ATOM   399  C CD2 . TYR A 1 51  ? 10.198  6.436   6.591   1.00 14.05 ? 51  TYR A CD2 1 
ATOM   400  C CE1 . TYR A 1 51  ? 11.991  5.711   4.605   1.00 16.52 ? 51  TYR A CE1 1 
ATOM   401  C CE2 . TYR A 1 51  ? 10.985  5.298   6.755   1.00 14.62 ? 51  TYR A CE2 1 
ATOM   402  C CZ  . TYR A 1 51  ? 11.880  4.944   5.761   1.00 16.59 ? 51  TYR A CZ  1 
ATOM   403  O OH  . TYR A 1 51  ? 12.676  3.835   5.929   1.00 17.52 ? 51  TYR A OH  1 
ATOM   404  N N   . ILE A 1 52  ? 7.327   5.978   4.109   1.00 10.57 ? 52  ILE A N   1 
ATOM   405  C CA  . ILE A 1 52  ? 6.634   4.748   4.487   1.00 9.09  ? 52  ILE A CA  1 
ATOM   406  C C   . ILE A 1 52  ? 7.519   3.548   4.161   1.00 8.55  ? 52  ILE A C   1 
ATOM   407  O O   . ILE A 1 52  ? 7.897   3.358   3.010   1.00 10.49 ? 52  ILE A O   1 
ATOM   408  C CB  . ILE A 1 52  ? 5.279   4.600   3.737   1.00 8.96  ? 52  ILE A CB  1 
ATOM   409  C CG1 . ILE A 1 52  ? 4.360   5.802   4.047   1.00 9.15  ? 52  ILE A CG1 1 
ATOM   410  C CG2 . ILE A 1 52  ? 4.593   3.302   4.159   1.00 10.39 ? 52  ILE A CG2 1 
ATOM   411  C CD1 . ILE A 1 52  ? 2.985   5.731   3.424   1.00 8.10  ? 52  ILE A CD1 1 
ATOM   412  N N   . LYS A 1 53  ? 7.876   2.773   5.186   1.00 8.61  ? 53  LYS A N   1 
ATOM   413  C CA  . LYS A 1 53  ? 8.696   1.577   5.017   1.00 9.66  ? 53  LYS A CA  1 
ATOM   414  C C   . LYS A 1 53  ? 7.877   0.352   5.396   1.00 8.71  ? 53  LYS A C   1 
ATOM   415  O O   . LYS A 1 53  ? 7.363   0.261   6.504   1.00 7.58  ? 53  LYS A O   1 
ATOM   416  C CB  . LYS A 1 53  ? 9.930   1.625   5.898   1.00 10.60 ? 53  LYS A CB  1 
ATOM   417  C CG  . LYS A 1 53  ? 10.846  0.416   5.716   1.00 14.21 ? 53  LYS A CG  1 
ATOM   418  C CD  . LYS A 1 53  ? 11.971  0.502   6.712   1.00 20.27 ? 53  LYS A CD  1 
ATOM   419  C CE  . LYS A 1 53  ? 13.174  -0.334  6.327   1.00 26.91 ? 53  LYS A CE  1 
ATOM   420  N NZ  . LYS A 1 53  ? 14.143  -0.299  7.477   1.00 29.12 ? 53  LYS A NZ  1 
ATOM   421  N N   . THR A 1 54  ? 7.729   -0.575  4.455   1.00 8.49  ? 54  THR A N   1 
ATOM   422  C CA  . THR A 1 54  ? 6.981   -1.795  4.704   1.00 7.98  ? 54  THR A CA  1 
ATOM   423  C C   . THR A 1 54  ? 7.960   -2.941  4.516   1.00 8.23  ? 54  THR A C   1 
ATOM   424  O O   . THR A 1 54  ? 8.484   -3.157  3.425   1.00 8.40  ? 54  THR A O   1 
ATOM   425  C CB  . THR A 1 54  ? 5.803   -1.928  3.756   1.00 8.33  ? 54  THR A CB  1 
ATOM   426  O OG1 . THR A 1 54  ? 5.011   -0.741  3.835   1.00 9.95  ? 54  THR A OG1 1 
ATOM   427  C CG2 . THR A 1 54  ? 4.944   -3.124  4.155   1.00 4.95  ? 54  THR A CG2 1 
ATOM   428  N N   . SER A 1 55  ? 8.165   -3.704  5.581   1.00 8.75  ? 55  SER A N   1 
ATOM   429  C CA  . SER A 1 55  ? 9.137   -4.772  5.557   1.00 10.50 ? 55  SER A CA  1 
ATOM   430  C C   . SER A 1 55  ? 8.602   -6.175  5.829   1.00 9.24  ? 55  SER A C   1 
ATOM   431  O O   . SER A 1 55  ? 7.741   -6.373  6.687   1.00 8.98  ? 55  SER A O   1 
ATOM   432  C CB  . SER A 1 55  ? 10.239  -4.418  6.558   1.00 13.09 ? 55  SER A CB  1 
ATOM   433  O OG  . SER A 1 55  ? 11.175  -5.465  6.703   1.00 23.11 ? 55  SER A OG  1 
ATOM   434  N N   . THR A 1 56  ? 9.088   -7.131  5.039   1.00 8.86  ? 56  THR A N   1 
ATOM   435  C CA  . THR A 1 56  ? 8.751   -8.553  5.191   1.00 8.05  ? 56  THR A CA  1 
ATOM   436  C C   . THR A 1 56  ? 10.058  -9.332  4.927   1.00 8.09  ? 56  THR A C   1 
ATOM   437  O O   . THR A 1 56  ? 11.044  -8.767  4.462   1.00 7.17  ? 56  THR A O   1 
ATOM   438  C CB  . THR A 1 56  ? 7.662   -9.049  4.188   1.00 6.70  ? 56  THR A CB  1 
ATOM   439  O OG1 . THR A 1 56  ? 8.191   -9.044  2.861   1.00 9.76  ? 56  THR A OG1 1 
ATOM   440  C CG2 . THR A 1 56  ? 6.425   -8.172  4.227   1.00 7.76  ? 56  THR A CG2 1 
ATOM   441  N N   . THR A 1 57  ? 10.063  -10.625 5.235   1.00 9.17  ? 57  THR A N   1 
ATOM   442  C CA  . THR A 1 57  ? 11.233  -11.486 5.030   1.00 8.49  ? 57  THR A CA  1 
ATOM   443  C C   . THR A 1 57  ? 11.650  -11.626 3.559   1.00 7.50  ? 57  THR A C   1 
ATOM   444  O O   . THR A 1 57  ? 12.784  -11.978 3.276   1.00 9.40  ? 57  THR A O   1 
ATOM   445  C CB  . THR A 1 57  ? 10.965  -12.922 5.572   1.00 9.12  ? 57  THR A CB  1 
ATOM   446  O OG1 . THR A 1 57  ? 9.744   -13.421 5.021   1.00 9.41  ? 57  THR A OG1 1 
ATOM   447  C CG2 . THR A 1 57  ? 10.861  -12.926 7.078   1.00 11.48 ? 57  THR A CG2 1 
ATOM   448  N N   . VAL A 1 58  ? 10.731  -11.352 2.635   1.00 8.04  ? 58  VAL A N   1 
ATOM   449  C CA  . VAL A 1 58  ? 10.992  -11.491 1.189   1.00 9.09  ? 58  VAL A CA  1 
ATOM   450  C C   . VAL A 1 58  ? 11.033  -10.206 0.351   1.00 8.67  ? 58  VAL A C   1 
ATOM   451  O O   . VAL A 1 58  ? 11.458  -10.228 -0.803  1.00 6.97  ? 58  VAL A O   1 
ATOM   452  C CB  . VAL A 1 58  ? 9.949   -12.462 0.525   1.00 9.96  ? 58  VAL A CB  1 
ATOM   453  C CG1 . VAL A 1 58  ? 9.893   -13.811 1.281   1.00 11.08 ? 58  VAL A CG1 1 
ATOM   454  C CG2 . VAL A 1 58  ? 8.550   -11.824 0.487   1.00 9.41  ? 58  VAL A CG2 1 
ATOM   455  N N   . ARG A 1 59  ? 10.623  -9.082  0.934   1.00 8.88  ? 59  ARG A N   1 
ATOM   456  C CA  . ARG A 1 59  ? 10.583  -7.829  0.197   1.00 9.95  ? 59  ARG A CA  1 
ATOM   457  C C   . ARG A 1 59  ? 10.347  -6.665  1.134   1.00 10.14 ? 59  ARG A C   1 
ATOM   458  O O   . ARG A 1 59  ? 9.472   -6.727  1.980   1.00 10.10 ? 59  ARG A O   1 
ATOM   459  C CB  . ARG A 1 59  ? 9.423   -7.888  -0.812  1.00 13.11 ? 59  ARG A CB  1 
ATOM   460  C CG  . ARG A 1 59  ? 9.145   -6.616  -1.621  1.00 16.80 ? 59  ARG A CG  1 
ATOM   461  C CD  . ARG A 1 59  ? 8.230   -6.953  -2.807  1.00 18.74 ? 59  ARG A CD  1 
ATOM   462  N NE  . ARG A 1 59  ? 7.634   -5.785  -3.450  1.00 20.63 ? 59  ARG A NE  1 
ATOM   463  C CZ  . ARG A 1 59  ? 8.213   -5.074  -4.413  1.00 22.94 ? 59  ARG A CZ  1 
ATOM   464  N NH1 . ARG A 1 59  ? 9.420   -5.403  -4.867  1.00 22.55 ? 59  ARG A NH1 1 
ATOM   465  N NH2 . ARG A 1 59  ? 7.591   -4.005  -4.906  1.00 23.68 ? 59  ARG A NH2 1 
ATOM   466  N N   . THR A 1 60  ? 11.108  -5.594  0.940   1.00 11.23 ? 60  THR A N   1 
ATOM   467  C CA  . THR A 1 60  ? 10.971  -4.385  1.739   1.00 11.84 ? 60  THR A CA  1 
ATOM   468  C C   . THR A 1 60  ? 10.876  -3.227  0.755   1.00 11.73 ? 60  THR A C   1 
ATOM   469  O O   . THR A 1 60  ? 11.604  -3.197  -0.236  1.00 13.69 ? 60  THR A O   1 
ATOM   470  C CB  . THR A 1 60  ? 12.214  -4.165  2.661   1.00 10.13 ? 60  THR A CB  1 
ATOM   471  O OG1 . THR A 1 60  ? 12.223  -5.155  3.697   1.00 10.55 ? 60  THR A OG1 1 
ATOM   472  C CG2 . THR A 1 60  ? 12.179  -2.770  3.300   1.00 11.01 ? 60  THR A CG2 1 
ATOM   473  N N   . THR A 1 61  ? 9.934   -2.316  0.985   1.00 11.78 ? 61  THR A N   1 
ATOM   474  C CA  . THR A 1 61  ? 9.768   -1.137  0.132   1.00 11.54 ? 61  THR A CA  1 
ATOM   475  C C   . THR A 1 61  ? 9.852   0.094   1.027   1.00 10.88 ? 61  THR A C   1 
ATOM   476  O O   . THR A 1 61  ? 9.446   0.048   2.182   1.00 9.63  ? 61  THR A O   1 
ATOM   477  C CB  . THR A 1 61  ? 8.383   -1.101  -0.629  1.00 12.65 ? 61  THR A CB  1 
ATOM   478  O OG1 . THR A 1 61  ? 7.308   -1.081  0.311   1.00 14.13 ? 61  THR A OG1 1 
ATOM   479  C CG2 . THR A 1 61  ? 8.200   -2.315  -1.548  1.00 14.15 ? 61  THR A CG2 1 
ATOM   480  N N   . GLU A 1 62  ? 10.441  1.164   0.502   1.00 12.14 ? 62  GLU A N   1 
ATOM   481  C CA  . GLU A 1 62  ? 10.558  2.434   1.218   1.00 12.88 ? 62  GLU A CA  1 
ATOM   482  C C   . GLU A 1 62  ? 10.152  3.507   0.233   1.00 12.21 ? 62  GLU A C   1 
ATOM   483  O O   . GLU A 1 62  ? 10.775  3.635   -0.815  1.00 13.95 ? 62  GLU A O   1 
ATOM   484  C CB  . GLU A 1 62  ? 12.000  2.693   1.645   1.00 16.15 ? 62  GLU A CB  1 
ATOM   485  C CG  . GLU A 1 62  ? 12.508  1.676   2.612   1.00 23.65 ? 62  GLU A CG  1 
ATOM   486  C CD  . GLU A 1 62  ? 13.950  1.906   2.988   1.00 29.90 ? 62  GLU A CD  1 
ATOM   487  O OE1 . GLU A 1 62  ? 14.229  2.920   3.665   1.00 31.84 ? 62  GLU A OE1 1 
ATOM   488  O OE2 . GLU A 1 62  ? 14.799  1.062   2.611   1.00 33.89 ? 62  GLU A OE2 1 
ATOM   489  N N   . ILE A 1 63  ? 9.084   4.237   0.514   1.00 10.43 ? 63  ILE A N   1 
ATOM   490  C CA  . ILE A 1 63  ? 8.675   5.288   -0.398  1.00 11.02 ? 63  ILE A CA  1 
ATOM   491  C C   . ILE A 1 63  ? 8.719   6.641   0.307   1.00 11.60 ? 63  ILE A C   1 
ATOM   492  O O   . ILE A 1 63  ? 8.605   6.706   1.527   1.00 9.20  ? 63  ILE A O   1 
ATOM   493  C CB  . ILE A 1 63  ? 7.273   5.026   -1.045  1.00 11.28 ? 63  ILE A CB  1 
ATOM   494  C CG1 . ILE A 1 63  ? 6.171   4.943   0.004   1.00 10.60 ? 63  ILE A CG1 1 
ATOM   495  C CG2 . ILE A 1 63  ? 7.316   3.762   -1.890  1.00 11.62 ? 63  ILE A CG2 1 
ATOM   496  C CD1 . ILE A 1 63  ? 4.765   4.783   -0.594  1.00 13.40 ? 63  ILE A CD1 1 
ATOM   497  N N   . ASN A 1 64  ? 9.035   7.678   -0.461  1.00 12.13 ? 64  ASN A N   1 
ATOM   498  C CA  . ASN A 1 64  ? 9.106   9.047   0.047   1.00 14.79 ? 64  ASN A CA  1 
ATOM   499  C C   . ASN A 1 64  ? 8.293   9.901   -0.906  1.00 13.29 ? 64  ASN A C   1 
ATOM   500  O O   . ASN A 1 64  ? 8.575   9.943   -2.113  1.00 13.29 ? 64  ASN A O   1 
ATOM   501  C CB  . ASN A 1 64  ? 10.552  9.587   0.062   1.00 16.87 ? 64  ASN A CB  1 
ATOM   502  C CG  . ASN A 1 64  ? 11.405  8.958   1.135   1.00 20.91 ? 64  ASN A CG  1 
ATOM   503  O OD1 . ASN A 1 64  ? 11.360  9.368   2.292   1.00 22.91 ? 64  ASN A OD1 1 
ATOM   504  N ND2 . ASN A 1 64  ? 12.192  7.953   0.758   1.00 22.20 ? 64  ASN A ND2 1 
ATOM   505  N N   . PHE A 1 65  ? 7.290   10.587  -0.376  1.00 12.90 ? 65  PHE A N   1 
ATOM   506  C CA  . PHE A 1 65  ? 6.481   11.440  -1.226  1.00 12.63 ? 65  PHE A CA  1 
ATOM   507  C C   . PHE A 1 65  ? 5.905   12.655  -0.516  1.00 13.07 ? 65  PHE A C   1 
ATOM   508  O O   . PHE A 1 65  ? 5.867   12.715  0.711   1.00 12.50 ? 65  PHE A O   1 
ATOM   509  C CB  . PHE A 1 65  ? 5.345   10.643  -1.873  1.00 11.31 ? 65  PHE A CB  1 
ATOM   510  C CG  . PHE A 1 65  ? 4.349   10.093  -0.895  1.00 12.32 ? 65  PHE A CG  1 
ATOM   511  C CD1 . PHE A 1 65  ? 3.267   10.863  -0.466  1.00 10.31 ? 65  PHE A CD1 1 
ATOM   512  C CD2 . PHE A 1 65  ? 4.492   8.809   -0.400  1.00 11.23 ? 65  PHE A CD2 1 
ATOM   513  C CE1 . PHE A 1 65  ? 2.349   10.361  0.443   1.00 11.00 ? 65  PHE A CE1 1 
ATOM   514  C CE2 . PHE A 1 65  ? 3.571   8.298   0.513   1.00 11.69 ? 65  PHE A CE2 1 
ATOM   515  C CZ  . PHE A 1 65  ? 2.504   9.074   0.932   1.00 12.20 ? 65  PHE A CZ  1 
ATOM   516  N N   . LYS A 1 66  ? 5.509   13.641  -1.308  1.00 13.15 ? 66  LYS A N   1 
ATOM   517  C CA  . LYS A 1 66  ? 4.862   14.826  -0.789  1.00 13.41 ? 66  LYS A CA  1 
ATOM   518  C C   . LYS A 1 66  ? 3.491   14.756  -1.460  1.00 12.17 ? 66  LYS A C   1 
ATOM   519  O O   . LYS A 1 66  ? 3.402   14.436  -2.649  1.00 12.93 ? 66  LYS A O   1 
ATOM   520  C CB  . LYS A 1 66  ? 5.644   16.087  -1.196  1.00 16.68 ? 66  LYS A CB  1 
ATOM   521  C CG  . LYS A 1 66  ? 4.925   17.389  -0.882  1.00 24.60 ? 66  LYS A CG  1 
ATOM   522  C CD  . LYS A 1 66  ? 5.898   18.551  -0.641  1.00 28.53 ? 66  LYS A CD  1 
ATOM   523  C CE  . LYS A 1 66  ? 5.140   19.884  -0.468  1.00 32.17 ? 66  LYS A CE  1 
ATOM   524  N NZ  . LYS A 1 66  ? 4.093   19.874  0.609   1.00 32.54 ? 66  LYS A NZ  1 
ATOM   525  N N   . VAL A 1 67  ? 2.421   14.948  -0.689  1.00 11.82 ? 67  VAL A N   1 
ATOM   526  C CA  . VAL A 1 67  ? 1.071   14.905  -1.254  1.00 10.93 ? 67  VAL A CA  1 
ATOM   527  C C   . VAL A 1 67  ? 0.935   15.971  -2.348  1.00 11.97 ? 67  VAL A C   1 
ATOM   528  O O   . VAL A 1 67  ? 1.373   17.114  -2.161  1.00 13.54 ? 67  VAL A O   1 
ATOM   529  C CB  . VAL A 1 67  ? -0.019  15.109  -0.162  1.00 10.09 ? 67  VAL A CB  1 
ATOM   530  C CG1 . VAL A 1 67  ? -1.406  15.018  -0.772  1.00 10.96 ? 67  VAL A CG1 1 
ATOM   531  C CG2 . VAL A 1 67  ? 0.134   14.073  0.937   1.00 10.21 ? 67  VAL A CG2 1 
ATOM   532  N N   . GLY A 1 68  ? 0.430   15.556  -3.512  1.00 9.80  ? 68  GLY A N   1 
ATOM   533  C CA  . GLY A 1 68  ? 0.241   16.469  -4.626  1.00 9.33  ? 68  GLY A CA  1 
ATOM   534  C C   . GLY A 1 68  ? 1.405   16.568  -5.588  1.00 10.60 ? 68  GLY A C   1 
ATOM   535  O O   . GLY A 1 68  ? 1.321   17.272  -6.602  1.00 11.93 ? 68  GLY A O   1 
ATOM   536  N N   . GLU A 1 69  ? 2.489   15.857  -5.288  1.00 11.12 ? 69  GLU A N   1 
ATOM   537  C CA  . GLU A 1 69  ? 3.678   15.853  -6.145  1.00 12.64 ? 69  GLU A CA  1 
ATOM   538  C C   . GLU A 1 69  ? 3.982   14.448  -6.647  1.00 13.09 ? 69  GLU A C   1 
ATOM   539  O O   . GLU A 1 69  ? 4.006   13.487  -5.882  1.00 12.17 ? 69  GLU A O   1 
ATOM   540  C CB  . GLU A 1 69  ? 4.872   16.463  -5.412  1.00 12.20 ? 69  GLU A CB  1 
ATOM   541  C CG  . GLU A 1 69  ? 4.654   17.960  -5.210  1.00 17.44 ? 69  GLU A CG  1 
ATOM   542  C CD  . GLU A 1 69  ? 5.807   18.709  -4.563  1.00 21.02 ? 69  GLU A CD  1 
ATOM   543  O OE1 . GLU A 1 69  ? 6.968   18.253  -4.617  1.00 21.43 ? 69  GLU A OE1 1 
ATOM   544  O OE2 . GLU A 1 69  ? 5.538   19.799  -4.011  1.00 23.44 ? 69  GLU A OE2 1 
ATOM   545  N N   . GLU A 1 70  ? 4.129   14.327  -7.957  1.00 14.53 ? 70  GLU A N   1 
ATOM   546  C CA  . GLU A 1 70  ? 4.394   13.040  -8.567  1.00 15.80 ? 70  GLU A CA  1 
ATOM   547  C C   . GLU A 1 70  ? 5.706   12.397  -8.132  1.00 13.72 ? 70  GLU A C   1 
ATOM   548  O O   . GLU A 1 70  ? 6.708   13.068  -7.901  1.00 13.66 ? 70  GLU A O   1 
ATOM   549  C CB  . GLU A 1 70  ? 4.326   13.163  -10.082 1.00 19.99 ? 70  GLU A CB  1 
ATOM   550  C CG  . GLU A 1 70  ? 4.358   11.823  -10.776 1.00 28.23 ? 70  GLU A CG  1 
ATOM   551  C CD  . GLU A 1 70  ? 4.081   11.942  -12.245 1.00 32.73 ? 70  GLU A CD  1 
ATOM   552  O OE1 . GLU A 1 70  ? 2.889   12.076  -12.615 1.00 35.76 ? 70  GLU A OE1 1 
ATOM   553  O OE2 . GLU A 1 70  ? 5.059   11.910  -13.023 1.00 35.75 ? 70  GLU A OE2 1 
ATOM   554  N N   . PHE A 1 71  ? 5.666   11.083  -7.943  1.00 12.80 ? 71  PHE A N   1 
ATOM   555  C CA  . PHE A 1 71  ? 6.841   10.322  -7.541  1.00 12.36 ? 71  PHE A CA  1 
ATOM   556  C C   . PHE A 1 71  ? 6.827   8.965   -8.226  1.00 12.97 ? 71  PHE A C   1 
ATOM   557  O O   . PHE A 1 71  ? 5.869   8.606   -8.898  1.00 12.54 ? 71  PHE A O   1 
ATOM   558  C CB  . PHE A 1 71  ? 6.966   10.189  -6.004  1.00 10.02 ? 71  PHE A CB  1 
ATOM   559  C CG  . PHE A 1 71  ? 5.923   9.310   -5.359  1.00 10.48 ? 71  PHE A CG  1 
ATOM   560  C CD1 . PHE A 1 71  ? 4.623   9.757   -5.191  1.00 9.95  ? 71  PHE A CD1 1 
ATOM   561  C CD2 . PHE A 1 71  ? 6.262   8.055   -4.876  1.00 9.29  ? 71  PHE A CD2 1 
ATOM   562  C CE1 . PHE A 1 71  ? 3.680   8.973   -4.551  1.00 9.74  ? 71  PHE A CE1 1 
ATOM   563  C CE2 . PHE A 1 71  ? 5.326   7.274   -4.243  1.00 9.51  ? 71  PHE A CE2 1 
ATOM   564  C CZ  . PHE A 1 71  ? 4.032   7.736   -4.079  1.00 8.47  ? 71  PHE A CZ  1 
ATOM   565  N N   . GLU A 1 72  ? 7.898   8.215   -8.046  1.00 15.04 ? 72  GLU A N   1 
ATOM   566  C CA  . GLU A 1 72  ? 8.004   6.920   -8.675  1.00 17.19 ? 72  GLU A CA  1 
ATOM   567  C C   . GLU A 1 72  ? 8.137   5.833   -7.614  1.00 15.53 ? 72  GLU A C   1 
ATOM   568  O O   . GLU A 1 72  ? 8.858   5.995   -6.628  1.00 16.16 ? 72  GLU A O   1 
ATOM   569  C CB  . GLU A 1 72  ? 9.222   6.937   -9.590  1.00 22.03 ? 72  GLU A CB  1 
ATOM   570  C CG  . GLU A 1 72  ? 9.101   6.108   -10.830 1.00 30.80 ? 72  GLU A CG  1 
ATOM   571  C CD  . GLU A 1 72  ? 10.357  6.178   -11.671 1.00 34.75 ? 72  GLU A CD  1 
ATOM   572  O OE1 . GLU A 1 72  ? 10.519  7.180   -12.405 1.00 35.88 ? 72  GLU A OE1 1 
ATOM   573  O OE2 . GLU A 1 72  ? 11.186  5.236   -11.581 1.00 38.91 ? 72  GLU A OE2 1 
ATOM   574  N N   . GLU A 1 73  ? 7.350   4.773   -7.770  1.00 13.46 ? 73  GLU A N   1 
ATOM   575  C CA  . GLU A 1 73  ? 7.396   3.632   -6.856  1.00 13.89 ? 73  GLU A CA  1 
ATOM   576  C C   . GLU A 1 73  ? 7.134   2.377   -7.701  1.00 13.70 ? 73  GLU A C   1 
ATOM   577  O O   . GLU A 1 73  ? 7.420   2.367   -8.900  1.00 13.63 ? 73  GLU A O   1 
ATOM   578  C CB  . GLU A 1 73  ? 6.356   3.769   -5.722  1.00 12.63 ? 73  GLU A CB  1 
ATOM   579  C CG  . GLU A 1 73  ? 4.905   3.902   -6.161  1.00 10.55 ? 73  GLU A CG  1 
ATOM   580  C CD  . GLU A 1 73  ? 3.919   3.810   -5.000  1.00 8.94  ? 73  GLU A CD  1 
ATOM   581  O OE1 . GLU A 1 73  ? 4.284   3.344   -3.917  1.00 12.29 ? 73  GLU A OE1 1 
ATOM   582  O OE2 . GLU A 1 73  ? 2.751   4.177   -5.170  1.00 10.37 ? 73  GLU A OE2 1 
ATOM   583  N N   . GLN A 1 74  ? 6.616   1.324   -7.078  1.00 13.09 ? 74  GLN A N   1 
ATOM   584  C CA  . GLN A 1 74  ? 6.307   0.103   -7.796  1.00 13.16 ? 74  GLN A CA  1 
ATOM   585  C C   . GLN A 1 74  ? 4.950   -0.402  -7.383  1.00 12.86 ? 74  GLN A C   1 
ATOM   586  O O   . GLN A 1 74  ? 4.480   -0.125  -6.275  1.00 13.17 ? 74  GLN A O   1 
ATOM   587  C CB  . GLN A 1 74  ? 7.324   -0.990  -7.470  1.00 15.91 ? 74  GLN A CB  1 
ATOM   588  C CG  . GLN A 1 74  ? 8.688   -0.793  -8.082  1.00 19.68 ? 74  GLN A CG  1 
ATOM   589  C CD  . GLN A 1 74  ? 9.628   -1.950  -7.796  1.00 21.00 ? 74  GLN A CD  1 
ATOM   590  O OE1 . GLN A 1 74  ? 9.444   -2.712  -6.839  1.00 22.37 ? 74  GLN A OE1 1 
ATOM   591  N NE2 . GLN A 1 74  ? 10.644  -2.087  -8.632  1.00 24.07 ? 74  GLN A NE2 1 
ATOM   592  N N   . THR A 1 75  ? 4.307   -1.140  -8.273  1.00 10.98 ? 75  THR A N   1 
ATOM   593  C CA  . THR A 1 75  ? 3.026   -1.745  -7.938  1.00 11.83 ? 75  THR A CA  1 
ATOM   594  C C   . THR A 1 75  ? 3.345   -2.879  -6.942  1.00 11.24 ? 75  THR A C   1 
ATOM   595  O O   . THR A 1 75  ? 4.518   -3.225  -6.749  1.00 9.95  ? 75  THR A O   1 
ATOM   596  C CB  . THR A 1 75  ? 2.360   -2.346  -9.197  1.00 11.93 ? 75  THR A CB  1 
ATOM   597  O OG1 . THR A 1 75  ? 3.232   -3.336  -9.765  1.00 13.31 ? 75  THR A OG1 1 
ATOM   598  C CG2 . THR A 1 75  ? 2.080   -1.249  -10.227 1.00 13.29 ? 75  THR A CG2 1 
ATOM   599  N N   . VAL A 1 76  ? 2.310   -3.479  -6.345  1.00 13.77 ? 76  VAL A N   1 
ATOM   600  C CA  . VAL A 1 76  ? 2.483   -4.569  -5.368  1.00 14.39 ? 76  VAL A CA  1 
ATOM   601  C C   . VAL A 1 76  ? 3.271   -5.756  -5.930  1.00 12.97 ? 76  VAL A C   1 
ATOM   602  O O   . VAL A 1 76  ? 4.079   -6.354  -5.223  1.00 13.75 ? 76  VAL A O   1 
ATOM   603  C CB  . VAL A 1 76  ? 1.121   -5.087  -4.817  1.00 15.44 ? 76  VAL A CB  1 
ATOM   604  C CG1 . VAL A 1 76  ? 1.327   -5.809  -3.502  1.00 17.74 ? 76  VAL A CG1 1 
ATOM   605  C CG2 . VAL A 1 76  ? 0.162   -3.956  -4.605  1.00 19.99 ? 76  VAL A CG2 1 
ATOM   606  N N   . ASP A 1 77  ? 3.055   -6.072  -7.205  1.00 13.67 ? 77  ASP A N   1 
ATOM   607  C CA  . ASP A 1 77  ? 3.758   -7.176  -7.856  1.00 14.47 ? 77  ASP A CA  1 
ATOM   608  C C   . ASP A 1 77  ? 5.151   -6.799  -8.385  1.00 15.23 ? 77  ASP A C   1 
ATOM   609  O O   . ASP A 1 77  ? 5.791   -7.585  -9.082  1.00 14.90 ? 77  ASP A O   1 
ATOM   610  C CB  . ASP A 1 77  ? 2.883   -7.829  -8.944  1.00 15.63 ? 77  ASP A CB  1 
ATOM   611  C CG  . ASP A 1 77  ? 2.538   -6.889  -10.089 1.00 15.92 ? 77  ASP A CG  1 
ATOM   612  O OD1 . ASP A 1 77  ? 2.121   -5.730  -9.854  1.00 14.64 ? 77  ASP A OD1 1 
ATOM   613  O OD2 . ASP A 1 77  ? 2.659   -7.331  -11.247 1.00 17.79 ? 77  ASP A OD2 1 
ATOM   614  N N   . GLY A 1 78  ? 5.587   -5.571  -8.078  1.00 15.17 ? 78  GLY A N   1 
ATOM   615  C CA  . GLY A 1 78  ? 6.917   -5.105  -8.458  1.00 15.90 ? 78  GLY A CA  1 
ATOM   616  C C   . GLY A 1 78  ? 7.187   -4.337  -9.745  1.00 16.89 ? 78  GLY A C   1 
ATOM   617  O O   . GLY A 1 78  ? 8.347   -4.216  -10.147 1.00 19.37 ? 78  GLY A O   1 
ATOM   618  N N   . ARG A 1 79  ? 6.167   -3.785  -10.384 1.00 16.76 ? 79  ARG A N   1 
ATOM   619  C CA  . ARG A 1 79  ? 6.385   -3.045  -11.626 1.00 18.08 ? 79  ARG A CA  1 
ATOM   620  C C   . ARG A 1 79  ? 6.487   -1.536  -11.404 1.00 16.55 ? 79  ARG A C   1 
ATOM   621  O O   . ARG A 1 79  ? 5.683   -0.966  -10.676 1.00 16.57 ? 79  ARG A O   1 
ATOM   622  C CB  . ARG A 1 79  ? 5.259   -3.342  -12.608 1.00 20.74 ? 79  ARG A CB  1 
ATOM   623  C CG  . ARG A 1 79  ? 5.117   -4.815  -12.937 1.00 25.89 ? 79  ARG A CG  1 
ATOM   624  C CD  . ARG A 1 79  ? 3.868   -5.080  -13.747 1.00 29.77 ? 79  ARG A CD  1 
ATOM   625  N NE  . ARG A 1 79  ? 2.672   -4.641  -13.034 1.00 34.52 ? 79  ARG A NE  1 
ATOM   626  C CZ  . ARG A 1 79  ? 1.457   -5.155  -13.204 1.00 35.90 ? 79  ARG A CZ  1 
ATOM   627  N NH1 . ARG A 1 79  ? 1.259   -6.150  -14.065 1.00 37.70 ? 79  ARG A NH1 1 
ATOM   628  N NH2 . ARG A 1 79  ? 0.436   -4.667  -12.511 1.00 35.58 ? 79  ARG A NH2 1 
ATOM   629  N N   . PRO A 1 80  ? 7.488   -0.874  -12.012 1.00 15.98 ? 80  PRO A N   1 
ATOM   630  C CA  . PRO A 1 80  ? 7.663   0.575   -11.863 1.00 15.47 ? 80  PRO A CA  1 
ATOM   631  C C   . PRO A 1 80  ? 6.444   1.370   -12.318 1.00 14.23 ? 80  PRO A C   1 
ATOM   632  O O   . PRO A 1 80  ? 5.849   1.089   -13.361 1.00 14.56 ? 80  PRO A O   1 
ATOM   633  C CB  . PRO A 1 80  ? 8.874   0.873   -12.753 1.00 15.48 ? 80  PRO A CB  1 
ATOM   634  C CG  . PRO A 1 80  ? 9.676   -0.344  -12.626 1.00 18.18 ? 80  PRO A CG  1 
ATOM   635  C CD  . PRO A 1 80  ? 8.638   -1.455  -12.724 1.00 17.08 ? 80  PRO A CD  1 
ATOM   636  N N   . CYS A 1 81  ? 6.097   2.393   -11.546 1.00 13.52 ? 81  CYS A N   1 
ATOM   637  C CA  . CYS A 1 81  ? 4.960   3.232   -11.873 1.00 12.41 ? 81  CYS A CA  1 
ATOM   638  C C   . CYS A 1 81  ? 5.175   4.652   -11.361 1.00 12.52 ? 81  CYS A C   1 
ATOM   639  O O   . CYS A 1 81  ? 6.061   4.898   -10.533 1.00 11.74 ? 81  CYS A O   1 
ATOM   640  C CB  . CYS A 1 81  ? 3.669   2.643   -11.261 1.00 11.59 ? 81  CYS A CB  1 
ATOM   641  S SG  . CYS A 1 81  ? 3.613   2.591   -9.434  1.00 12.86 ? 81  CYS A SG  1 
ATOM   642  N N   . LYS A 1 82  ? 4.419   5.580   -11.934 1.00 13.86 ? 82  LYS A N   1 
ATOM   643  C CA  . LYS A 1 82  ? 4.425   6.977   -11.519 1.00 14.38 ? 82  LYS A CA  1 
ATOM   644  C C   . LYS A 1 82  ? 3.170   7.103   -10.657 1.00 13.51 ? 82  LYS A C   1 
ATOM   645  O O   . LYS A 1 82  ? 2.089   6.652   -11.045 1.00 12.69 ? 82  LYS A O   1 
ATOM   646  C CB  . LYS A 1 82  ? 4.328   7.913   -12.714 1.00 18.36 ? 82  LYS A CB  1 
ATOM   647  C CG  . LYS A 1 82  ? 5.631   8.115   -13.457 1.00 26.02 ? 82  LYS A CG  1 
ATOM   648  C CD  . LYS A 1 82  ? 6.683   8.841   -12.618 1.00 31.13 ? 82  LYS A CD  1 
ATOM   649  C CE  . LYS A 1 82  ? 7.941   9.131   -13.458 1.00 35.39 ? 82  LYS A CE  1 
ATOM   650  N NZ  . LYS A 1 82  ? 8.937   10.028  -12.773 1.00 37.63 ? 82  LYS A NZ  1 
ATOM   651  N N   . SER A 1 83  ? 3.333   7.657   -9.462  1.00 11.15 ? 83  SER A N   1 
ATOM   652  C CA  . SER A 1 83  ? 2.230   7.799   -8.534  1.00 10.10 ? 83  SER A CA  1 
ATOM   653  C C   . SER A 1 83  ? 1.989   9.245   -8.140  1.00 11.16 ? 83  SER A C   1 
ATOM   654  O O   . SER A 1 83  ? 2.902   10.067  -8.167  1.00 10.21 ? 83  SER A O   1 
ATOM   655  C CB  . SER A 1 83  ? 2.519   6.964   -7.288  1.00 10.30 ? 83  SER A CB  1 
ATOM   656  O OG  . SER A 1 83  ? 2.454   5.575   -7.592  1.00 11.50 ? 83  SER A OG  1 
ATOM   657  N N   . LEU A 1 84  ? 0.742   9.533   -7.788  1.00 11.17 ? 84  LEU A N   1 
ATOM   658  C CA  . LEU A 1 84  ? 0.311   10.856  -7.362  1.00 11.84 ? 84  LEU A CA  1 
ATOM   659  C C   . LEU A 1 84  ? -0.706  10.672  -6.239  1.00 10.42 ? 84  LEU A C   1 
ATOM   660  O O   . LEU A 1 84  ? -1.768  10.085  -6.447  1.00 11.20 ? 84  LEU A O   1 
ATOM   661  C CB  . LEU A 1 84  ? -0.347  11.621  -8.520  1.00 13.44 ? 84  LEU A CB  1 
ATOM   662  C CG  . LEU A 1 84  ? -0.976  12.968  -8.126  1.00 15.74 ? 84  LEU A CG  1 
ATOM   663  C CD1 . LEU A 1 84  ? 0.113   13.920  -7.690  1.00 16.96 ? 84  LEU A CD1 1 
ATOM   664  C CD2 . LEU A 1 84  ? -1.760  13.554  -9.274  1.00 18.76 ? 84  LEU A CD2 1 
ATOM   665  N N   . VAL A 1 85  ? -0.369  11.175  -5.054  1.00 9.60  ? 85  VAL A N   1 
ATOM   666  C CA  . VAL A 1 85  ? -1.230  11.088  -3.875  1.00 9.50  ? 85  VAL A CA  1 
ATOM   667  C C   . VAL A 1 85  ? -1.969  12.419  -3.653  1.00 9.74  ? 85  VAL A C   1 
ATOM   668  O O   . VAL A 1 85  ? -1.388  13.500  -3.813  1.00 9.28  ? 85  VAL A O   1 
ATOM   669  C CB  . VAL A 1 85  ? -0.393  10.761  -2.576  1.00 8.89  ? 85  VAL A CB  1 
ATOM   670  C CG1 . VAL A 1 85  ? -1.314  10.607  -1.358  1.00 8.20  ? 85  VAL A CG1 1 
ATOM   671  C CG2 . VAL A 1 85  ? 0.435   9.502   -2.770  1.00 8.48  ? 85  VAL A CG2 1 
ATOM   672  N N   . LYS A 1 86  ? -3.247  12.327  -3.297  1.00 9.96  ? 86  LYS A N   1 
ATOM   673  C CA  . LYS A 1 86  ? -4.066  13.508  -3.011  1.00 11.92 ? 86  LYS A CA  1 
ATOM   674  C C   . LYS A 1 86  ? -4.897  13.226  -1.759  1.00 11.88 ? 86  LYS A C   1 
ATOM   675  O O   . LYS A 1 86  ? -5.124  12.069  -1.405  1.00 11.00 ? 86  LYS A O   1 
ATOM   676  C CB  . LYS A 1 86  ? -5.034  13.810  -4.169  1.00 12.40 ? 86  LYS A CB  1 
ATOM   677  C CG  . LYS A 1 86  ? -4.374  14.143  -5.486  1.00 16.01 ? 86  LYS A CG  1 
ATOM   678  C CD  . LYS A 1 86  ? -5.414  14.477  -6.558  1.00 21.36 ? 86  LYS A CD  1 
ATOM   679  C CE  . LYS A 1 86  ? -4.724  14.919  -7.842  1.00 23.23 ? 86  LYS A CE  1 
ATOM   680  N NZ  . LYS A 1 86  ? -5.679  15.326  -8.898  1.00 28.41 ? 86  LYS A NZ  1 
ATOM   681  N N   . TRP A 1 87  ? -5.362  14.281  -1.100  1.00 10.75 ? 87  TRP A N   1 
ATOM   682  C CA  . TRP A 1 87  ? -6.220  14.126  0.061   1.00 9.53  ? 87  TRP A CA  1 
ATOM   683  C C   . TRP A 1 87  ? -7.638  13.958  -0.474  1.00 9.89  ? 87  TRP A C   1 
ATOM   684  O O   . TRP A 1 87  ? -8.175  14.873  -1.087  1.00 11.80 ? 87  TRP A O   1 
ATOM   685  C CB  . TRP A 1 87  ? -6.176  15.386  0.962   1.00 8.76  ? 87  TRP A CB  1 
ATOM   686  C CG  . TRP A 1 87  ? -4.890  15.560  1.730   1.00 8.86  ? 87  TRP A CG  1 
ATOM   687  C CD1 . TRP A 1 87  ? -3.952  16.542  1.553   1.00 8.80  ? 87  TRP A CD1 1 
ATOM   688  C CD2 . TRP A 1 87  ? -4.366  14.683  2.744   1.00 9.42  ? 87  TRP A CD2 1 
ATOM   689  N NE1 . TRP A 1 87  ? -2.873  16.317  2.379   1.00 8.01  ? 87  TRP A NE1 1 
ATOM   690  C CE2 . TRP A 1 87  ? -3.103  15.183  3.120   1.00 10.85 ? 87  TRP A CE2 1 
ATOM   691  C CE3 . TRP A 1 87  ? -4.841  13.513  3.356   1.00 9.60  ? 87  TRP A CE3 1 
ATOM   692  C CZ2 . TRP A 1 87  ? -2.301  14.555  4.087   1.00 11.45 ? 87  TRP A CZ2 1 
ATOM   693  C CZ3 . TRP A 1 87  ? -4.045  12.887  4.315   1.00 10.72 ? 87  TRP A CZ3 1 
ATOM   694  C CH2 . TRP A 1 87  ? -2.789  13.413  4.670   1.00 11.78 ? 87  TRP A CH2 1 
ATOM   695  N N   . GLU A 1 88  ? -8.221  12.777  -0.320  1.00 9.93  ? 88  GLU A N   1 
ATOM   696  C CA  . GLU A 1 88  ? -9.598  12.576  -0.751  1.00 11.30 ? 88  GLU A CA  1 
ATOM   697  C C   . GLU A 1 88  ? -10.422 13.324  0.291   1.00 11.75 ? 88  GLU A C   1 
ATOM   698  O O   . GLU A 1 88  ? -11.414 13.965  -0.021  1.00 12.78 ? 88  GLU A O   1 
ATOM   699  C CB  . GLU A 1 88  ? -9.970  11.100  -0.724  1.00 13.50 ? 88  GLU A CB  1 
ATOM   700  C CG  . GLU A 1 88  ? -11.402 10.854  -1.167  1.00 18.67 ? 88  GLU A CG  1 
ATOM   701  C CD  . GLU A 1 88  ? -11.801 9.392   -1.092  1.00 23.49 ? 88  GLU A CD  1 
ATOM   702  O OE1 . GLU A 1 88  ? -11.336 8.608   -1.942  1.00 26.53 ? 88  GLU A OE1 1 
ATOM   703  O OE2 . GLU A 1 88  ? -12.583 9.023   -0.189  1.00 26.54 ? 88  GLU A OE2 1 
ATOM   704  N N   . SER A 1 89  ? -10.001 13.196  1.544   1.00 11.49 ? 89  SER A N   1 
ATOM   705  C CA  . SER A 1 89  ? -10.642 13.877  2.668   1.00 11.10 ? 89  SER A CA  1 
ATOM   706  C C   . SER A 1 89  ? -9.547  14.184  3.687   1.00 11.14 ? 89  SER A C   1 
ATOM   707  O O   . SER A 1 89  ? -8.378  13.841  3.478   1.00 9.92  ? 89  SER A O   1 
ATOM   708  C CB  . SER A 1 89  ? -11.771 13.038  3.285   1.00 12.43 ? 89  SER A CB  1 
ATOM   709  O OG  . SER A 1 89  ? -11.299 11.800  3.782   1.00 14.39 ? 89  SER A OG  1 
ATOM   710  N N   . GLU A 1 90  ? -9.917  14.832  4.788   1.00 10.17 ? 90  GLU A N   1 
ATOM   711  C CA  . GLU A 1 90  ? -8.947  15.192  5.810   1.00 10.83 ? 90  GLU A CA  1 
ATOM   712  C C   . GLU A 1 90  ? -8.080  14.043  6.362   1.00 9.86  ? 90  GLU A C   1 
ATOM   713  O O   . GLU A 1 90  ? -6.891  14.234  6.629   1.00 10.30 ? 90  GLU A O   1 
ATOM   714  C CB  . GLU A 1 90  ? -9.643  15.912  6.965   1.00 11.92 ? 90  GLU A CB  1 
ATOM   715  C CG  . GLU A 1 90  ? -8.635  16.407  7.976   1.00 16.53 ? 90  GLU A CG  1 
ATOM   716  C CD  . GLU A 1 90  ? -9.250  17.202  9.109   1.00 19.80 ? 90  GLU A CD  1 
ATOM   717  O OE1 . GLU A 1 90  ? -10.435 16.987  9.423   1.00 21.18 ? 90  GLU A OE1 1 
ATOM   718  O OE2 . GLU A 1 90  ? -8.530  18.034  9.693   1.00 22.91 ? 90  GLU A OE2 1 
ATOM   719  N N   . ASN A 1 91  ? -8.670  12.860  6.519   1.00 8.79  ? 91  ASN A N   1 
ATOM   720  C CA  . ASN A 1 91  ? -7.945  11.712  7.068   1.00 10.50 ? 91  ASN A CA  1 
ATOM   721  C C   . ASN A 1 91  ? -7.711  10.585  6.080   1.00 9.69  ? 91  ASN A C   1 
ATOM   722  O O   . ASN A 1 91  ? -7.349  9.485   6.493   1.00 7.10  ? 91  ASN A O   1 
ATOM   723  C CB  . ASN A 1 91  ? -8.716  11.130  8.253   1.00 14.33 ? 91  ASN A CB  1 
ATOM   724  C CG  . ASN A 1 91  ? -8.900  12.126  9.364   1.00 17.71 ? 91  ASN A CG  1 
ATOM   725  O OD1 . ASN A 1 91  ? -7.931  12.564  9.975   1.00 20.87 ? 91  ASN A OD1 1 
ATOM   726  N ND2 . ASN A 1 91  ? -10.144 12.527  9.605   1.00 19.39 ? 91  ASN A ND2 1 
ATOM   727  N N   . LYS A 1 92  ? -7.879  10.865  4.793   1.00 8.60  ? 92  LYS A N   1 
ATOM   728  C CA  . LYS A 1 92  ? -7.721  9.834   3.774   1.00 8.88  ? 92  LYS A CA  1 
ATOM   729  C C   . LYS A 1 92  ? -6.964  10.284  2.531   1.00 8.61  ? 92  LYS A C   1 
ATOM   730  O O   . LYS A 1 92  ? -7.353  11.250  1.872   1.00 8.95  ? 92  LYS A O   1 
ATOM   731  C CB  . LYS A 1 92  ? -9.094  9.313   3.356   1.00 9.10  ? 92  LYS A CB  1 
ATOM   732  C CG  . LYS A 1 92  ? -9.028  8.216   2.304   1.00 11.95 ? 92  LYS A CG  1 
ATOM   733  C CD  . LYS A 1 92  ? -10.398 7.655   2.025   1.00 14.04 ? 92  LYS A CD  1 
ATOM   734  C CE  . LYS A 1 92  ? -10.329 6.511   1.041   1.00 16.33 ? 92  LYS A CE  1 
ATOM   735  N NZ  . LYS A 1 92  ? -11.708 6.065   0.714   1.00 17.37 ? 92  LYS A NZ  1 
ATOM   736  N N   . MET A 1 93  ? -5.873  9.584   2.232   1.00 7.58  ? 93  MET A N   1 
ATOM   737  C CA  . MET A 1 93  ? -5.095  9.869   1.046   1.00 8.21  ? 93  MET A CA  1 
ATOM   738  C C   . MET A 1 93  ? -5.349  8.778   0.019   1.00 9.18  ? 93  MET A C   1 
ATOM   739  O O   . MET A 1 93  ? -5.559  7.609   0.365   1.00 7.74  ? 93  MET A O   1 
ATOM   740  C CB  . MET A 1 93  ? -3.605  9.975   1.362   1.00 9.68  ? 93  MET A CB  1 
ATOM   741  C CG  . MET A 1 93  ? -2.982  8.736   1.939   1.00 13.16 ? 93  MET A CG  1 
ATOM   742  S SD  . MET A 1 93  ? -1.224  8.955   2.295   1.00 17.49 ? 93  MET A SD  1 
ATOM   743  C CE  . MET A 1 93  ? -1.279  9.730   3.805   1.00 18.53 ? 93  MET A CE  1 
ATOM   744  N N   . VAL A 1 94  ? -5.397  9.180   -1.243  1.00 9.48  ? 94  VAL A N   1 
ATOM   745  C CA  . VAL A 1 94  ? -5.613  8.250   -2.346  1.00 9.55  ? 94  VAL A CA  1 
ATOM   746  C C   . VAL A 1 94  ? -4.484  8.426   -3.346  1.00 10.10 ? 94  VAL A C   1 
ATOM   747  O O   . VAL A 1 94  ? -4.076  9.559   -3.648  1.00 9.47  ? 94  VAL A O   1 
ATOM   748  C CB  . VAL A 1 94  ? -6.952  8.506   -3.039  1.00 11.05 ? 94  VAL A CB  1 
ATOM   749  C CG1 . VAL A 1 94  ? -7.096  7.598   -4.263  1.00 12.88 ? 94  VAL A CG1 1 
ATOM   750  C CG2 . VAL A 1 94  ? -8.087  8.239   -2.070  1.00 14.00 ? 94  VAL A CG2 1 
ATOM   751  N N   . CYS A 1 95  ? -3.990  7.304   -3.870  1.00 9.49  ? 95  CYS A N   1 
ATOM   752  C CA  . CYS A 1 95  ? -2.901  7.316   -4.834  1.00 8.82  ? 95  CYS A CA  1 
ATOM   753  C C   . CYS A 1 95  ? -3.269  6.646   -6.155  1.00 11.70 ? 95  CYS A C   1 
ATOM   754  O O   . CYS A 1 95  ? -3.708  5.490   -6.173  1.00 12.29 ? 95  CYS A O   1 
ATOM   755  C CB  . CYS A 1 95  ? -1.690  6.607   -4.235  1.00 8.79  ? 95  CYS A CB  1 
ATOM   756  S SG  . CYS A 1 95  ? -0.243  6.539   -5.288  1.00 10.97 ? 95  CYS A SG  1 
ATOM   757  N N   . GLU A 1 96  ? -3.110  7.380   -7.249  1.00 10.87 ? 96  GLU A N   1 
ATOM   758  C CA  . GLU A 1 96  ? -3.383  6.851   -8.572  1.00 14.78 ? 96  GLU A CA  1 
ATOM   759  C C   . GLU A 1 96  ? -2.029  6.461   -9.176  1.00 13.83 ? 96  GLU A C   1 
ATOM   760  O O   . GLU A 1 96  ? -1.058  7.221   -9.084  1.00 12.79 ? 96  GLU A O   1 
ATOM   761  C CB  . GLU A 1 96  ? -4.074  7.925   -9.406  1.00 20.21 ? 96  GLU A CB  1 
ATOM   762  C CG  . GLU A 1 96  ? -4.387  7.531   -10.836 1.00 32.46 ? 96  GLU A CG  1 
ATOM   763  C CD  . GLU A 1 96  ? -5.164  8.616   -11.585 1.00 38.97 ? 96  GLU A CD  1 
ATOM   764  O OE1 . GLU A 1 96  ? -4.721  9.800   -11.560 1.00 42.61 ? 96  GLU A OE1 1 
ATOM   765  O OE2 . GLU A 1 96  ? -6.220  8.281   -12.188 1.00 42.17 ? 96  GLU A OE2 1 
ATOM   766  N N   . GLN A 1 97  ? -1.947  5.254   -9.738  1.00 13.39 ? 97  GLN A N   1 
ATOM   767  C CA  . GLN A 1 97  ? -0.702  4.762   -10.331 1.00 13.55 ? 97  GLN A CA  1 
ATOM   768  C C   . GLN A 1 97  ? -0.815  4.572   -11.845 1.00 15.88 ? 97  GLN A C   1 
ATOM   769  O O   . GLN A 1 97  ? -1.866  4.167   -12.372 1.00 16.25 ? 97  GLN A O   1 
ATOM   770  C CB  . GLN A 1 97  ? -0.277  3.440   -9.689  1.00 12.20 ? 97  GLN A CB  1 
ATOM   771  C CG  . GLN A 1 97  ? -0.081  3.498   -8.186  1.00 12.55 ? 97  GLN A CG  1 
ATOM   772  C CD  . GLN A 1 97  ? 0.252   2.152   -7.602  1.00 14.20 ? 97  GLN A CD  1 
ATOM   773  O OE1 . GLN A 1 97  ? -0.255  1.121   -8.047  1.00 12.94 ? 97  GLN A OE1 1 
ATOM   774  N NE2 . GLN A 1 97  ? 1.116   2.146   -6.596  1.00 14.75 ? 97  GLN A NE2 1 
ATOM   775  N N   . LYS A 1 98  ? 0.290   4.847   -12.531 1.00 17.30 ? 98  LYS A N   1 
ATOM   776  C CA  . LYS A 1 98  ? 0.377   4.739   -13.988 1.00 19.78 ? 98  LYS A CA  1 
ATOM   777  C C   . LYS A 1 98  ? 1.668   4.014   -14.361 1.00 18.56 ? 98  LYS A C   1 
ATOM   778  O O   . LYS A 1 98  ? 2.756   4.465   -14.020 1.00 17.70 ? 98  LYS A O   1 
ATOM   779  C CB  . LYS A 1 98  ? 0.340   6.145   -14.605 1.00 23.30 ? 98  LYS A CB  1 
ATOM   780  C CG  . LYS A 1 98  ? 0.971   6.280   -15.974 1.00 30.94 ? 98  LYS A CG  1 
ATOM   781  C CD  . LYS A 1 98  ? 1.196   7.758   -16.310 1.00 37.10 ? 98  LYS A CD  1 
ATOM   782  C CE  . LYS A 1 98  ? 1.969   7.953   -17.617 1.00 39.73 ? 98  LYS A CE  1 
ATOM   783  N NZ  . LYS A 1 98  ? 3.413   7.575   -17.489 1.00 42.46 ? 98  LYS A NZ  1 
ATOM   784  N N   . LEU A 1 99  ? 1.543   2.877   -15.039 1.00 19.35 ? 99  LEU A N   1 
ATOM   785  C CA  . LEU A 1 99  ? 2.707   2.091   -15.445 1.00 21.32 ? 99  LEU A CA  1 
ATOM   786  C C   . LEU A 1 99  ? 3.636   2.871   -16.355 1.00 22.86 ? 99  LEU A C   1 
ATOM   787  O O   . LEU A 1 99  ? 3.184   3.500   -17.314 1.00 23.41 ? 99  LEU A O   1 
ATOM   788  C CB  . LEU A 1 99  ? 2.274   0.801   -16.144 1.00 22.09 ? 99  LEU A CB  1 
ATOM   789  C CG  . LEU A 1 99  ? 1.622   -0.279  -15.277 1.00 22.72 ? 99  LEU A CG  1 
ATOM   790  C CD1 . LEU A 1 99  ? 1.185   -1.441  -16.153 1.00 23.04 ? 99  LEU A CD1 1 
ATOM   791  C CD2 . LEU A 1 99  ? 2.603   -0.743  -14.219 1.00 23.61 ? 99  LEU A CD2 1 
ATOM   792  N N   . LEU A 1 100 ? 4.928   2.830   -16.041 1.00 24.11 ? 100 LEU A N   1 
ATOM   793  C CA  . LEU A 1 100 ? 5.941   3.529   -16.822 1.00 27.59 ? 100 LEU A CA  1 
ATOM   794  C C   . LEU A 1 100 ? 6.074   2.912   -18.206 1.00 30.94 ? 100 LEU A C   1 
ATOM   795  O O   . LEU A 1 100 ? 6.272   3.610   -19.205 1.00 31.34 ? 100 LEU A O   1 
ATOM   796  C CB  . LEU A 1 100 ? 7.286   3.474   -16.105 1.00 25.50 ? 100 LEU A CB  1 
ATOM   797  C CG  . LEU A 1 100 ? 7.344   4.295   -14.826 1.00 24.80 ? 100 LEU A CG  1 
ATOM   798  C CD1 . LEU A 1 100 ? 8.729   4.234   -14.238 1.00 26.59 ? 100 LEU A CD1 1 
ATOM   799  C CD2 . LEU A 1 100 ? 6.970   5.706   -15.142 1.00 24.80 ? 100 LEU A CD2 1 
ATOM   800  N N   . LYS A 1 101 ? 5.956   1.589   -18.247 1.00 34.60 ? 101 LYS A N   1 
ATOM   801  C CA  . LYS A 1 101 ? 6.066   0.831   -19.484 1.00 37.81 ? 101 LYS A CA  1 
ATOM   802  C C   . LYS A 1 101 ? 5.094   -0.349  -19.448 1.00 37.39 ? 101 LYS A C   1 
ATOM   803  O O   . LYS A 1 101 ? 4.874   -0.967  -18.398 1.00 37.22 ? 101 LYS A O   1 
ATOM   804  C CB  . LYS A 1 101 ? 7.500   0.300   -19.650 1.00 40.57 ? 101 LYS A CB  1 
ATOM   805  C CG  . LYS A 1 101 ? 8.596   1.371   -19.668 1.00 45.13 ? 101 LYS A CG  1 
ATOM   806  C CD  . LYS A 1 101 ? 9.969   0.768   -19.377 1.00 48.57 ? 101 LYS A CD  1 
ATOM   807  C CE  . LYS A 1 101 ? 9.998   0.014   -18.031 1.00 51.31 ? 101 LYS A CE  1 
ATOM   808  N NZ  . LYS A 1 101 ? 9.737   0.876   -16.835 1.00 51.14 ? 101 LYS A NZ  1 
ATOM   809  N N   . GLY A 1 102 ? 4.504   -0.640  -20.601 1.00 37.21 ? 102 GLY A N   1 
ATOM   810  C CA  . GLY A 1 102 ? 3.587   -1.756  -20.702 1.00 36.82 ? 102 GLY A CA  1 
ATOM   811  C C   . GLY A 1 102 ? 2.145   -1.470  -20.360 1.00 36.36 ? 102 GLY A C   1 
ATOM   812  O O   . GLY A 1 102 ? 1.717   -0.314  -20.265 1.00 35.74 ? 102 GLY A O   1 
ATOM   813  N N   . GLU A 1 103 ? 1.388   -2.553  -20.224 1.00 35.74 ? 103 GLU A N   1 
ATOM   814  C CA  . GLU A 1 103 ? -0.027  -2.486  -19.889 1.00 35.50 ? 103 GLU A CA  1 
ATOM   815  C C   . GLU A 1 103 ? -0.323  -3.464  -18.759 1.00 31.92 ? 103 GLU A C   1 
ATOM   816  O O   . GLU A 1 103 ? 0.477   -4.351  -18.457 1.00 31.61 ? 103 GLU A O   1 
ATOM   817  C CB  . GLU A 1 103 ? -0.903  -2.830  -21.104 1.00 39.37 ? 103 GLU A CB  1 
ATOM   818  C CG  . GLU A 1 103 ? -1.378  -1.634  -21.939 1.00 45.52 ? 103 GLU A CG  1 
ATOM   819  C CD  . GLU A 1 103 ? -0.529  -1.377  -23.186 1.00 50.23 ? 103 GLU A CD  1 
ATOM   820  O OE1 . GLU A 1 103 ? 0.166   -2.313  -23.654 1.00 53.12 ? 103 GLU A OE1 1 
ATOM   821  O OE2 . GLU A 1 103 ? -0.568  -0.236  -23.710 1.00 52.16 ? 103 GLU A OE2 1 
ATOM   822  N N   . GLY A 1 104 ? -1.483  -3.286  -18.141 1.00 28.97 ? 104 GLY A N   1 
ATOM   823  C CA  . GLY A 1 104 ? -1.895  -4.145  -17.051 1.00 25.41 ? 104 GLY A CA  1 
ATOM   824  C C   . GLY A 1 104 ? -3.114  -3.558  -16.369 1.00 22.09 ? 104 GLY A C   1 
ATOM   825  O O   . GLY A 1 104 ? -3.646  -2.544  -16.827 1.00 21.89 ? 104 GLY A O   1 
ATOM   826  N N   . PRO A 1 105 ? -3.609  -4.201  -15.297 1.00 19.50 ? 105 PRO A N   1 
ATOM   827  C CA  . PRO A 1 105 ? -4.781  -3.722  -14.554 1.00 17.92 ? 105 PRO A CA  1 
ATOM   828  C C   . PRO A 1 105 ? -4.532  -2.318  -14.000 1.00 15.61 ? 105 PRO A C   1 
ATOM   829  O O   . PRO A 1 105 ? -3.388  -1.940  -13.748 1.00 14.42 ? 105 PRO A O   1 
ATOM   830  C CB  . PRO A 1 105 ? -4.894  -4.729  -13.403 1.00 18.86 ? 105 PRO A CB  1 
ATOM   831  C CG  . PRO A 1 105 ? -4.265  -5.970  -13.943 1.00 18.76 ? 105 PRO A CG  1 
ATOM   832  C CD  . PRO A 1 105 ? -3.096  -5.463  -14.735 1.00 18.40 ? 105 PRO A CD  1 
ATOM   833  N N   . LYS A 1 106 ? -5.596  -1.539  -13.844 1.00 16.02 ? 106 LYS A N   1 
ATOM   834  C CA  . LYS A 1 106 ? -5.466  -0.199  -13.288 1.00 16.93 ? 106 LYS A CA  1 
ATOM   835  C C   . LYS A 1 106 ? -5.295  -0.400  -11.786 1.00 15.49 ? 106 LYS A C   1 
ATOM   836  O O   . LYS A 1 106 ? -6.096  -1.093  -11.162 1.00 14.76 ? 106 LYS A O   1 
ATOM   837  C CB  . LYS A 1 106 ? -6.724  0.632   -13.556 1.00 20.98 ? 106 LYS A CB  1 
ATOM   838  C CG  . LYS A 1 106 ? -6.637  2.071   -13.016 1.00 27.98 ? 106 LYS A CG  1 
ATOM   839  C CD  . LYS A 1 106 ? -5.312  2.757   -13.446 1.00 33.23 ? 106 LYS A CD  1 
ATOM   840  C CE  . LYS A 1 106 ? -5.080  4.136   -12.777 1.00 35.21 ? 106 LYS A CE  1 
ATOM   841  N NZ  . LYS A 1 106 ? -4.917  4.080   -11.276 1.00 33.75 ? 106 LYS A NZ  1 
ATOM   842  N N   . THR A 1 107 ? -4.240  0.157   -11.209 1.00 13.91 ? 107 THR A N   1 
ATOM   843  C CA  . THR A 1 107 ? -4.014  -0.024  -9.775  1.00 12.14 ? 107 THR A CA  1 
ATOM   844  C C   . THR A 1 107 ? -4.022  1.283   -9.000  1.00 11.66 ? 107 THR A C   1 
ATOM   845  O O   . THR A 1 107 ? -3.762  2.347   -9.558  1.00 10.59 ? 107 THR A O   1 
ATOM   846  C CB  . THR A 1 107 ? -2.670  -0.718  -9.498  1.00 12.37 ? 107 THR A CB  1 
ATOM   847  O OG1 . THR A 1 107 ? -1.611  0.068   -10.055 1.00 12.36 ? 107 THR A OG1 1 
ATOM   848  C CG2 . THR A 1 107 ? -2.638  -2.120  -10.104 1.00 12.62 ? 107 THR A CG2 1 
ATOM   849  N N   . SER A 1 108 ? -4.325  1.185   -7.710  1.00 10.16 ? 108 SER A N   1 
ATOM   850  C CA  . SER A 1 108 ? -4.325  2.345   -6.827  1.00 9.98  ? 108 SER A CA  1 
ATOM   851  C C   . SER A 1 108 ? -4.243  1.855   -5.386  1.00 9.90  ? 108 SER A C   1 
ATOM   852  O O   . SER A 1 108 ? -4.271  0.642   -5.124  1.00 8.48  ? 108 SER A O   1 
ATOM   853  C CB  . SER A 1 108 ? -5.592  3.181   -7.033  1.00 9.84  ? 108 SER A CB  1 
ATOM   854  O OG  . SER A 1 108 ? -6.752  2.407   -6.791  1.00 13.87 ? 108 SER A OG  1 
ATOM   855  N N   . TRP A 1 109 ? -4.038  2.790   -4.465  1.00 7.96  ? 109 TRP A N   1 
ATOM   856  C CA  . TRP A 1 109 ? -4.012  2.457   -3.044  1.00 7.85  ? 109 TRP A CA  1 
ATOM   857  C C   . TRP A 1 109 ? -4.524  3.656   -2.262  1.00 7.56  ? 109 TRP A C   1 
ATOM   858  O O   . TRP A 1 109 ? -4.526  4.770   -2.781  1.00 8.14  ? 109 TRP A O   1 
ATOM   859  C CB  . TRP A 1 109 ? -2.620  2.006   -2.540  1.00 8.25  ? 109 TRP A CB  1 
ATOM   860  C CG  . TRP A 1 109 ? -1.435  2.978   -2.638  1.00 8.07  ? 109 TRP A CG  1 
ATOM   861  C CD1 . TRP A 1 109 ? -0.387  2.890   -3.510  1.00 9.28  ? 109 TRP A CD1 1 
ATOM   862  C CD2 . TRP A 1 109 ? -1.123  4.089   -1.763  1.00 9.31  ? 109 TRP A CD2 1 
ATOM   863  N NE1 . TRP A 1 109 ? 0.556   3.854   -3.231  1.00 9.69  ? 109 TRP A NE1 1 
ATOM   864  C CE2 . TRP A 1 109 ? 0.130   4.602   -2.163  1.00 9.04  ? 109 TRP A CE2 1 
ATOM   865  C CE3 . TRP A 1 109 ? -1.788  4.692   -0.677  1.00 9.92  ? 109 TRP A CE3 1 
ATOM   866  C CZ2 . TRP A 1 109 ? 0.740   5.692   -1.525  1.00 9.72  ? 109 TRP A CZ2 1 
ATOM   867  C CZ3 . TRP A 1 109 ? -1.181  5.777   -0.046  1.00 10.25 ? 109 TRP A CZ3 1 
ATOM   868  C CH2 . TRP A 1 109 ? 0.069   6.263   -0.472  1.00 10.11 ? 109 TRP A CH2 1 
ATOM   869  N N   . THR A 1 110 ? -5.067  3.401   -1.077  1.00 7.39  ? 110 THR A N   1 
ATOM   870  C CA  . THR A 1 110 ? -5.563  4.465   -0.201  1.00 6.23  ? 110 THR A CA  1 
ATOM   871  C C   . THR A 1 110 ? -5.104  4.131   1.225   1.00 7.40  ? 110 THR A C   1 
ATOM   872  O O   . THR A 1 110 ? -4.877  2.947   1.563   1.00 6.43  ? 110 THR A O   1 
ATOM   873  C CB  . THR A 1 110 ? -7.137  4.583   -0.191  1.00 7.17  ? 110 THR A CB  1 
ATOM   874  O OG1 . THR A 1 110 ? -7.712  3.458   0.491   1.00 7.49  ? 110 THR A OG1 1 
ATOM   875  C CG2 . THR A 1 110 ? -7.714  4.653   -1.612  1.00 6.64  ? 110 THR A CG2 1 
ATOM   876  N N   . ARG A 1 111 ? -4.890  5.171   2.035   1.00 6.72  ? 111 ARG A N   1 
ATOM   877  C CA  . ARG A 1 111 ? -4.520  4.998   3.451   1.00 6.27  ? 111 ARG A CA  1 
ATOM   878  C C   . ARG A 1 111 ? -5.375  5.961   4.228   1.00 7.89  ? 111 ARG A C   1 
ATOM   879  O O   . ARG A 1 111 ? -5.515  7.120   3.838   1.00 8.35  ? 111 ARG A O   1 
ATOM   880  C CB  . ARG A 1 111 ? -3.036  5.273   3.725   1.00 6.20  ? 111 ARG A CB  1 
ATOM   881  C CG  . ARG A 1 111 ? -2.137  4.112   3.322   1.00 7.38  ? 111 ARG A CG  1 
ATOM   882  C CD  . ARG A 1 111 ? -0.688  4.341   3.721   1.00 8.70  ? 111 ARG A CD  1 
ATOM   883  N NE  . ARG A 1 111 ? 0.107   3.118   3.564   1.00 9.83  ? 111 ARG A NE  1 
ATOM   884  C CZ  . ARG A 1 111 ? 0.687   2.744   2.427   1.00 10.23 ? 111 ARG A CZ  1 
ATOM   885  N NH1 . ARG A 1 111 ? 0.565   3.494   1.348   1.00 10.89 ? 111 ARG A NH1 1 
ATOM   886  N NH2 . ARG A 1 111 ? 1.401   1.627   2.366   1.00 11.56 ? 111 ARG A NH2 1 
ATOM   887  N N   . GLU A 1 112 ? -6.021  5.471   5.271   1.00 7.64  ? 112 GLU A N   1 
ATOM   888  C CA  . GLU A 1 112 ? -6.873  6.345   6.062   1.00 10.31 ? 112 GLU A CA  1 
ATOM   889  C C   . GLU A 1 112 ? -6.826  6.056   7.554   1.00 9.93  ? 112 GLU A C   1 
ATOM   890  O O   . GLU A 1 112 ? -6.680  4.907   7.968   1.00 7.92  ? 112 GLU A O   1 
ATOM   891  C CB  . GLU A 1 112 ? -8.310  6.282   5.556   1.00 14.05 ? 112 GLU A CB  1 
ATOM   892  C CG  . GLU A 1 112 ? -9.007  4.959   5.748   1.00 20.37 ? 112 GLU A CG  1 
ATOM   893  C CD  . GLU A 1 112 ? -10.362 4.916   5.053   1.00 25.09 ? 112 GLU A CD  1 
ATOM   894  O OE1 . GLU A 1 112 ? -11.261 5.713   5.449   1.00 22.36 ? 112 GLU A OE1 1 
ATOM   895  O OE2 . GLU A 1 112 ? -10.512 4.085   4.110   1.00 25.10 ? 112 GLU A OE2 1 
ATOM   896  N N   . LEU A 1 113 ? -6.906  7.115   8.353   1.00 8.96  ? 113 LEU A N   1 
ATOM   897  C CA  . LEU A 1 113 ? -6.910  6.989   9.807   1.00 12.04 ? 113 LEU A CA  1 
ATOM   898  C C   . LEU A 1 113 ? -8.362  6.997   10.257  1.00 12.06 ? 113 LEU A C   1 
ATOM   899  O O   . LEU A 1 113 ? -9.102  7.942   9.961   1.00 12.08 ? 113 LEU A O   1 
ATOM   900  C CB  . LEU A 1 113 ? -6.191  8.169   10.440  1.00 14.38 ? 113 LEU A CB  1 
ATOM   901  C CG  . LEU A 1 113 ? -4.673  8.175   10.418  1.00 17.46 ? 113 LEU A CG  1 
ATOM   902  C CD1 . LEU A 1 113 ? -4.224  9.422   11.147  1.00 19.61 ? 113 LEU A CD1 1 
ATOM   903  C CD2 . LEU A 1 113 ? -4.110  6.930   11.123  1.00 18.46 ? 113 LEU A CD2 1 
ATOM   904  N N   . THR A 1 114 ? -8.780  5.953   10.961  1.00 11.06 ? 114 THR A N   1 
ATOM   905  C CA  . THR A 1 114 ? -10.167 5.862   11.404  1.00 11.74 ? 114 THR A CA  1 
ATOM   906  C C   . THR A 1 114 ? -10.370 6.507   12.767  1.00 11.41 ? 114 THR A C   1 
ATOM   907  O O   . THR A 1 114 ? -9.410  6.829   13.459  1.00 11.47 ? 114 THR A O   1 
ATOM   908  C CB  . THR A 1 114 ? -10.637 4.406   11.428  1.00 12.89 ? 114 THR A CB  1 
ATOM   909  O OG1 . THR A 1 114 ? -9.739  3.641   12.233  1.00 15.50 ? 114 THR A OG1 1 
ATOM   910  C CG2 . THR A 1 114 ? -10.648 3.838   10.016  1.00 14.75 ? 114 THR A CG2 1 
ATOM   911  N N   . ASN A 1 115 ? -11.630 6.688   13.136  1.00 13.23 ? 115 ASN A N   1 
ATOM   912  C CA  . ASN A 1 115 ? -11.984 7.323   14.396  1.00 16.19 ? 115 ASN A CA  1 
ATOM   913  C C   . ASN A 1 115 ? -11.523 6.611   15.654  1.00 14.24 ? 115 ASN A C   1 
ATOM   914  O O   . ASN A 1 115 ? -11.382 7.248   16.700  1.00 14.74 ? 115 ASN A O   1 
ATOM   915  C CB  . ASN A 1 115 ? -13.486 7.580   14.447  1.00 21.89 ? 115 ASN A CB  1 
ATOM   916  C CG  . ASN A 1 115 ? -13.892 8.770   13.601  1.00 29.77 ? 115 ASN A CG  1 
ATOM   917  O OD1 . ASN A 1 115 ? -14.811 8.683   12.775  1.00 34.83 ? 115 ASN A OD1 1 
ATOM   918  N ND2 . ASN A 1 115 ? -13.197 9.902   13.797  1.00 32.90 ? 115 ASN A ND2 1 
ATOM   919  N N   . ASP A 1 116 ? -11.296 5.304   15.553  1.00 12.05 ? 116 ASP A N   1 
ATOM   920  C CA  . ASP A 1 116 ? -10.824 4.498   16.676  1.00 11.99 ? 116 ASP A CA  1 
ATOM   921  C C   . ASP A 1 116 ? -9.300  4.439   16.817  1.00 11.45 ? 116 ASP A C   1 
ATOM   922  O O   . ASP A 1 116 ? -8.783  3.744   17.681  1.00 12.23 ? 116 ASP A O   1 
ATOM   923  C CB  . ASP A 1 116 ? -11.434 3.077   16.649  1.00 13.89 ? 116 ASP A CB  1 
ATOM   924  C CG  . ASP A 1 116 ? -11.167 2.312   15.337  1.00 16.58 ? 116 ASP A CG  1 
ATOM   925  O OD1 . ASP A 1 116 ? -10.479 2.823   14.448  1.00 19.66 ? 116 ASP A OD1 1 
ATOM   926  O OD2 . ASP A 1 116 ? -11.649 1.174   15.205  1.00 20.14 ? 116 ASP A OD2 1 
ATOM   927  N N   . GLY A 1 117 ? -8.587  5.182   15.976  1.00 10.58 ? 117 GLY A N   1 
ATOM   928  C CA  . GLY A 1 117 ? -7.136  5.207   16.048  1.00 9.83  ? 117 GLY A CA  1 
ATOM   929  C C   . GLY A 1 117 ? -6.398  4.195   15.185  1.00 9.97  ? 117 GLY A C   1 
ATOM   930  O O   . GLY A 1 117 ? -5.181  4.100   15.268  1.00 10.45 ? 117 GLY A O   1 
ATOM   931  N N   . GLU A 1 118 ? -7.122  3.458   14.343  1.00 9.43  ? 118 GLU A N   1 
ATOM   932  C CA  . GLU A 1 118 ? -6.501  2.459   13.472  1.00 7.79  ? 118 GLU A CA  1 
ATOM   933  C C   . GLU A 1 118 ? -6.217  3.025   12.081  1.00 7.60  ? 118 GLU A C   1 
ATOM   934  O O   . GLU A 1 118 ? -6.611  4.151   11.755  1.00 8.05  ? 118 GLU A O   1 
ATOM   935  C CB  . GLU A 1 118 ? -7.386  1.211   13.406  1.00 8.86  ? 118 GLU A CB  1 
ATOM   936  C CG  . GLU A 1 118 ? -7.555  0.565   14.773  1.00 9.64  ? 118 GLU A CG  1 
ATOM   937  C CD  . GLU A 1 118 ? -8.521  -0.599  14.792  1.00 13.39 ? 118 GLU A CD  1 
ATOM   938  O OE1 . GLU A 1 118 ? -9.116  -0.939  13.748  1.00 11.90 ? 118 GLU A OE1 1 
ATOM   939  O OE2 . GLU A 1 118 ? -8.699  -1.173  15.884  1.00 16.59 ? 118 GLU A OE2 1 
ATOM   940  N N   . LEU A 1 119 ? -5.497  2.246   11.280  1.00 7.57  ? 119 LEU A N   1 
ATOM   941  C CA  . LEU A 1 119 ? -5.127  2.637   9.927   1.00 6.94  ? 119 LEU A CA  1 
ATOM   942  C C   . LEU A 1 119 ? -5.665  1.596   8.943   1.00 8.29  ? 119 LEU A C   1 
ATOM   943  O O   . LEU A 1 119 ? -5.469  0.391   9.149   1.00 8.23  ? 119 LEU A O   1 
ATOM   944  C CB  . LEU A 1 119 ? -3.597  2.700   9.815   1.00 7.83  ? 119 LEU A CB  1 
ATOM   945  C CG  . LEU A 1 119 ? -2.901  2.978   8.482   1.00 9.54  ? 119 LEU A CG  1 
ATOM   946  C CD1 . LEU A 1 119 ? -3.228  4.348   8.017   1.00 11.05 ? 119 LEU A CD1 1 
ATOM   947  C CD2 . LEU A 1 119 ? -1.387  2.856   8.633   1.00 12.54 ? 119 LEU A CD2 1 
ATOM   948  N N   . ILE A 1 120 ? -6.407  2.050   7.936   1.00 6.17  ? 120 ILE A N   1 
ATOM   949  C CA  . ILE A 1 120 ? -6.919  1.140   6.924   1.00 6.22  ? 120 ILE A CA  1 
ATOM   950  C C   . ILE A 1 120 ? -6.188  1.399   5.605   1.00 7.47  ? 120 ILE A C   1 
ATOM   951  O O   . ILE A 1 120 ? -6.143  2.542   5.126   1.00 6.54  ? 120 ILE A O   1 
ATOM   952  C CB  . ILE A 1 120 ? -8.412  1.343   6.666   1.00 7.19  ? 120 ILE A CB  1 
ATOM   953  C CG1 . ILE A 1 120 ? -9.224  1.064   7.931   1.00 8.26  ? 120 ILE A CG1 1 
ATOM   954  C CG2 . ILE A 1 120 ? -8.861  0.486   5.464   1.00 6.54  ? 120 ILE A CG2 1 
ATOM   955  C CD1 . ILE A 1 120 ? -10.706 1.285   7.723   1.00 9.35  ? 120 ILE A CD1 1 
ATOM   956  N N   . LEU A 1 121 ? -5.574  0.347   5.058   1.00 6.41  ? 121 LEU A N   1 
ATOM   957  C CA  . LEU A 1 121 ? -4.898  0.415   3.767   1.00 6.25  ? 121 LEU A CA  1 
ATOM   958  C C   . LEU A 1 121 ? -5.739  -0.378  2.756   1.00 7.41  ? 121 LEU A C   1 
ATOM   959  O O   . LEU A 1 121 ? -6.209  -1.473  3.074   1.00 6.01  ? 121 LEU A O   1 
ATOM   960  C CB  . LEU A 1 121 ? -3.506  -0.240  3.825   1.00 7.37  ? 121 LEU A CB  1 
ATOM   961  C CG  . LEU A 1 121 ? -2.855  -0.614  2.467   1.00 7.96  ? 121 LEU A CG  1 
ATOM   962  C CD1 . LEU A 1 121 ? -2.386  0.639   1.703   1.00 7.91  ? 121 LEU A CD1 1 
ATOM   963  C CD2 . LEU A 1 121 ? -1.681  -1.569  2.694   1.00 7.96  ? 121 LEU A CD2 1 
ATOM   964  N N   . THR A 1 122 ? -6.045  0.209   1.603   1.00 6.71  ? 122 THR A N   1 
ATOM   965  C CA  . THR A 1 122 ? -6.742  -0.576  0.585   1.00 7.80  ? 122 THR A CA  1 
ATOM   966  C C   . THR A 1 122 ? -5.857  -0.558  -0.646  1.00 8.58  ? 122 THR A C   1 
ATOM   967  O O   . THR A 1 122 ? -5.124  0.410   -0.888  1.00 7.21  ? 122 THR A O   1 
ATOM   968  C CB  . THR A 1 122 ? -8.187  -0.103  0.231   1.00 7.51  ? 122 THR A CB  1 
ATOM   969  O OG1 . THR A 1 122 ? -8.143  1.041   -0.616  1.00 9.27  ? 122 THR A OG1 1 
ATOM   970  C CG2 . THR A 1 122 ? -8.997  0.202   1.490   1.00 7.86  ? 122 THR A CG2 1 
ATOM   971  N N   . MET A 1 123 ? -5.805  -1.691  -1.331  1.00 7.87  ? 123 MET A N   1 
ATOM   972  C CA  . MET A 1 123 ? -5.031  -1.794  -2.563  1.00 9.22  ? 123 MET A CA  1 
ATOM   973  C C   . MET A 1 123 ? -6.014  -2.287  -3.617  1.00 8.66  ? 123 MET A C   1 
ATOM   974  O O   . MET A 1 123 ? -6.799  -3.199  -3.339  1.00 8.09  ? 123 MET A O   1 
ATOM   975  C CB  . MET A 1 123 ? -3.852  -2.752  -2.386  1.00 9.37  ? 123 MET A CB  1 
ATOM   976  C CG  . MET A 1 123 ? -2.786  -2.206  -1.446  1.00 11.81 ? 123 MET A CG  1 
ATOM   977  S SD  . MET A 1 123 ? -1.345  -3.276  -1.259  1.00 16.59 ? 123 MET A SD  1 
ATOM   978  C CE  . MET A 1 123 ? -1.964  -4.502  -0.104  1.00 14.10 ? 123 MET A CE  1 
ATOM   979  N N   . THR A 1 124 ? -5.986  -1.687  -4.804  1.00 7.20  ? 124 THR A N   1 
ATOM   980  C CA  . THR A 1 124 ? -6.927  -2.067  -5.850  1.00 9.54  ? 124 THR A CA  1 
ATOM   981  C C   . THR A 1 124 ? -6.242  -2.467  -7.149  1.00 10.12 ? 124 THR A C   1 
ATOM   982  O O   . THR A 1 124 ? -5.205  -1.911  -7.513  1.00 9.54  ? 124 THR A O   1 
ATOM   983  C CB  . THR A 1 124 ? -7.920  -0.885  -6.153  1.00 10.74 ? 124 THR A CB  1 
ATOM   984  O OG1 . THR A 1 124 ? -8.667  -0.559  -4.968  1.00 11.99 ? 124 THR A OG1 1 
ATOM   985  C CG2 . THR A 1 124 ? -8.900  -1.248  -7.259  1.00 11.66 ? 124 THR A CG2 1 
ATOM   986  N N   . ALA A 1 125 ? -6.820  -3.461  -7.825  1.00 11.06 ? 125 ALA A N   1 
ATOM   987  C CA  . ALA A 1 125 ? -6.329  -3.938  -9.127  1.00 11.63 ? 125 ALA A CA  1 
ATOM   988  C C   . ALA A 1 125 ? -7.629  -4.182  -9.879  1.00 13.46 ? 125 ALA A C   1 
ATOM   989  O O   . ALA A 1 125 ? -8.377  -5.118  -9.558  1.00 13.11 ? 125 ALA A O   1 
ATOM   990  C CB  . ALA A 1 125 ? -5.541  -5.229  -8.977  1.00 13.16 ? 125 ALA A CB  1 
ATOM   991  N N   . ASP A 1 126 ? -7.910  -3.309  -10.842 1.00 14.63 ? 126 ASP A N   1 
ATOM   992  C CA  . ASP A 1 126 ? -9.146  -3.358  -11.605 1.00 17.86 ? 126 ASP A CA  1 
ATOM   993  C C   . ASP A 1 126 ? -10.314 -3.311  -10.612 1.00 18.66 ? 126 ASP A C   1 
ATOM   994  O O   . ASP A 1 126 ? -10.450 -2.329  -9.887  1.00 19.38 ? 126 ASP A O   1 
ATOM   995  C CB  . ASP A 1 126 ? -9.175  -4.577  -12.541 1.00 18.40 ? 126 ASP A CB  1 
ATOM   996  C CG  . ASP A 1 126 ? -8.367  -4.348  -13.817 1.00 22.34 ? 126 ASP A CG  1 
ATOM   997  O OD1 . ASP A 1 126 ? -8.206  -3.173  -14.235 1.00 23.23 ? 126 ASP A OD1 1 
ATOM   998  O OD2 . ASP A 1 126 ? -7.880  -5.333  -14.406 1.00 24.32 ? 126 ASP A OD2 1 
ATOM   999  N N   . ASP A 1 127 ? -11.125 -4.361  -10.529 1.00 20.19 ? 127 ASP A N   1 
ATOM   1000 C CA  . ASP A 1 127 ? -12.245 -4.342  -9.589  1.00 21.56 ? 127 ASP A CA  1 
ATOM   1001 C C   . ASP A 1 127 ? -12.057 -5.087  -8.269  1.00 18.85 ? 127 ASP A C   1 
ATOM   1002 O O   . ASP A 1 127 ? -12.966 -5.134  -7.456  1.00 20.67 ? 127 ASP A O   1 
ATOM   1003 C CB  . ASP A 1 127 ? -13.528 -4.788  -10.270 1.00 26.47 ? 127 ASP A CB  1 
ATOM   1004 C CG  . ASP A 1 127 ? -14.376 -3.612  -10.696 1.00 33.21 ? 127 ASP A CG  1 
ATOM   1005 O OD1 . ASP A 1 127 ? -14.033 -2.946  -11.709 1.00 36.08 ? 127 ASP A OD1 1 
ATOM   1006 O OD2 . ASP A 1 127 ? -15.369 -3.331  -9.985  1.00 38.35 ? 127 ASP A OD2 1 
ATOM   1007 N N   . VAL A 1 128 ? -10.879 -5.653  -8.057  1.00 15.22 ? 128 VAL A N   1 
ATOM   1008 C CA  . VAL A 1 128 ? -10.586 -6.382  -6.830  1.00 12.83 ? 128 VAL A CA  1 
ATOM   1009 C C   . VAL A 1 128 ? -9.924  -5.464  -5.809  1.00 11.58 ? 128 VAL A C   1 
ATOM   1010 O O   . VAL A 1 128 ? -8.950  -4.774  -6.117  1.00 9.74  ? 128 VAL A O   1 
ATOM   1011 C CB  . VAL A 1 128 ? -9.692  -7.588  -7.122  1.00 12.79 ? 128 VAL A CB  1 
ATOM   1012 C CG1 . VAL A 1 128 ? -9.186  -8.215  -5.830  1.00 12.93 ? 128 VAL A CG1 1 
ATOM   1013 C CG2 . VAL A 1 128 ? -10.495 -8.604  -7.930  1.00 14.30 ? 128 VAL A CG2 1 
ATOM   1014 N N   . VAL A 1 129 ? -10.466 -5.465  -4.597  1.00 9.29  ? 129 VAL A N   1 
ATOM   1015 C CA  . VAL A 1 129 ? -9.953  -4.631  -3.520  1.00 7.95  ? 129 VAL A CA  1 
ATOM   1016 C C   . VAL A 1 129 ? -9.445  -5.442  -2.322  1.00 7.49  ? 129 VAL A C   1 
ATOM   1017 O O   . VAL A 1 129 ? -10.143 -6.321  -1.811  1.00 8.73  ? 129 VAL A O   1 
ATOM   1018 C CB  . VAL A 1 129 ? -11.056 -3.678  -3.014  1.00 9.43  ? 129 VAL A CB  1 
ATOM   1019 C CG1 . VAL A 1 129 ? -10.498 -2.723  -1.957  1.00 9.09  ? 129 VAL A CG1 1 
ATOM   1020 C CG2 . VAL A 1 129 ? -11.672 -2.911  -4.184  1.00 9.45  ? 129 VAL A CG2 1 
ATOM   1021 N N   . CYS A 1 130 ? -8.215  -5.153  -1.895  1.00 7.54  ? 130 CYS A N   1 
ATOM   1022 C CA  . CYS A 1 130 ? -7.608  -5.793  -0.730  1.00 6.47  ? 130 CYS A CA  1 
ATOM   1023 C C   . CYS A 1 130 ? -7.669  -4.793  0.437   1.00 6.61  ? 130 CYS A C   1 
ATOM   1024 O O   . CYS A 1 130 ? -7.245  -3.645  0.289   1.00 7.53  ? 130 CYS A O   1 
ATOM   1025 C CB  . CYS A 1 130 ? -6.154  -6.173  -1.029  1.00 6.05  ? 130 CYS A CB  1 
ATOM   1026 S SG  . CYS A 1 130 ? -5.187  -6.683  0.393   1.00 8.82  ? 130 CYS A SG  1 
ATOM   1027 N N   . THR A 1 131 ? -8.164  -5.240  1.587   1.00 6.58  ? 131 THR A N   1 
ATOM   1028 C CA  . THR A 1 131 ? -8.311  -4.387  2.777   1.00 5.93  ? 131 THR A CA  1 
ATOM   1029 C C   . THR A 1 131 ? -7.436  -4.893  3.909   1.00 6.18  ? 131 THR A C   1 
ATOM   1030 O O   . THR A 1 131 ? -7.534  -6.056  4.292   1.00 5.77  ? 131 THR A O   1 
ATOM   1031 C CB  . THR A 1 131 ? -9.792  -4.376  3.263   1.00 6.63  ? 131 THR A CB  1 
ATOM   1032 O OG1 . THR A 1 131 ? -10.637 -3.973  2.187   1.00 7.60  ? 131 THR A OG1 1 
ATOM   1033 C CG2 . THR A 1 131 ? -9.993  -3.398  4.413   1.00 7.76  ? 131 THR A CG2 1 
ATOM   1034 N N   . ARG A 1 132 ? -6.561  -4.032  4.432   1.00 6.29  ? 132 ARG A N   1 
ATOM   1035 C CA  . ARG A 1 132 ? -5.673  -4.404  5.534   1.00 7.67  ? 132 ARG A CA  1 
ATOM   1036 C C   . ARG A 1 132 ? -5.835  -3.344  6.625   1.00 7.19  ? 132 ARG A C   1 
ATOM   1037 O O   . ARG A 1 132 ? -5.882  -2.150  6.333   1.00 8.65  ? 132 ARG A O   1 
ATOM   1038 C CB  . ARG A 1 132 ? -4.212  -4.465  5.070   1.00 9.67  ? 132 ARG A CB  1 
ATOM   1039 C CG  . ARG A 1 132 ? -4.037  -5.034  3.682   1.00 15.02 ? 132 ARG A CG  1 
ATOM   1040 C CD  . ARG A 1 132 ? -3.322  -6.346  3.665   1.00 16.80 ? 132 ARG A CD  1 
ATOM   1041 N NE  . ARG A 1 132 ? -1.895  -6.226  3.945   1.00 12.48 ? 132 ARG A NE  1 
ATOM   1042 C CZ  . ARG A 1 132 ? -1.100  -7.271  4.169   1.00 12.93 ? 132 ARG A CZ  1 
ATOM   1043 N NH1 . ARG A 1 132 ? -1.577  -8.507  4.136   1.00 13.84 ? 132 ARG A NH1 1 
ATOM   1044 N NH2 . ARG A 1 132 ? 0.155   -7.086  4.535   1.00 11.57 ? 132 ARG A NH2 1 
ATOM   1045 N N   . VAL A 1 133 ? -5.921  -3.787  7.874   1.00 5.99  ? 133 VAL A N   1 
ATOM   1046 C CA  . VAL A 1 133 ? -6.124  -2.886  9.014   1.00 5.92  ? 133 VAL A CA  1 
ATOM   1047 C C   . VAL A 1 133 ? -4.959  -3.029  9.989   1.00 5.85  ? 133 VAL A C   1 
ATOM   1048 O O   . VAL A 1 133 ? -4.521  -4.139  10.291  1.00 5.50  ? 133 VAL A O   1 
ATOM   1049 C CB  . VAL A 1 133 ? -7.449  -3.218  9.746   1.00 6.37  ? 133 VAL A CB  1 
ATOM   1050 C CG1 . VAL A 1 133 ? -7.723  -2.206  10.848  1.00 7.95  ? 133 VAL A CG1 1 
ATOM   1051 C CG2 . VAL A 1 133 ? -8.614  -3.248  8.756   1.00 6.46  ? 133 VAL A CG2 1 
ATOM   1052 N N   . TYR A 1 134 ? -4.473  -1.905  10.507  1.00 5.35  ? 134 TYR A N   1 
ATOM   1053 C CA  . TYR A 1 134 ? -3.352  -1.928  11.430  1.00 4.57  ? 134 TYR A CA  1 
ATOM   1054 C C   . TYR A 1 134 ? -3.652  -1.098  12.657  1.00 5.30  ? 134 TYR A C   1 
ATOM   1055 O O   . TYR A 1 134 ? -4.519  -0.220  12.632  1.00 3.92  ? 134 TYR A O   1 
ATOM   1056 C CB  . TYR A 1 134 ? -2.097  -1.327  10.780  1.00 6.84  ? 134 TYR A CB  1 
ATOM   1057 C CG  . TYR A 1 134 ? -1.719  -1.870  9.431   1.00 8.89  ? 134 TYR A CG  1 
ATOM   1058 C CD1 . TYR A 1 134 ? -2.448  -1.512  8.307   1.00 10.29 ? 134 TYR A CD1 1 
ATOM   1059 C CD2 . TYR A 1 134 ? -0.628  -2.717  9.274   1.00 10.49 ? 134 TYR A CD2 1 
ATOM   1060 C CE1 . TYR A 1 134 ? -2.117  -1.971  7.073   1.00 13.03 ? 134 TYR A CE1 1 
ATOM   1061 C CE2 . TYR A 1 134 ? -0.281  -3.190  8.017   1.00 12.15 ? 134 TYR A CE2 1 
ATOM   1062 C CZ  . TYR A 1 134 ? -1.046  -2.804  6.931   1.00 12.80 ? 134 TYR A CZ  1 
ATOM   1063 O OH  . TYR A 1 134 ? -0.780  -3.244  5.669   1.00 18.07 ? 134 TYR A OH  1 
ATOM   1064 N N   . VAL A 1 135 ? -2.874  -1.352  13.700  1.00 6.63  ? 135 VAL A N   1 
ATOM   1065 C CA  . VAL A 1 135 ? -2.946  -0.614  14.955  1.00 8.42  ? 135 VAL A CA  1 
ATOM   1066 C C   . VAL A 1 135 ? -1.480  -0.388  15.357  1.00 9.05  ? 135 VAL A C   1 
ATOM   1067 O O   . VAL A 1 135 ? -0.595  -1.149  14.962  1.00 9.02  ? 135 VAL A O   1 
ATOM   1068 C CB  . VAL A 1 135 ? -3.729  -1.405  16.052  1.00 8.05  ? 135 VAL A CB  1 
ATOM   1069 C CG1 . VAL A 1 135 ? -2.951  -2.629  16.516  1.00 9.27  ? 135 VAL A CG1 1 
ATOM   1070 C CG2 . VAL A 1 135 ? -4.082  -0.488  17.229  1.00 10.37 ? 135 VAL A CG2 1 
ATOM   1071 N N   . ARG A 1 136 ? -1.192  0.684   16.084  1.00 9.57  ? 136 ARG A N   1 
ATOM   1072 C CA  . ARG A 1 136 ? 0.188   0.913   16.476  1.00 10.86 ? 136 ARG A CA  1 
ATOM   1073 C C   . ARG A 1 136 ? 0.640   -0.160  17.452  1.00 11.68 ? 136 ARG A C   1 
ATOM   1074 O O   . ARG A 1 136 ? -0.147  -0.638  18.264  1.00 11.35 ? 136 ARG A O   1 
ATOM   1075 C CB  . ARG A 1 136 ? 0.365   2.299   17.080  1.00 11.99 ? 136 ARG A CB  1 
ATOM   1076 C CG  . ARG A 1 136 ? 0.351   3.417   16.048  1.00 13.89 ? 136 ARG A CG  1 
ATOM   1077 C CD  . ARG A 1 136 ? 0.675   4.734   16.710  1.00 15.85 ? 136 ARG A CD  1 
ATOM   1078 N NE  . ARG A 1 136 ? 0.423   5.840   15.815  1.00 17.08 ? 136 ARG A NE  1 
ATOM   1079 C CZ  . ARG A 1 136 ? -0.765  6.418   15.658  1.00 21.69 ? 136 ARG A CZ  1 
ATOM   1080 N NH1 . ARG A 1 136 ? -1.816  5.982   16.345  1.00 23.26 ? 136 ARG A NH1 1 
ATOM   1081 N NH2 . ARG A 1 136 ? -0.899  7.443   14.819  1.00 22.60 ? 136 ARG A NH2 1 
ATOM   1082 N N   . GLU A 1 137 ? 1.917   -0.523  17.366  1.00 15.12 ? 137 GLU A N   1 
ATOM   1083 C CA  . GLU A 1 137 ? 2.516   -1.546  18.220  1.00 18.00 ? 137 GLU A CA  1 
ATOM   1084 C C   . GLU A 1 137 ? 2.469   -1.180  19.690  1.00 18.96 ? 137 GLU A C   1 
ATOM   1085 O O   . GLU A 1 137 ? 2.758   -0.011  19.978  1.00 17.37 ? 137 GLU A O   1 
ATOM   1086 C CB  . GLU A 1 137 ? 3.972   -1.750  17.847  1.00 19.89 ? 137 GLU A CB  1 
ATOM   1087 C CG  . GLU A 1 137 ? 4.199   -2.493  16.581  1.00 28.03 ? 137 GLU A CG  1 
ATOM   1088 C CD  . GLU A 1 137 ? 5.644   -2.948  16.474  1.00 33.22 ? 137 GLU A CD  1 
ATOM   1089 O OE1 . GLU A 1 137 ? 5.994   -3.949  17.141  1.00 37.31 ? 137 GLU A OE1 1 
ATOM   1090 O OE2 . GLU A 1 137 ? 6.440   -2.289  15.770  1.00 36.38 ? 137 GLU A OE2 1 
ATOM   1091 O OXT . GLU A 1 137 ? 2.227   -2.080  20.533  1.00 22.23 ? 137 GLU A OXT 1 
HETATM 1092 C C1  . REA B 2 .   ? 7.442   -11.696 -4.221  1.00 15.25 ? 200 REA A C1  1 
HETATM 1093 C C2  . REA B 2 .   ? 7.806   -11.879 -5.713  1.00 15.61 ? 200 REA A C2  1 
HETATM 1094 C C3  . REA B 2 .   ? 6.666   -12.245 -6.607  1.00 16.19 ? 200 REA A C3  1 
HETATM 1095 C C4  . REA B 2 .   ? 5.559   -11.247 -6.564  1.00 14.59 ? 200 REA A C4  1 
HETATM 1096 C C5  . REA B 2 .   ? 5.226   -10.778 -5.144  1.00 14.10 ? 200 REA A C5  1 
HETATM 1097 C C6  . REA B 2 .   ? 6.103   -10.896 -4.100  1.00 14.42 ? 200 REA A C6  1 
HETATM 1098 C C7  . REA B 2 .   ? 5.834   -10.438 -2.720  1.00 13.89 ? 200 REA A C7  1 
HETATM 1099 C C8  . REA B 2 .   ? 5.101   -9.393  -2.317  1.00 11.86 ? 200 REA A C8  1 
HETATM 1100 C C9  . REA B 2 .   ? 4.880   -8.977  -0.951  1.00 10.87 ? 200 REA A C9  1 
HETATM 1101 C C10 . REA B 2 .   ? 4.081   -7.912  -0.735  1.00 9.19  ? 200 REA A C10 1 
HETATM 1102 C C11 . REA B 2 .   ? 3.786   -7.375  0.580   1.00 10.35 ? 200 REA A C11 1 
HETATM 1103 C C12 . REA B 2 .   ? 2.958   -6.330  0.673   1.00 10.53 ? 200 REA A C12 1 
HETATM 1104 C C13 . REA B 2 .   ? 2.619   -5.710  1.934   1.00 10.91 ? 200 REA A C13 1 
HETATM 1105 C C14 . REA B 2 .   ? 1.765   -4.656  1.936   1.00 11.88 ? 200 REA A C14 1 
HETATM 1106 C C15 . REA B 2 .   ? 1.297   -3.880  3.094   1.00 14.86 ? 200 REA A C15 1 
HETATM 1107 C C16 . REA B 2 .   ? 8.580   -10.921 -3.544  1.00 15.47 ? 200 REA A C16 1 
HETATM 1108 C C17 . REA B 2 .   ? 7.280   -13.082 -3.539  1.00 13.42 ? 200 REA A C17 1 
HETATM 1109 C C18 . REA B 2 .   ? 3.880   -10.047 -5.133  1.00 12.61 ? 200 REA A C18 1 
HETATM 1110 C C19 . REA B 2 .   ? 5.502   -9.766  0.209   1.00 10.08 ? 200 REA A C19 1 
HETATM 1111 C C20 . REA B 2 .   ? 3.249   -6.263  3.223   1.00 10.10 ? 200 REA A C20 1 
HETATM 1112 O O1  . REA B 2 .   ? 0.824   -4.482  4.083   1.00 13.29 ? 200 REA A O1  1 
HETATM 1113 O O2  . REA B 2 .   ? 1.381   -2.632  3.065   1.00 10.99 ? 200 REA A O2  1 
HETATM 1114 O O   . HOH C 3 .   ? 0.072   0.908   5.762   1.00 17.43 ? 300 HOH A O   1 
HETATM 1115 O O   . HOH C 3 .   ? 6.236   13.365  -4.079  1.00 12.66 ? 301 HOH A O   1 
HETATM 1116 O O   . HOH C 3 .   ? 7.130   -5.273  1.492   1.00 18.86 ? 302 HOH A O   1 
HETATM 1117 O O   . HOH C 3 .   ? 7.405   -11.525 6.675   1.00 14.12 ? 303 HOH A O   1 
HETATM 1118 O O   . HOH C 3 .   ? 4.086   3.745   17.091  1.00 16.48 ? 304 HOH A O   1 
HETATM 1119 O O   . HOH C 3 .   ? 2.399   -6.939  11.781  1.00 16.65 ? 305 HOH A O   1 
HETATM 1120 O O   . HOH C 3 .   ? 6.397   1.075   1.862   1.00 9.81  ? 306 HOH A O   1 
HETATM 1121 O O   . HOH C 3 .   ? 5.167   -4.788  -2.482  1.00 22.33 ? 307 HOH A O   1 
HETATM 1122 O O   . HOH C 3 .   ? 1.435   1.615   -0.727  1.00 35.46 ? 308 HOH A O   1 
HETATM 1123 O O   . HOH C 3 .   ? 2.087   -0.431  4.474   1.00 13.95 ? 309 HOH A O   1 
HETATM 1124 O O   . HOH C 3 .   ? -0.188  -1.782  -6.734  1.00 20.07 ? 310 HOH A O   1 
HETATM 1125 O O   . HOH C 3 .   ? 1.053   -19.234 1.870   1.00 24.70 ? 311 HOH A O   1 
HETATM 1126 O O   . HOH C 3 .   ? 2.194   12.553  -4.284  1.00 8.82  ? 312 HOH A O   1 
HETATM 1127 O O   . HOH C 3 .   ? -1.003  0.389   -12.885 1.00 29.74 ? 313 HOH A O   1 
HETATM 1128 O O   . HOH C 3 .   ? 4.217   1.129   0.375   1.00 23.69 ? 314 HOH A O   1 
HETATM 1129 O O   . HOH C 3 .   ? 0.779   -1.439  22.875  1.00 19.84 ? 315 HOH A O   1 
HETATM 1130 O O   . HOH C 3 .   ? -11.012 -3.110  13.395  1.00 14.94 ? 316 HOH A O   1 
HETATM 1131 O O   . HOH C 3 .   ? -7.238  1.284   -3.334  1.00 18.03 ? 317 HOH A O   1 
HETATM 1132 O O   . HOH C 3 .   ? -10.269 17.091  -0.455  1.00 13.98 ? 318 HOH A O   1 
HETATM 1133 O O   . HOH C 3 .   ? -12.519 -11.765 -4.097  1.00 27.20 ? 319 HOH A O   1 
HETATM 1134 O O   . HOH C 3 .   ? -10.509 -12.441 2.543   1.00 18.41 ? 320 HOH A O   1 
HETATM 1135 O O   . HOH C 3 .   ? 12.486  -12.680 -1.751  1.00 9.65  ? 321 HOH A O   1 
HETATM 1136 O O   . HOH C 3 .   ? -11.346 -13.175 -0.017  1.00 11.13 ? 322 HOH A O   1 
HETATM 1137 O O   . HOH C 3 .   ? -7.982  3.322   3.102   1.00 11.53 ? 323 HOH A O   1 
HETATM 1138 O O   . HOH C 3 .   ? -4.551  6.967   18.197  1.00 23.33 ? 324 HOH A O   1 
HETATM 1139 O O   . HOH C 3 .   ? -7.365  -11.433 8.803   1.00 25.05 ? 325 HOH A O   1 
HETATM 1140 O O   . HOH C 3 .   ? -5.678  -11.356 2.867   1.00 10.80 ? 326 HOH A O   1 
HETATM 1141 O O   . HOH C 3 .   ? -2.851  0.439   -15.447 1.00 45.94 ? 327 HOH A O   1 
HETATM 1142 O O   . HOH C 3 .   ? -0.799  -2.533  -13.492 1.00 30.16 ? 328 HOH A O   1 
HETATM 1143 O O   . HOH C 3 .   ? 5.452   -8.169  -12.178 1.00 39.93 ? 329 HOH A O   1 
HETATM 1144 O O   . HOH C 3 .   ? -6.125  -9.764  -14.655 1.00 33.65 ? 330 HOH A O   1 
HETATM 1145 O O   . HOH C 3 .   ? -8.174  3.771   -4.701  1.00 32.55 ? 331 HOH A O   1 
HETATM 1146 O O   . HOH C 3 .   ? -5.337  10.785  -6.882  1.00 35.78 ? 332 HOH A O   1 
HETATM 1147 O O   . HOH C 3 .   ? 3.903   16.758  -9.782  1.00 29.00 ? 333 HOH A O   1 
HETATM 1148 O O   . HOH C 3 .   ? 7.639   16.045  -8.170  1.00 40.14 ? 334 HOH A O   1 
HETATM 1149 O O   . HOH C 3 .   ? 8.191   15.343  -4.499  1.00 32.17 ? 335 HOH A O   1 
HETATM 1150 O O   . HOH C 3 .   ? 9.449   5.907   -3.860  1.00 41.11 ? 336 HOH A O   1 
HETATM 1151 O O   . HOH C 3 .   ? 8.727   1.126   -4.046  1.00 23.78 ? 337 HOH A O   1 
HETATM 1152 O O   . HOH C 3 .   ? 12.032  0.624   -2.092  1.00 20.84 ? 338 HOH A O   1 
HETATM 1153 O O   . HOH C 3 .   ? 7.962   -1.016  12.493  1.00 29.05 ? 339 HOH A O   1 
HETATM 1154 O O   . HOH C 3 .   ? 5.794   -2.337  12.995  1.00 24.17 ? 340 HOH A O   1 
HETATM 1155 O O   . HOH C 3 .   ? 8.847   -8.888  8.869   1.00 42.66 ? 341 HOH A O   1 
HETATM 1156 O O   . HOH C 3 .   ? 7.156   -16.613 2.625   1.00 21.90 ? 342 HOH A O   1 
HETATM 1157 O O   . HOH C 3 .   ? 2.861   -1.594  0.688   1.00 21.12 ? 343 HOH A O   1 
HETATM 1158 O O   . HOH C 3 .   ? 3.259   -2.620  -2.134  1.00 48.11 ? 344 HOH A O   1 
HETATM 1159 O O   . HOH C 3 .   ? 2.390   0.241   -4.514  1.00 21.09 ? 345 HOH A O   1 
HETATM 1160 O O   . HOH C 3 .   ? 6.207   0.750   -3.570  1.00 27.16 ? 346 HOH A O   1 
HETATM 1161 O O   . HOH C 3 .   ? 2.860   20.879  -3.277  1.00 30.15 ? 347 HOH A O   1 
HETATM 1162 O O   . HOH C 3 .   ? -10.082 9.822   12.328  1.00 49.06 ? 348 HOH A O   1 
HETATM 1163 O O   . HOH C 3 .   ? -14.820 4.637   14.692  1.00 48.98 ? 349 HOH A O   1 
HETATM 1164 O O   . HOH C 3 .   ? -13.612 -6.184  13.138  1.00 23.60 ? 350 HOH A O   1 
HETATM 1165 O O   . HOH C 3 .   ? -12.651 15.639  9.120   1.00 22.90 ? 351 HOH A O   1 
HETATM 1166 O O   . HOH C 3 .   ? -14.427 12.784  0.718   1.00 35.92 ? 352 HOH A O   1 
HETATM 1167 O O   . HOH C 3 .   ? 9.727   11.813  2.749   1.00 28.73 ? 353 HOH A O   1 
HETATM 1168 O O   . HOH C 3 .   ? 2.931   16.308  10.880  1.00 37.63 ? 354 HOH A O   1 
HETATM 1169 O O   . HOH C 3 .   ? 11.723  7.320   -2.245  1.00 47.79 ? 355 HOH A O   1 
HETATM 1170 O O   . HOH C 3 .   ? -0.406  -13.424 -15.791 1.00 39.45 ? 356 HOH A O   1 
HETATM 1171 O O   . HOH C 3 .   ? -6.077  -13.737 0.521   1.00 27.39 ? 357 HOH A O   1 
HETATM 1172 O O   . HOH C 3 .   ? -3.500  -12.904 3.220   1.00 45.12 ? 358 HOH A O   1 
HETATM 1173 O O   . HOH C 3 .   ? -1.035  -11.957 4.043   1.00 24.45 ? 359 HOH A O   1 
HETATM 1174 O O   . HOH C 3 .   ? -14.019 -2.243  -6.931  1.00 24.31 ? 360 HOH A O   1 
HETATM 1175 O O   . HOH C 3 .   ? 5.456   -1.851  -4.001  1.00 25.40 ? 361 HOH A O   1 
HETATM 1176 O O   . HOH C 3 .   ? 3.345   -21.566 -10.373 1.00 25.37 ? 362 HOH A O   1 
HETATM 1177 O O   . HOH C 3 .   ? -13.348 10.396  2.083   1.00 29.92 ? 363 HOH A O   1 
HETATM 1178 O O   . HOH C 3 .   ? -14.852 11.057  4.957   1.00 45.75 ? 364 HOH A O   1 
HETATM 1179 O O   . HOH C 3 .   ? -7.774  9.034   14.508  1.00 30.10 ? 365 HOH A O   1 
HETATM 1180 O O   . HOH C 3 .   ? -4.952  12.315  13.785  1.00 27.97 ? 366 HOH A O   1 
HETATM 1181 O O   . HOH C 3 .   ? -5.311  16.326  5.298   1.00 23.28 ? 367 HOH A O   1 
HETATM 1182 O O   . HOH C 3 .   ? -2.880  -12.475 6.386   1.00 38.32 ? 368 HOH A O   1 
HETATM 1183 O O   . HOH C 3 .   ? -2.302  -11.277 9.004   1.00 37.85 ? 369 HOH A O   1 
HETATM 1184 O O   . HOH C 3 .   ? -9.813  -10.603 11.865  1.00 46.07 ? 370 HOH A O   1 
HETATM 1185 O O   . HOH C 3 .   ? -11.725 -18.392 -0.995  1.00 44.12 ? 371 HOH A O   1 
HETATM 1186 O O   . HOH C 3 .   ? -7.954  -13.495 2.832   1.00 45.21 ? 372 HOH A O   1 
HETATM 1187 O O   . HOH C 3 .   ? -5.104  -16.571 0.840   1.00 39.52 ? 373 HOH A O   1 
HETATM 1188 O O   . HOH C 3 .   ? 7.633   -19.193 -11.243 1.00 36.38 ? 374 HOH A O   1 
HETATM 1189 O O   . HOH C 3 .   ? 4.081   -14.745 -11.775 1.00 23.81 ? 375 HOH A O   1 
HETATM 1190 O O   . HOH C 3 .   ? 8.177   -13.329 -12.109 1.00 20.11 ? 376 HOH A O   1 
HETATM 1191 O O   . HOH C 3 .   ? 6.380   -0.283  -15.672 1.00 29.02 ? 377 HOH A O   1 
HETATM 1192 O O   . HOH C 3 .   ? -8.715  -8.230  -14.322 1.00 50.91 ? 378 HOH A O   1 
HETATM 1193 O O   . HOH C 3 .   ? -9.000  0.117   -10.077 1.00 54.21 ? 379 HOH A O   1 
HETATM 1194 O O   . HOH C 3 .   ? -11.410 0.578   -5.145  1.00 43.23 ? 380 HOH A O   1 
HETATM 1195 O O   . HOH C 3 .   ? -7.467  5.407   -9.937  1.00 50.19 ? 381 HOH A O   1 
HETATM 1196 O O   . HOH C 3 .   ? 1.805   19.693  -0.795  1.00 46.64 ? 382 HOH A O   1 
HETATM 1197 O O   . HOH C 3 .   ? 0.682   -9.275  13.711  1.00 41.41 ? 383 HOH A O   1 
HETATM 1198 O O   . HOH C 3 .   ? 8.787   12.554  6.399   1.00 29.32 ? 384 HOH A O   1 
HETATM 1199 O O   . HOH C 3 .   ? 7.636   6.904   13.236  1.00 32.12 ? 385 HOH A O   1 
HETATM 1200 O O   . HOH C 3 .   ? -10.307 -3.569  16.316  1.00 28.93 ? 386 HOH A O   1 
HETATM 1201 O O   . HOH C 3 .   ? -3.748  -17.808 -11.229 1.00 29.90 ? 387 HOH A O   1 
HETATM 1202 O O   . HOH C 3 .   ? 2.680   -15.057 -14.197 1.00 30.91 ? 388 HOH A O   1 
HETATM 1203 O O   . HOH C 3 .   ? -1.178  2.552   -16.545 1.00 35.98 ? 389 HOH A O   1 
HETATM 1204 O O   . HOH C 3 .   ? -0.021  9.305   -11.435 1.00 31.31 ? 390 HOH A O   1 
HETATM 1205 O O   . HOH C 3 .   ? -2.649  -2.119  -5.933  1.00 26.56 ? 391 HOH A O   1 
HETATM 1206 O O   . HOH C 3 .   ? 9.427   -1.652  8.525   1.00 31.48 ? 392 HOH A O   1 
HETATM 1207 O O   . HOH C 3 .   ? 5.347   -3.158  0.294   1.00 24.39 ? 393 HOH A O   1 
HETATM 1208 O O   . HOH C 3 .   ? 7.111   -16.290 5.367   1.00 41.66 ? 394 HOH A O   1 
HETATM 1209 O O   . HOH C 3 .   ? -3.082  9.323   15.295  1.00 35.59 ? 395 HOH A O   1 
HETATM 1210 O O   . HOH C 3 .   ? -5.570  18.534  6.837   1.00 38.30 ? 396 HOH A O   1 
HETATM 1211 O O   . HOH C 3 .   ? 7.684   21.806  -5.336  1.00 33.97 ? 397 HOH A O   1 
HETATM 1212 O O   . HOH C 3 .   ? 6.553   1.713   18.915  1.00 39.26 ? 398 HOH A O   1 
HETATM 1213 O O   . HOH C 3 .   ? 3.624   2.184   19.167  1.00 33.87 ? 399 HOH A O   1 
# 
